data_3KXY
#
_entry.id   3KXY
#
_cell.length_a   96.313
_cell.length_b   124.973
_cell.length_c   228.126
_cell.angle_alpha   90.00
_cell.angle_beta   90.00
_cell.angle_gamma   90.00
#
_symmetry.space_group_name_H-M   'P 21 21 21'
#
loop_
_entity.id
_entity.type
_entity.pdbx_description
1 polymer 'Exoenzyme S synthesis protein C'
2 polymer ExsE
3 water water
#
loop_
_entity_poly.entity_id
_entity_poly.type
_entity_poly.pdbx_seq_one_letter_code
_entity_poly.pdbx_strand_id
1 'polypeptide(L)'
;MDLTSKVNRLLAEFAGRIGLPSLSLDEEGMASLLFDEQVGVTLLLLAERERLLLEADVVGIDVLGEGIFRQLASFNRHWH
RFDLHFGFDELTGKVQLYAQILAAQLTLECFEATLANLLDHAEFWQRLLPCAS
;
A,B,C,D,E,F,G,H,I,J,K,L
2 'polypeptide(L)' GTEAVGHFEGRSVTRAAVRGEDRSSVAGLARWLARNVAGDPRSEQALQRLADGDGTPLEARTVRRR T,U,V,W,X,Y
#
# COMPACT_ATOMS: atom_id res chain seq x y z
N MET A 1 -34.01 -4.00 -13.34
CA MET A 1 -32.63 -4.30 -13.04
C MET A 1 -32.40 -5.81 -12.97
N ASP A 2 -32.10 -6.40 -14.12
CA ASP A 2 -31.84 -7.83 -14.20
C ASP A 2 -30.37 -8.15 -13.95
N LEU A 3 -30.03 -9.44 -14.01
CA LEU A 3 -28.67 -9.89 -13.74
C LEU A 3 -27.68 -9.34 -14.76
N THR A 4 -28.12 -9.23 -16.01
CA THR A 4 -27.27 -8.74 -17.09
C THR A 4 -26.83 -7.30 -16.85
N SER A 5 -27.78 -6.44 -16.50
CA SER A 5 -27.48 -5.05 -16.22
C SER A 5 -26.58 -4.92 -15.00
N LYS A 6 -26.77 -5.80 -14.03
CA LYS A 6 -25.94 -5.80 -12.84
C LYS A 6 -24.49 -6.11 -13.17
N VAL A 7 -24.29 -7.15 -13.97
CA VAL A 7 -22.93 -7.53 -14.39
C VAL A 7 -22.29 -6.43 -15.23
N ASN A 8 -23.12 -5.74 -16.02
CA ASN A 8 -22.63 -4.61 -16.82
C ASN A 8 -22.23 -3.44 -15.95
N ARG A 9 -23.01 -3.19 -14.89
CA ARG A 9 -22.68 -2.19 -13.89
C ARG A 9 -21.37 -2.58 -13.22
N LEU A 10 -21.19 -3.88 -13.00
CA LEU A 10 -20.00 -4.40 -12.37
C LEU A 10 -18.77 -4.17 -13.25
N LEU A 11 -18.87 -4.60 -14.50
CA LEU A 11 -17.75 -4.50 -15.44
C LEU A 11 -17.42 -3.05 -15.79
N ALA A 12 -18.39 -2.16 -15.59
CA ALA A 12 -18.19 -0.74 -15.86
C ALA A 12 -17.27 -0.13 -14.81
N GLU A 13 -17.44 -0.54 -13.57
CA GLU A 13 -16.61 -0.06 -12.47
C GLU A 13 -15.23 -0.69 -12.56
N PHE A 14 -15.19 -1.96 -12.95
CA PHE A 14 -13.93 -2.67 -13.14
C PHE A 14 -13.11 -1.98 -14.24
N ALA A 15 -13.77 -1.66 -15.35
CA ALA A 15 -13.10 -0.96 -16.45
C ALA A 15 -12.50 0.36 -15.98
N GLY A 16 -13.27 1.13 -15.25
CA GLY A 16 -12.81 2.40 -14.73
C GLY A 16 -11.57 2.25 -13.87
N ARG A 17 -11.54 1.19 -13.06
CA ARG A 17 -10.43 0.96 -12.14
C ARG A 17 -9.16 0.50 -12.84
N ILE A 18 -9.31 -0.17 -13.98
CA ILE A 18 -8.14 -0.68 -14.71
C ILE A 18 -7.69 0.25 -15.84
N GLY A 19 -8.47 1.30 -16.10
CA GLY A 19 -8.08 2.29 -17.07
C GLY A 19 -8.61 2.09 -18.48
N LEU A 20 -9.71 1.37 -18.60
CA LEU A 20 -10.37 1.19 -19.89
C LEU A 20 -11.59 2.09 -20.00
N PRO A 21 -11.89 2.56 -21.22
CA PRO A 21 -13.03 3.44 -21.48
C PRO A 21 -14.35 2.85 -21.01
N SER A 22 -14.58 1.58 -21.34
CA SER A 22 -15.82 0.91 -20.96
C SER A 22 -15.71 -0.61 -21.08
N LEU A 23 -16.67 -1.31 -20.50
CA LEU A 23 -16.72 -2.76 -20.57
C LEU A 23 -18.17 -3.23 -20.46
N SER A 24 -18.61 -4.04 -21.42
CA SER A 24 -19.99 -4.50 -21.46
C SER A 24 -20.10 -5.87 -22.13
N LEU A 25 -21.21 -6.55 -21.87
CA LEU A 25 -21.44 -7.87 -22.45
C LEU A 25 -22.07 -7.73 -23.83
N ASP A 26 -21.87 -8.75 -24.66
CA ASP A 26 -22.47 -8.77 -25.99
C ASP A 26 -23.96 -9.03 -25.87
N GLU A 27 -24.64 -9.04 -27.02
CA GLU A 27 -26.03 -9.45 -27.06
C GLU A 27 -26.11 -10.94 -26.77
N GLU A 28 -24.94 -11.58 -26.79
CA GLU A 28 -24.80 -12.98 -26.41
C GLU A 28 -24.27 -13.08 -24.99
N GLY A 29 -24.08 -11.93 -24.35
CA GLY A 29 -23.63 -11.87 -22.98
C GLY A 29 -22.16 -12.23 -22.80
N MET A 30 -21.32 -11.79 -23.74
CA MET A 30 -19.91 -12.13 -23.70
C MET A 30 -18.99 -10.92 -23.81
N ALA A 31 -17.74 -11.09 -23.39
CA ALA A 31 -16.74 -10.03 -23.48
C ALA A 31 -15.34 -10.63 -23.38
N SER A 32 -14.43 -10.16 -24.21
CA SER A 32 -13.07 -10.69 -24.21
C SER A 32 -12.03 -9.62 -23.90
N LEU A 33 -11.02 -10.02 -23.13
CA LEU A 33 -9.90 -9.15 -22.80
C LEU A 33 -8.60 -9.86 -23.17
N LEU A 34 -7.51 -9.10 -23.23
CA LEU A 34 -6.21 -9.66 -23.55
C LEU A 34 -5.13 -9.06 -22.67
N PHE A 35 -4.48 -9.91 -21.89
CA PHE A 35 -3.48 -9.47 -20.92
C PHE A 35 -2.05 -9.66 -21.40
N ASP A 36 -1.23 -8.63 -21.26
CA ASP A 36 0.18 -8.70 -21.63
C ASP A 36 0.39 -9.09 -23.09
N GLU A 37 -0.67 -8.99 -23.89
CA GLU A 37 -0.60 -9.30 -25.32
C GLU A 37 -0.40 -10.79 -25.59
N GLN A 38 -0.71 -11.63 -24.61
CA GLN A 38 -0.49 -13.07 -24.74
C GLN A 38 -1.63 -13.90 -24.17
N VAL A 39 -2.13 -13.52 -23.01
CA VAL A 39 -3.17 -14.28 -22.33
C VAL A 39 -4.55 -13.70 -22.57
N GLY A 40 -5.37 -14.41 -23.33
CA GLY A 40 -6.73 -13.99 -23.61
C GLY A 40 -7.73 -14.54 -22.60
N VAL A 41 -8.71 -13.73 -22.26
CA VAL A 41 -9.73 -14.14 -21.30
C VAL A 41 -11.12 -13.74 -21.79
N THR A 42 -12.06 -14.67 -21.70
CA THR A 42 -13.44 -14.43 -22.15
C THR A 42 -14.43 -14.55 -20.99
N LEU A 43 -15.38 -13.62 -20.95
CA LEU A 43 -16.41 -13.64 -19.92
C LEU A 43 -17.74 -14.10 -20.51
N LEU A 44 -18.30 -15.18 -19.98
CA LEU A 44 -19.58 -15.68 -20.45
C LEU A 44 -20.65 -15.56 -19.37
N LEU A 45 -21.63 -14.70 -19.60
CA LEU A 45 -22.75 -14.58 -18.67
C LEU A 45 -23.90 -15.53 -19.04
N LEU A 46 -24.21 -16.44 -18.13
CA LEU A 46 -25.37 -17.31 -18.28
C LEU A 46 -26.51 -16.79 -17.41
N ALA A 47 -27.27 -15.83 -17.95
CA ALA A 47 -28.33 -15.17 -17.20
C ALA A 47 -29.31 -16.13 -16.52
N GLU A 48 -29.81 -17.10 -17.28
CA GLU A 48 -30.76 -18.06 -16.75
C GLU A 48 -30.13 -18.95 -15.68
N ARG A 49 -28.92 -19.43 -15.95
CA ARG A 49 -28.20 -20.27 -15.01
C ARG A 49 -27.61 -19.44 -13.87
N GLU A 50 -27.68 -18.12 -14.00
CA GLU A 50 -27.17 -17.21 -12.99
C GLU A 50 -25.71 -17.48 -12.63
N ARG A 51 -24.89 -17.70 -13.65
CA ARG A 51 -23.47 -17.95 -13.45
C ARG A 51 -22.60 -17.19 -14.46
N LEU A 52 -21.49 -16.64 -13.99
CA LEU A 52 -20.54 -15.98 -14.86
C LEU A 52 -19.33 -16.89 -15.08
N LEU A 53 -19.02 -17.18 -16.35
CA LEU A 53 -17.93 -18.07 -16.68
C LEU A 53 -16.67 -17.30 -17.07
N LEU A 54 -15.51 -17.84 -16.71
CA LEU A 54 -14.24 -17.22 -17.04
C LEU A 54 -13.33 -18.22 -17.74
N GLU A 55 -12.99 -17.94 -18.99
CA GLU A 55 -12.12 -18.81 -19.76
C GLU A 55 -10.83 -18.11 -20.12
N ALA A 56 -9.70 -18.76 -19.84
CA ALA A 56 -8.39 -18.15 -20.08
C ALA A 56 -7.49 -19.08 -20.87
N ASP A 57 -6.92 -18.56 -21.95
CA ASP A 57 -5.98 -19.34 -22.74
C ASP A 57 -4.70 -19.56 -21.94
N VAL A 58 -4.20 -20.79 -21.95
CA VAL A 58 -3.01 -21.14 -21.18
C VAL A 58 -1.77 -21.28 -22.07
N VAL A 59 -1.81 -22.23 -22.99
CA VAL A 59 -0.66 -22.54 -23.82
C VAL A 59 -1.05 -23.30 -25.08
N GLY A 60 -0.31 -23.08 -26.17
CA GLY A 60 -0.61 -23.72 -27.44
C GLY A 60 -0.09 -25.14 -27.52
N ILE A 61 -0.84 -25.99 -28.23
CA ILE A 61 -0.51 -27.40 -28.32
C ILE A 61 0.76 -27.64 -29.15
N ASP A 62 1.19 -26.63 -29.87
CA ASP A 62 2.38 -26.74 -30.72
C ASP A 62 3.66 -26.85 -29.90
N VAL A 63 3.60 -26.47 -28.62
CA VAL A 63 4.76 -26.56 -27.75
C VAL A 63 4.57 -27.61 -26.65
N LEU A 64 3.47 -28.35 -26.73
CA LEU A 64 3.16 -29.40 -25.76
C LEU A 64 3.78 -30.72 -26.17
N GLY A 65 3.97 -31.61 -25.21
CA GLY A 65 4.60 -32.89 -25.47
C GLY A 65 3.63 -34.04 -25.52
N GLU A 66 4.16 -35.26 -25.48
CA GLU A 66 3.36 -36.47 -25.57
C GLU A 66 2.52 -36.66 -24.31
N GLY A 67 1.23 -36.96 -24.51
CA GLY A 67 0.33 -37.28 -23.41
C GLY A 67 0.26 -36.22 -22.32
N ILE A 68 0.04 -34.96 -22.73
CA ILE A 68 -0.16 -33.89 -21.77
C ILE A 68 -1.63 -33.79 -21.40
N PHE A 69 -2.50 -34.17 -22.33
CA PHE A 69 -3.93 -34.12 -22.10
C PHE A 69 -4.40 -35.20 -21.13
N ARG A 70 -3.58 -36.24 -20.97
CA ARG A 70 -3.88 -37.31 -20.03
C ARG A 70 -3.63 -36.83 -18.60
N GLN A 71 -2.60 -36.01 -18.43
CA GLN A 71 -2.28 -35.45 -17.13
C GLN A 71 -3.31 -34.39 -16.73
N LEU A 72 -3.74 -33.60 -17.71
CA LEU A 72 -4.78 -32.60 -17.49
C LEU A 72 -6.09 -33.27 -17.10
N ALA A 73 -6.32 -34.48 -17.60
CA ALA A 73 -7.53 -35.23 -17.28
C ALA A 73 -7.50 -35.71 -15.84
N SER A 74 -6.30 -36.04 -15.36
CA SER A 74 -6.12 -36.43 -13.96
C SER A 74 -6.36 -35.23 -13.05
N PHE A 75 -5.87 -34.07 -13.47
CA PHE A 75 -6.07 -32.83 -12.71
C PHE A 75 -7.55 -32.49 -12.61
N ASN A 76 -8.28 -32.60 -13.72
CA ASN A 76 -9.71 -32.30 -13.74
C ASN A 76 -10.50 -33.08 -12.71
N ARG A 77 -10.08 -34.32 -12.46
CA ARG A 77 -10.73 -35.17 -11.45
C ARG A 77 -10.62 -34.54 -10.07
N HIS A 78 -9.53 -33.82 -9.83
CA HIS A 78 -9.27 -33.17 -8.55
C HIS A 78 -9.36 -31.66 -8.65
N TRP A 79 -10.06 -31.19 -9.69
CA TRP A 79 -10.17 -29.76 -9.96
C TRP A 79 -10.65 -28.97 -8.74
N HIS A 80 -11.43 -29.64 -7.90
CA HIS A 80 -12.06 -28.99 -6.75
C HIS A 80 -11.03 -28.38 -5.79
N ARG A 81 -9.80 -28.89 -5.83
CA ARG A 81 -8.74 -28.35 -4.98
C ARG A 81 -8.43 -26.89 -5.31
N PHE A 82 -8.61 -26.51 -6.57
CA PHE A 82 -8.27 -25.16 -7.00
C PHE A 82 -9.46 -24.38 -7.55
N ASP A 83 -10.57 -25.08 -7.77
CA ASP A 83 -11.75 -24.47 -8.39
C ASP A 83 -11.43 -24.00 -9.80
N LEU A 84 -10.60 -24.79 -10.48
CA LEU A 84 -10.23 -24.53 -11.87
C LEU A 84 -10.08 -25.86 -12.60
N HIS A 85 -10.58 -25.95 -13.83
CA HIS A 85 -10.40 -27.17 -14.62
C HIS A 85 -10.02 -26.85 -16.06
N PHE A 86 -9.37 -27.80 -16.71
CA PHE A 86 -8.80 -27.59 -18.04
C PHE A 86 -9.75 -27.93 -19.19
N GLY A 87 -9.61 -27.19 -20.29
CA GLY A 87 -10.34 -27.44 -21.51
C GLY A 87 -9.42 -27.28 -22.72
N PHE A 88 -10.00 -27.27 -23.91
CA PHE A 88 -9.20 -27.14 -25.13
C PHE A 88 -10.00 -26.56 -26.28
N ASP A 89 -9.35 -25.73 -27.09
CA ASP A 89 -10.00 -25.12 -28.24
C ASP A 89 -9.27 -25.47 -29.53
N GLU A 90 -9.81 -26.42 -30.28
CA GLU A 90 -9.19 -26.88 -31.52
C GLU A 90 -8.90 -25.75 -32.50
N LEU A 91 -9.79 -24.76 -32.53
CA LEU A 91 -9.69 -23.67 -33.51
C LEU A 91 -8.48 -22.77 -33.29
N THR A 92 -8.02 -22.67 -32.04
CA THR A 92 -6.87 -21.83 -31.72
C THR A 92 -5.72 -22.67 -31.19
N GLY A 93 -5.97 -23.96 -30.98
CA GLY A 93 -4.98 -24.87 -30.44
C GLY A 93 -4.57 -24.50 -29.02
N LYS A 94 -5.43 -23.77 -28.33
CA LYS A 94 -5.11 -23.28 -26.98
C LYS A 94 -5.69 -24.17 -25.89
N VAL A 95 -4.83 -24.64 -24.99
CA VAL A 95 -5.28 -25.26 -23.74
C VAL A 95 -5.87 -24.16 -22.88
N GLN A 96 -6.97 -24.45 -22.19
CA GLN A 96 -7.68 -23.40 -21.44
C GLN A 96 -7.93 -23.75 -19.98
N LEU A 97 -8.02 -22.71 -19.13
CA LEU A 97 -8.42 -22.87 -17.75
C LEU A 97 -9.78 -22.23 -17.55
N TYR A 98 -10.66 -22.91 -16.82
CA TYR A 98 -12.02 -22.45 -16.62
C TYR A 98 -12.34 -22.17 -15.16
N ALA A 99 -13.07 -21.08 -14.92
CA ALA A 99 -13.53 -20.72 -13.58
C ALA A 99 -14.96 -20.20 -13.69
N GLN A 100 -15.66 -20.17 -12.57
CA GLN A 100 -17.04 -19.69 -12.57
C GLN A 100 -17.35 -18.91 -11.29
N ILE A 101 -18.36 -18.05 -11.36
CA ILE A 101 -18.82 -17.29 -10.20
C ILE A 101 -20.34 -17.25 -10.18
N LEU A 102 -20.93 -17.72 -9.09
CA LEU A 102 -22.39 -17.72 -8.96
C LEU A 102 -22.91 -16.30 -8.77
N ALA A 103 -24.13 -16.06 -9.24
CA ALA A 103 -24.73 -14.74 -9.13
C ALA A 103 -24.85 -14.30 -7.67
N ALA A 104 -24.79 -15.27 -6.76
CA ALA A 104 -24.92 -15.00 -5.34
C ALA A 104 -23.66 -14.38 -4.74
N GLN A 105 -22.51 -14.89 -5.15
CA GLN A 105 -21.23 -14.41 -4.63
C GLN A 105 -20.59 -13.36 -5.54
N LEU A 106 -21.28 -13.01 -6.62
CA LEU A 106 -20.74 -12.09 -7.60
C LEU A 106 -20.63 -10.66 -7.05
N THR A 107 -19.40 -10.24 -6.77
CA THR A 107 -19.11 -8.88 -6.36
C THR A 107 -17.88 -8.40 -7.12
N LEU A 108 -17.65 -7.09 -7.14
CA LEU A 108 -16.47 -6.54 -7.79
C LEU A 108 -15.21 -7.08 -7.14
N GLU A 109 -15.27 -7.26 -5.82
CA GLU A 109 -14.14 -7.79 -5.07
C GLU A 109 -13.91 -9.26 -5.40
N CYS A 110 -14.98 -9.99 -5.62
CA CYS A 110 -14.89 -11.42 -5.94
C CYS A 110 -14.49 -11.62 -7.40
N PHE A 111 -14.93 -10.71 -8.27
CA PHE A 111 -14.60 -10.78 -9.68
C PHE A 111 -13.11 -10.55 -9.91
N GLU A 112 -12.56 -9.54 -9.24
CA GLU A 112 -11.16 -9.20 -9.41
C GLU A 112 -10.25 -10.29 -8.86
N ALA A 113 -10.63 -10.84 -7.72
CA ALA A 113 -9.85 -11.90 -7.08
C ALA A 113 -9.86 -13.17 -7.92
N THR A 114 -11.04 -13.58 -8.36
CA THR A 114 -11.18 -14.77 -9.19
C THR A 114 -10.39 -14.63 -10.49
N LEU A 115 -10.46 -13.45 -11.09
CA LEU A 115 -9.74 -13.18 -12.33
C LEU A 115 -8.24 -13.21 -12.11
N ALA A 116 -7.78 -12.51 -11.08
CA ALA A 116 -6.36 -12.46 -10.74
C ALA A 116 -5.81 -13.86 -10.48
N ASN A 117 -6.61 -14.69 -9.81
CA ASN A 117 -6.21 -16.06 -9.52
C ASN A 117 -6.13 -16.89 -10.80
N LEU A 118 -7.11 -16.67 -11.68
CA LEU A 118 -7.15 -17.36 -12.96
C LEU A 118 -5.92 -17.02 -13.80
N LEU A 119 -5.48 -15.76 -13.72
CA LEU A 119 -4.29 -15.33 -14.45
C LEU A 119 -3.02 -15.87 -13.82
N ASP A 120 -2.96 -15.90 -12.50
CA ASP A 120 -1.81 -16.43 -11.78
C ASP A 120 -1.58 -17.89 -12.16
N HIS A 121 -2.66 -18.66 -12.23
CA HIS A 121 -2.59 -20.07 -12.55
C HIS A 121 -2.36 -20.30 -14.04
N ALA A 122 -3.03 -19.48 -14.86
CA ALA A 122 -2.85 -19.57 -16.31
C ALA A 122 -1.40 -19.35 -16.69
N GLU A 123 -0.77 -18.35 -16.10
CA GLU A 123 0.62 -18.01 -16.41
C GLU A 123 1.59 -19.05 -15.86
N PHE A 124 1.21 -19.69 -14.76
CA PHE A 124 2.03 -20.75 -14.19
C PHE A 124 2.07 -21.99 -15.10
N TRP A 125 0.90 -22.52 -15.43
CA TRP A 125 0.81 -23.72 -16.27
C TRP A 125 1.39 -23.45 -17.67
N GLN A 126 1.23 -22.22 -18.14
CA GLN A 126 1.79 -21.81 -19.42
C GLN A 126 3.30 -21.97 -19.44
N ARG A 127 3.90 -21.90 -18.25
CA ARG A 127 5.33 -21.96 -18.10
C ARG A 127 5.77 -23.39 -17.80
N LEU A 128 4.91 -24.13 -17.10
CA LEU A 128 5.21 -25.47 -16.66
C LEU A 128 5.01 -26.54 -17.74
N LEU A 129 3.94 -26.39 -18.52
CA LEU A 129 3.50 -27.42 -19.47
C LEU A 129 4.40 -27.67 -20.70
N PRO A 130 4.93 -26.60 -21.32
CA PRO A 130 5.72 -26.76 -22.54
C PRO A 130 6.79 -27.85 -22.43
N CYS A 131 7.09 -28.50 -23.55
CA CYS A 131 8.06 -29.58 -23.60
C CYS A 131 9.48 -29.05 -23.80
N ALA A 132 9.68 -28.28 -24.86
CA ALA A 132 10.99 -27.71 -25.15
C ALA A 132 11.41 -26.75 -24.04
N SER A 133 12.62 -26.96 -23.52
CA SER A 133 13.14 -26.17 -22.41
C SER A 133 12.89 -24.68 -22.61
N MET B 1 -18.90 -33.73 11.21
CA MET B 1 -19.54 -32.77 12.09
C MET B 1 -20.94 -32.40 11.61
N ASP B 2 -21.23 -31.10 11.58
CA ASP B 2 -22.56 -30.62 11.22
C ASP B 2 -22.86 -30.82 9.73
N LEU B 3 -21.82 -30.76 8.90
CA LEU B 3 -22.00 -30.93 7.45
C LEU B 3 -22.23 -32.39 7.11
N THR B 4 -21.58 -33.28 7.86
CA THR B 4 -21.77 -34.72 7.68
C THR B 4 -23.20 -35.11 8.06
N SER B 5 -23.69 -34.56 9.16
CA SER B 5 -25.05 -34.84 9.60
C SER B 5 -26.06 -34.18 8.68
N LYS B 6 -25.70 -32.99 8.19
CA LYS B 6 -26.56 -32.23 7.29
C LYS B 6 -26.77 -33.01 6.00
N VAL B 7 -25.70 -33.60 5.48
CA VAL B 7 -25.76 -34.42 4.28
C VAL B 7 -26.52 -35.72 4.53
N ASN B 8 -26.24 -36.35 5.67
CA ASN B 8 -26.93 -37.59 6.04
C ASN B 8 -28.43 -37.39 6.22
N ARG B 9 -28.83 -36.19 6.63
CA ARG B 9 -30.23 -35.85 6.80
C ARG B 9 -30.90 -35.70 5.43
N LEU B 10 -30.12 -35.25 4.44
CA LEU B 10 -30.61 -35.13 3.08
C LEU B 10 -30.66 -36.50 2.39
N LEU B 11 -29.54 -37.22 2.42
CA LEU B 11 -29.47 -38.55 1.83
C LEU B 11 -30.61 -39.44 2.31
N ALA B 12 -30.86 -39.42 3.62
CA ALA B 12 -31.94 -40.20 4.20
C ALA B 12 -33.28 -39.73 3.66
N GLU B 13 -33.44 -38.41 3.58
CA GLU B 13 -34.66 -37.81 3.07
C GLU B 13 -34.84 -38.13 1.59
N PHE B 14 -33.71 -38.21 0.88
CA PHE B 14 -33.73 -38.56 -0.54
C PHE B 14 -34.07 -40.04 -0.75
N ALA B 15 -33.59 -40.88 0.16
CA ALA B 15 -33.85 -42.31 0.09
C ALA B 15 -35.35 -42.59 0.20
N GLY B 16 -36.02 -41.87 1.10
CA GLY B 16 -37.44 -42.04 1.29
C GLY B 16 -38.24 -41.68 0.06
N ARG B 17 -37.85 -40.60 -0.62
CA ARG B 17 -38.55 -40.15 -1.81
C ARG B 17 -38.33 -41.08 -3.00
N ILE B 18 -37.11 -41.61 -3.12
CA ILE B 18 -36.76 -42.46 -4.25
C ILE B 18 -37.14 -43.93 -4.03
N GLY B 19 -37.32 -44.31 -2.77
CA GLY B 19 -37.72 -45.66 -2.44
C GLY B 19 -36.56 -46.54 -2.01
N LEU B 20 -35.49 -45.91 -1.56
CA LEU B 20 -34.33 -46.63 -1.04
C LEU B 20 -34.54 -47.02 0.42
N PRO B 21 -34.19 -48.26 0.76
CA PRO B 21 -34.30 -48.74 2.14
C PRO B 21 -33.41 -47.93 3.08
N SER B 22 -32.17 -47.71 2.68
CA SER B 22 -31.25 -46.89 3.48
C SER B 22 -30.21 -46.19 2.61
N LEU B 23 -29.71 -45.06 3.09
CA LEU B 23 -28.67 -44.31 2.40
C LEU B 23 -27.98 -43.34 3.34
N SER B 24 -26.66 -43.43 3.44
CA SER B 24 -25.89 -42.52 4.29
C SER B 24 -24.42 -42.55 3.93
N LEU B 25 -23.63 -41.68 4.57
CA LEU B 25 -22.20 -41.62 4.33
C LEU B 25 -21.49 -42.68 5.17
N ASP B 26 -20.49 -43.32 4.58
CA ASP B 26 -19.73 -44.35 5.30
C ASP B 26 -18.63 -43.70 6.12
N GLU B 27 -17.72 -44.53 6.63
CA GLU B 27 -16.64 -44.03 7.48
C GLU B 27 -15.72 -43.06 6.75
N GLU B 28 -15.65 -43.20 5.42
CA GLU B 28 -14.78 -42.36 4.60
C GLU B 28 -15.47 -41.07 4.12
N GLY B 29 -16.76 -40.97 4.39
CA GLY B 29 -17.53 -39.81 3.95
C GLY B 29 -18.12 -39.99 2.56
N MET B 30 -18.14 -41.25 2.10
CA MET B 30 -18.63 -41.55 0.76
C MET B 30 -19.97 -42.26 0.76
N ALA B 31 -20.64 -42.24 -0.38
CA ALA B 31 -21.88 -42.97 -0.60
C ALA B 31 -21.95 -43.32 -2.08
N SER B 32 -22.32 -44.55 -2.38
CA SER B 32 -22.32 -45.02 -3.77
C SER B 32 -23.71 -45.44 -4.24
N LEU B 33 -24.08 -45.04 -5.45
CA LEU B 33 -25.37 -45.39 -6.03
C LEU B 33 -25.20 -45.93 -7.44
N LEU B 34 -26.05 -46.86 -7.84
CA LEU B 34 -26.09 -47.35 -9.21
C LEU B 34 -27.48 -47.19 -9.81
N PHE B 35 -27.56 -46.45 -10.92
CA PHE B 35 -28.84 -46.18 -11.56
C PHE B 35 -29.05 -47.02 -12.82
N ASP B 36 -30.20 -47.68 -12.88
CA ASP B 36 -30.58 -48.45 -14.07
C ASP B 36 -29.57 -49.52 -14.43
N GLU B 37 -28.75 -49.91 -13.45
CA GLU B 37 -27.72 -50.92 -13.65
C GLU B 37 -26.71 -50.47 -14.71
N GLN B 38 -26.67 -49.17 -14.96
CA GLN B 38 -25.81 -48.61 -16.00
C GLN B 38 -24.90 -47.50 -15.48
N VAL B 39 -25.51 -46.49 -14.85
CA VAL B 39 -24.75 -45.32 -14.41
C VAL B 39 -24.39 -45.40 -12.93
N GLY B 40 -23.10 -45.52 -12.65
CA GLY B 40 -22.62 -45.58 -11.28
C GLY B 40 -22.16 -44.22 -10.79
N VAL B 41 -22.79 -43.74 -9.72
CA VAL B 41 -22.45 -42.45 -9.14
C VAL B 41 -21.89 -42.63 -7.73
N THR B 42 -20.87 -41.86 -7.39
CA THR B 42 -20.30 -41.89 -6.06
C THR B 42 -20.29 -40.51 -5.44
N LEU B 43 -20.95 -40.37 -4.29
CA LEU B 43 -20.97 -39.12 -3.54
C LEU B 43 -19.79 -39.11 -2.57
N LEU B 44 -19.09 -37.99 -2.50
CA LEU B 44 -17.96 -37.86 -1.61
C LEU B 44 -17.99 -36.53 -0.89
N LEU B 45 -18.12 -36.56 0.42
CA LEU B 45 -18.14 -35.35 1.22
C LEU B 45 -16.74 -34.95 1.66
N LEU B 46 -16.42 -33.68 1.47
CA LEU B 46 -15.18 -33.11 1.97
C LEU B 46 -15.49 -32.11 3.08
N ALA B 47 -15.46 -32.59 4.33
CA ALA B 47 -15.83 -31.76 5.47
C ALA B 47 -14.91 -30.54 5.61
N GLU B 48 -13.63 -30.72 5.28
CA GLU B 48 -12.66 -29.66 5.40
C GLU B 48 -12.95 -28.50 4.44
N ARG B 49 -13.18 -28.83 3.18
CA ARG B 49 -13.38 -27.81 2.15
C ARG B 49 -14.84 -27.38 2.00
N GLU B 50 -15.70 -27.93 2.85
CA GLU B 50 -17.11 -27.56 2.89
C GLU B 50 -17.80 -27.75 1.53
N ARG B 51 -17.74 -28.96 1.01
CA ARG B 51 -18.35 -29.24 -0.29
C ARG B 51 -18.61 -30.73 -0.52
N LEU B 52 -19.53 -31.01 -1.44
CA LEU B 52 -19.89 -32.39 -1.77
C LEU B 52 -19.55 -32.70 -3.23
N LEU B 53 -18.74 -33.74 -3.45
CA LEU B 53 -18.34 -34.12 -4.80
C LEU B 53 -19.21 -35.25 -5.35
N LEU B 54 -19.52 -35.18 -6.64
CA LEU B 54 -20.25 -36.26 -7.30
C LEU B 54 -19.48 -36.77 -8.50
N GLU B 55 -19.36 -38.09 -8.61
CA GLU B 55 -18.67 -38.71 -9.74
C GLU B 55 -19.61 -39.61 -10.52
N ALA B 56 -19.42 -39.65 -11.84
CA ALA B 56 -20.23 -40.50 -12.69
C ALA B 56 -19.35 -41.24 -13.68
N ASP B 57 -19.19 -42.54 -13.47
CA ASP B 57 -18.43 -43.38 -14.39
C ASP B 57 -19.12 -43.44 -15.75
N VAL B 58 -18.51 -42.84 -16.76
CA VAL B 58 -19.07 -42.85 -18.11
C VAL B 58 -18.70 -44.15 -18.82
N VAL B 59 -17.41 -44.35 -19.07
CA VAL B 59 -16.94 -45.55 -19.73
C VAL B 59 -15.43 -45.70 -19.57
N GLY B 60 -14.93 -46.92 -19.72
CA GLY B 60 -13.51 -47.18 -19.58
C GLY B 60 -12.75 -46.90 -20.85
N ILE B 61 -11.43 -46.74 -20.73
CA ILE B 61 -10.59 -46.46 -21.89
C ILE B 61 -10.23 -47.73 -22.65
N ASP B 62 -10.81 -48.85 -22.23
CA ASP B 62 -10.58 -50.12 -22.90
C ASP B 62 -11.19 -50.10 -24.30
N VAL B 63 -12.33 -49.43 -24.43
CA VAL B 63 -13.03 -49.36 -25.71
C VAL B 63 -12.76 -48.04 -26.42
N LEU B 64 -11.84 -47.25 -25.87
CA LEU B 64 -11.51 -45.96 -26.44
C LEU B 64 -10.03 -45.87 -26.80
N GLY B 65 -9.74 -45.38 -28.00
CA GLY B 65 -8.37 -45.23 -28.45
C GLY B 65 -7.87 -43.82 -28.27
N GLU B 66 -6.63 -43.57 -28.71
CA GLU B 66 -6.04 -42.24 -28.63
C GLU B 66 -6.41 -41.41 -29.86
N GLY B 67 -6.59 -40.11 -29.65
CA GLY B 67 -6.44 -39.51 -28.34
C GLY B 67 -7.76 -39.15 -27.71
N ILE B 68 -8.19 -39.96 -26.74
CA ILE B 68 -9.44 -39.71 -26.03
C ILE B 68 -9.27 -38.56 -25.05
N PHE B 69 -8.09 -38.47 -24.43
CA PHE B 69 -7.83 -37.42 -23.44
C PHE B 69 -7.84 -36.04 -24.10
N ARG B 70 -7.49 -36.01 -25.38
CA ARG B 70 -7.55 -34.78 -26.16
C ARG B 70 -8.99 -34.39 -26.39
N GLN B 71 -9.84 -35.38 -26.67
CA GLN B 71 -11.27 -35.15 -26.87
C GLN B 71 -11.95 -34.69 -25.58
N LEU B 72 -11.53 -35.26 -24.44
CA LEU B 72 -12.12 -34.88 -23.15
C LEU B 72 -11.95 -33.38 -22.89
N ALA B 73 -10.77 -32.86 -23.17
CA ALA B 73 -10.50 -31.45 -22.99
C ALA B 73 -11.38 -30.62 -23.92
N SER B 74 -11.63 -31.14 -25.12
CA SER B 74 -12.55 -30.49 -26.06
C SER B 74 -13.97 -30.52 -25.52
N PHE B 75 -14.41 -31.68 -25.04
CA PHE B 75 -15.74 -31.82 -24.48
C PHE B 75 -15.96 -30.82 -23.35
N ASN B 76 -14.92 -30.63 -22.54
CA ASN B 76 -15.00 -29.70 -21.42
C ASN B 76 -15.33 -28.29 -21.85
N ARG B 77 -14.75 -27.86 -22.97
CA ARG B 77 -14.99 -26.54 -23.48
C ARG B 77 -16.47 -26.32 -23.80
N HIS B 78 -17.08 -27.32 -24.45
CA HIS B 78 -18.45 -27.19 -24.91
C HIS B 78 -19.46 -27.61 -23.85
N TRP B 79 -18.97 -28.26 -22.80
CA TRP B 79 -19.84 -28.68 -21.71
C TRP B 79 -19.70 -27.76 -20.50
N HIS B 80 -18.85 -26.74 -20.63
CA HIS B 80 -18.62 -25.79 -19.56
C HIS B 80 -19.91 -25.07 -19.17
N ARG B 81 -20.84 -24.96 -20.11
CA ARG B 81 -22.10 -24.26 -19.85
C ARG B 81 -23.15 -25.20 -19.24
N PHE B 82 -22.81 -26.48 -19.10
CA PHE B 82 -23.70 -27.43 -18.46
C PHE B 82 -23.29 -27.68 -17.00
N ASP B 83 -22.29 -26.92 -16.55
CA ASP B 83 -21.80 -27.03 -15.19
C ASP B 83 -21.30 -28.45 -14.90
N LEU B 84 -20.60 -29.02 -15.88
CA LEU B 84 -20.05 -30.36 -15.75
C LEU B 84 -18.76 -30.44 -16.55
N HIS B 85 -17.89 -31.38 -16.19
CA HIS B 85 -16.65 -31.58 -16.93
C HIS B 85 -16.11 -33.00 -16.78
N PHE B 86 -15.28 -33.40 -17.74
CA PHE B 86 -14.71 -34.74 -17.75
C PHE B 86 -13.36 -34.80 -17.07
N GLY B 87 -12.98 -36.00 -16.63
CA GLY B 87 -11.69 -36.25 -16.04
C GLY B 87 -11.34 -37.72 -16.18
N PHE B 88 -10.25 -38.12 -15.53
CA PHE B 88 -9.79 -39.50 -15.64
C PHE B 88 -9.20 -40.01 -14.32
N ASP B 89 -9.55 -41.24 -13.97
CA ASP B 89 -9.03 -41.88 -12.77
C ASP B 89 -8.05 -42.98 -13.18
N GLU B 90 -6.76 -42.71 -13.02
CA GLU B 90 -5.73 -43.68 -13.41
C GLU B 90 -5.87 -45.01 -12.68
N LEU B 91 -6.38 -44.96 -11.45
CA LEU B 91 -6.49 -46.17 -10.64
C LEU B 91 -7.63 -47.08 -11.10
N THR B 92 -8.62 -46.50 -11.78
CA THR B 92 -9.76 -47.27 -12.27
C THR B 92 -9.71 -47.42 -13.78
N GLY B 93 -9.14 -46.43 -14.46
CA GLY B 93 -9.06 -46.44 -15.91
C GLY B 93 -10.39 -46.09 -16.54
N LYS B 94 -11.12 -45.18 -15.90
CA LYS B 94 -12.45 -44.81 -16.36
C LYS B 94 -12.64 -43.30 -16.53
N VAL B 95 -13.07 -42.90 -17.72
CA VAL B 95 -13.50 -41.53 -17.95
C VAL B 95 -14.75 -41.26 -17.11
N GLN B 96 -14.87 -40.04 -16.60
CA GLN B 96 -16.02 -39.72 -15.77
C GLN B 96 -16.38 -38.23 -15.75
N LEU B 97 -17.62 -37.94 -15.37
CA LEU B 97 -18.10 -36.57 -15.24
C LEU B 97 -18.11 -36.20 -13.76
N TYR B 98 -17.83 -34.93 -13.47
CA TYR B 98 -17.81 -34.48 -12.09
C TYR B 98 -18.78 -33.32 -11.87
N ALA B 99 -19.42 -33.32 -10.70
CA ALA B 99 -20.26 -32.21 -10.29
C ALA B 99 -19.81 -31.76 -8.91
N GLN B 100 -20.44 -30.75 -8.37
CA GLN B 100 -20.02 -30.21 -7.07
C GLN B 100 -21.09 -29.34 -6.44
N ILE B 101 -21.26 -29.49 -5.12
CA ILE B 101 -22.20 -28.66 -4.39
C ILE B 101 -21.56 -28.12 -3.12
N LEU B 102 -21.28 -26.82 -3.12
CA LEU B 102 -20.69 -26.18 -1.94
C LEU B 102 -21.70 -26.11 -0.81
N ALA B 103 -21.22 -26.09 0.41
CA ALA B 103 -22.09 -26.06 1.59
C ALA B 103 -23.07 -24.90 1.53
N ALA B 104 -22.71 -23.85 0.79
CA ALA B 104 -23.57 -22.68 0.64
C ALA B 104 -24.88 -23.03 -0.06
N GLN B 105 -24.78 -23.70 -1.20
CA GLN B 105 -25.97 -24.05 -1.99
C GLN B 105 -26.42 -25.48 -1.74
N LEU B 106 -26.00 -26.06 -0.62
CA LEU B 106 -26.35 -27.44 -0.31
C LEU B 106 -27.79 -27.53 0.20
N THR B 107 -28.62 -28.22 -0.57
CA THR B 107 -30.04 -28.37 -0.24
C THR B 107 -30.57 -29.63 -0.91
N LEU B 108 -31.68 -30.15 -0.41
CA LEU B 108 -32.30 -31.33 -1.02
C LEU B 108 -32.68 -31.06 -2.46
N GLU B 109 -33.25 -29.89 -2.72
CA GLU B 109 -33.65 -29.50 -4.06
C GLU B 109 -32.45 -29.41 -4.98
N CYS B 110 -31.38 -28.76 -4.50
CA CYS B 110 -30.16 -28.62 -5.28
C CYS B 110 -29.46 -29.95 -5.46
N PHE B 111 -29.55 -30.81 -4.44
CA PHE B 111 -28.93 -32.13 -4.50
C PHE B 111 -29.56 -33.00 -5.58
N GLU B 112 -30.89 -33.08 -5.58
CA GLU B 112 -31.60 -33.90 -6.55
C GLU B 112 -31.44 -33.33 -7.96
N ALA B 113 -31.50 -32.00 -8.07
CA ALA B 113 -31.32 -31.35 -9.36
C ALA B 113 -29.92 -31.62 -9.91
N THR B 114 -28.92 -31.43 -9.07
CA THR B 114 -27.53 -31.67 -9.46
C THR B 114 -27.29 -33.13 -9.81
N LEU B 115 -27.88 -34.03 -9.04
CA LEU B 115 -27.73 -35.47 -9.27
C LEU B 115 -28.41 -35.90 -10.56
N ALA B 116 -29.65 -35.44 -10.76
CA ALA B 116 -30.39 -35.78 -11.98
C ALA B 116 -29.68 -35.26 -13.21
N ASN B 117 -29.09 -34.08 -13.09
CA ASN B 117 -28.34 -33.48 -14.19
C ASN B 117 -27.11 -34.31 -14.54
N LEU B 118 -26.38 -34.75 -13.51
CA LEU B 118 -25.20 -35.57 -13.71
C LEU B 118 -25.55 -36.88 -14.40
N LEU B 119 -26.70 -37.45 -14.03
CA LEU B 119 -27.16 -38.69 -14.64
C LEU B 119 -27.59 -38.47 -16.08
N ASP B 120 -28.37 -37.41 -16.30
CA ASP B 120 -28.81 -37.03 -17.64
C ASP B 120 -27.64 -37.02 -18.62
N HIS B 121 -26.57 -36.34 -18.23
CA HIS B 121 -25.40 -36.19 -19.08
C HIS B 121 -24.55 -37.47 -19.16
N ALA B 122 -24.51 -38.21 -18.05
CA ALA B 122 -23.81 -39.48 -18.02
C ALA B 122 -24.40 -40.44 -19.04
N GLU B 123 -25.73 -40.51 -19.08
CA GLU B 123 -26.44 -41.34 -20.05
C GLU B 123 -26.13 -40.90 -21.48
N PHE B 124 -26.31 -39.61 -21.73
CA PHE B 124 -26.09 -39.04 -23.06
C PHE B 124 -24.78 -39.54 -23.65
N TRP B 125 -23.70 -39.45 -22.88
CA TRP B 125 -22.38 -39.84 -23.37
C TRP B 125 -22.22 -41.35 -23.50
N GLN B 126 -22.83 -42.10 -22.59
CA GLN B 126 -22.77 -43.55 -22.66
C GLN B 126 -23.48 -44.06 -23.91
N ARG B 127 -24.45 -43.29 -24.40
CA ARG B 127 -25.15 -43.64 -25.62
C ARG B 127 -24.34 -43.25 -26.85
N LEU B 128 -23.60 -42.15 -26.72
CA LEU B 128 -22.85 -41.59 -27.83
C LEU B 128 -21.53 -42.31 -28.02
N LEU B 129 -20.73 -42.39 -26.96
CA LEU B 129 -19.46 -43.10 -26.98
C LEU B 129 -19.70 -44.60 -27.13
N PRO B 130 -18.67 -45.33 -27.59
CA PRO B 130 -18.78 -46.79 -27.75
C PRO B 130 -19.17 -47.48 -26.44
N CYS B 131 -19.86 -48.62 -26.55
CA CYS B 131 -20.29 -49.37 -25.37
C CYS B 131 -19.14 -50.15 -24.76
N ALA B 132 -19.24 -50.43 -23.47
CA ALA B 132 -18.22 -51.18 -22.76
C ALA B 132 -18.39 -52.68 -22.92
N THR C 2 -5.53 4.45 -31.62
CA THR C 2 -5.68 5.09 -30.32
C THR C 2 -6.16 4.06 -29.29
N GLU C 3 -5.65 2.84 -29.39
CA GLU C 3 -6.06 1.75 -28.53
C GLU C 3 -5.78 2.05 -27.06
N ALA C 4 -6.80 1.94 -26.23
CA ALA C 4 -6.65 2.18 -24.80
C ALA C 4 -6.04 0.96 -24.10
N VAL C 5 -5.01 1.20 -23.31
CA VAL C 5 -4.34 0.11 -22.59
C VAL C 5 -4.48 0.26 -21.09
N GLY C 6 -5.26 -0.64 -20.49
CA GLY C 6 -5.47 -0.63 -19.06
C GLY C 6 -4.40 -1.42 -18.33
N HIS C 7 -4.53 -1.48 -17.01
CA HIS C 7 -3.56 -2.18 -16.18
C HIS C 7 -4.25 -2.90 -15.03
N PHE C 8 -3.87 -4.15 -14.81
CA PHE C 8 -4.47 -4.98 -13.77
C PHE C 8 -3.46 -5.96 -13.19
N GLU C 9 -3.28 -5.89 -11.87
CA GLU C 9 -2.37 -6.78 -11.17
C GLU C 9 -1.03 -6.97 -11.88
N GLY C 10 -0.40 -5.85 -12.23
CA GLY C 10 0.90 -5.88 -12.89
C GLY C 10 0.83 -6.42 -14.30
N ARG C 11 -0.34 -6.30 -14.92
CA ARG C 11 -0.52 -6.75 -16.30
C ARG C 11 -1.21 -5.67 -17.12
N SER C 12 -0.79 -5.51 -18.38
CA SER C 12 -1.46 -4.59 -19.28
C SER C 12 -2.74 -5.23 -19.80
N VAL C 13 -3.76 -4.42 -20.02
CA VAL C 13 -5.06 -4.92 -20.43
C VAL C 13 -5.61 -4.20 -21.66
N THR C 14 -5.96 -4.96 -22.69
CA THR C 14 -6.62 -4.39 -23.86
C THR C 14 -7.90 -5.15 -24.17
N ARG C 15 -8.94 -4.42 -24.56
CA ARG C 15 -10.21 -5.04 -24.92
C ARG C 15 -10.05 -5.82 -26.23
N ALA C 16 -10.62 -7.02 -26.27
CA ALA C 16 -10.42 -7.91 -27.41
C ALA C 16 -11.74 -8.28 -28.08
N ALA C 17 -11.67 -8.56 -29.37
CA ALA C 17 -12.85 -9.00 -30.12
C ALA C 17 -13.30 -10.36 -29.60
N VAL C 18 -14.60 -10.52 -29.43
CA VAL C 18 -15.16 -11.80 -29.00
C VAL C 18 -15.25 -12.74 -30.20
N ARG C 19 -14.47 -13.82 -30.16
CA ARG C 19 -14.49 -14.80 -31.23
C ARG C 19 -15.93 -15.22 -31.57
N GLY C 20 -16.28 -15.09 -32.84
CA GLY C 20 -17.64 -15.29 -33.29
C GLY C 20 -18.05 -16.74 -33.45
N GLU C 21 -17.79 -17.53 -32.41
CA GLU C 21 -18.19 -18.93 -32.41
C GLU C 21 -19.50 -19.06 -31.62
N ASP C 22 -20.56 -19.47 -32.32
CA ASP C 22 -21.87 -19.68 -31.68
C ASP C 22 -21.80 -20.84 -30.70
N ARG C 23 -21.70 -20.51 -29.41
CA ARG C 23 -21.46 -21.53 -28.39
C ARG C 23 -22.71 -21.90 -27.59
N SER C 24 -23.85 -21.30 -27.95
CA SER C 24 -25.10 -21.59 -27.26
C SER C 24 -26.06 -22.36 -28.16
N SER C 25 -25.60 -22.67 -29.37
CA SER C 25 -26.44 -23.35 -30.34
C SER C 25 -26.44 -24.86 -30.14
N VAL C 26 -27.62 -25.42 -29.90
CA VAL C 26 -27.77 -26.86 -29.80
C VAL C 26 -27.47 -27.50 -31.15
N ALA C 27 -28.02 -26.92 -32.22
CA ALA C 27 -27.74 -27.39 -33.56
C ALA C 27 -26.24 -27.41 -33.84
N GLY C 28 -25.55 -26.34 -33.45
CA GLY C 28 -24.12 -26.25 -33.63
C GLY C 28 -23.36 -27.32 -32.89
N LEU C 29 -23.71 -27.51 -31.61
CA LEU C 29 -23.06 -28.54 -30.78
C LEU C 29 -23.36 -29.94 -31.29
N ALA C 30 -24.62 -30.20 -31.61
CA ALA C 30 -25.02 -31.51 -32.11
C ALA C 30 -24.25 -31.85 -33.38
N ARG C 31 -24.06 -30.84 -34.22
CA ARG C 31 -23.37 -31.01 -35.48
C ARG C 31 -21.89 -31.29 -35.24
N TRP C 32 -21.34 -30.69 -34.20
CA TRP C 32 -19.94 -30.87 -33.84
C TRP C 32 -19.69 -32.29 -33.32
N LEU C 33 -20.63 -32.80 -32.53
CA LEU C 33 -20.52 -34.15 -31.99
C LEU C 33 -20.53 -35.21 -33.10
N ALA C 34 -21.36 -34.98 -34.11
CA ALA C 34 -21.46 -35.92 -35.22
C ALA C 34 -20.20 -35.92 -36.06
N ARG C 35 -19.47 -34.82 -36.04
CA ARG C 35 -18.26 -34.68 -36.83
C ARG C 35 -17.04 -35.25 -36.10
N ASN C 36 -16.99 -35.06 -34.79
CA ASN C 36 -15.80 -35.41 -34.01
C ASN C 36 -15.95 -36.66 -33.14
N VAL C 37 -17.17 -36.96 -32.71
CA VAL C 37 -17.41 -38.10 -31.83
C VAL C 37 -18.10 -39.25 -32.57
N ALA C 38 -19.41 -39.12 -32.79
CA ALA C 38 -20.16 -40.15 -33.48
C ALA C 38 -21.54 -39.66 -33.92
N GLY C 39 -21.93 -40.06 -35.13
CA GLY C 39 -23.24 -39.71 -35.66
C GLY C 39 -24.36 -40.48 -34.98
N ASP C 40 -25.43 -39.77 -34.65
CA ASP C 40 -26.55 -40.38 -33.96
C ASP C 40 -27.79 -39.51 -34.10
N PRO C 41 -28.84 -40.05 -34.75
CA PRO C 41 -30.10 -39.33 -35.00
C PRO C 41 -30.83 -38.96 -33.72
N ARG C 42 -30.32 -39.40 -32.57
CA ARG C 42 -30.95 -39.10 -31.29
C ARG C 42 -30.26 -37.93 -30.59
N SER C 43 -29.00 -37.69 -30.96
CA SER C 43 -28.16 -36.72 -30.27
C SER C 43 -28.76 -35.31 -30.17
N GLU C 44 -29.17 -34.74 -31.29
CA GLU C 44 -29.60 -33.34 -31.31
C GLU C 44 -30.76 -33.06 -30.35
N GLN C 45 -31.84 -33.82 -30.48
CA GLN C 45 -33.03 -33.61 -29.65
C GLN C 45 -32.78 -33.99 -28.19
N ALA C 46 -31.98 -35.02 -27.99
CA ALA C 46 -31.61 -35.43 -26.64
C ALA C 46 -30.78 -34.32 -26.00
N LEU C 47 -30.07 -33.58 -26.84
CA LEU C 47 -29.24 -32.47 -26.39
C LEU C 47 -30.08 -31.21 -26.22
N GLN C 48 -31.15 -31.11 -27.02
CA GLN C 48 -32.09 -30.01 -26.90
C GLN C 48 -32.87 -30.14 -25.60
N ARG C 49 -33.26 -31.36 -25.27
CA ARG C 49 -33.98 -31.62 -24.01
C ARG C 49 -33.12 -31.29 -22.80
N LEU C 50 -31.83 -31.58 -22.87
CA LEU C 50 -30.91 -31.27 -21.77
C LEU C 50 -30.84 -29.77 -21.53
N ALA C 51 -30.63 -29.01 -22.59
CA ALA C 51 -30.54 -27.56 -22.50
C ALA C 51 -31.81 -26.95 -21.90
N ASP C 52 -32.96 -27.49 -22.27
CA ASP C 52 -34.24 -27.00 -21.78
C ASP C 52 -34.50 -27.46 -20.34
N GLY C 53 -33.77 -28.48 -19.92
CA GLY C 53 -33.96 -29.05 -18.60
C GLY C 53 -34.98 -30.16 -18.56
N ASP C 54 -35.46 -30.56 -19.74
CA ASP C 54 -36.44 -31.63 -19.83
C ASP C 54 -35.78 -33.00 -19.84
N GLY C 55 -34.97 -33.26 -18.82
CA GLY C 55 -34.28 -34.54 -18.71
C GLY C 55 -35.09 -35.57 -17.95
N THR C 56 -34.51 -36.74 -17.73
CA THR C 56 -35.19 -37.84 -17.06
C THR C 56 -35.49 -37.51 -15.60
N PRO C 57 -36.75 -37.67 -15.18
CA PRO C 57 -37.11 -37.51 -13.76
C PRO C 57 -36.49 -38.63 -12.93
N LEU C 58 -36.00 -38.30 -11.75
CA LEU C 58 -35.34 -39.29 -10.89
C LEU C 58 -36.23 -40.50 -10.61
N GLU C 59 -37.51 -40.26 -10.36
CA GLU C 59 -38.44 -41.33 -10.04
C GLU C 59 -38.68 -42.27 -11.22
N ALA C 60 -38.13 -41.92 -12.38
CA ALA C 60 -38.26 -42.76 -13.57
C ALA C 60 -37.14 -43.79 -13.66
N ARG C 61 -36.14 -43.66 -12.80
CA ARG C 61 -35.00 -44.57 -12.80
C ARG C 61 -35.08 -45.58 -11.66
N THR C 62 -34.36 -46.69 -11.82
CA THR C 62 -34.23 -47.67 -10.75
C THR C 62 -32.97 -47.38 -9.95
N VAL C 63 -33.09 -47.35 -8.62
CA VAL C 63 -31.97 -47.01 -7.77
C VAL C 63 -31.66 -48.14 -6.80
N ARG C 64 -30.37 -48.50 -6.71
CA ARG C 64 -29.92 -49.46 -5.70
C ARG C 64 -28.54 -49.07 -5.19
N ARG C 65 -28.38 -49.11 -3.87
CA ARG C 65 -27.13 -48.78 -3.22
C ARG C 65 -26.10 -49.88 -3.45
N ARG C 66 -24.85 -49.50 -3.68
CA ARG C 66 -23.79 -50.47 -3.88
C ARG C 66 -22.53 -50.11 -3.09
N MET D 1 33.98 -7.81 9.28
CA MET D 1 32.66 -7.91 8.67
C MET D 1 32.69 -8.92 7.52
N ASP D 2 32.54 -10.20 7.86
CA ASP D 2 32.54 -11.27 6.87
C ASP D 2 31.14 -11.46 6.27
N LEU D 3 31.00 -12.44 5.40
CA LEU D 3 29.70 -12.72 4.77
C LEU D 3 28.68 -13.18 5.80
N THR D 4 29.15 -13.97 6.78
CA THR D 4 28.28 -14.45 7.84
C THR D 4 27.67 -13.30 8.62
N SER D 5 28.49 -12.29 8.92
CA SER D 5 28.03 -11.13 9.67
C SER D 5 27.01 -10.34 8.85
N LYS D 6 27.26 -10.22 7.56
CA LYS D 6 26.35 -9.52 6.66
C LYS D 6 24.98 -10.18 6.63
N VAL D 7 24.97 -11.51 6.45
CA VAL D 7 23.72 -12.27 6.42
C VAL D 7 23.00 -12.19 7.76
N ASN D 8 23.76 -12.27 8.86
CA ASN D 8 23.19 -12.18 10.19
C ASN D 8 22.45 -10.87 10.44
N ARG D 9 22.99 -9.78 9.89
CA ARG D 9 22.34 -8.49 10.01
C ARG D 9 21.08 -8.45 9.17
N LEU D 10 21.15 -9.01 7.97
CA LEU D 10 19.99 -9.09 7.08
C LEU D 10 18.87 -9.86 7.77
N LEU D 11 19.24 -10.97 8.41
CA LEU D 11 18.28 -11.79 9.14
C LEU D 11 17.71 -11.04 10.34
N ALA D 12 18.53 -10.21 10.98
CA ALA D 12 18.09 -9.41 12.11
C ALA D 12 17.06 -8.36 11.71
N GLU D 13 17.33 -7.69 10.59
CA GLU D 13 16.41 -6.69 10.05
C GLU D 13 15.10 -7.36 9.63
N PHE D 14 15.21 -8.52 8.98
CA PHE D 14 14.04 -9.28 8.57
C PHE D 14 13.25 -9.77 9.77
N ALA D 15 13.96 -10.20 10.82
CA ALA D 15 13.32 -10.67 12.04
C ALA D 15 12.48 -9.57 12.67
N GLY D 16 13.02 -8.35 12.68
CA GLY D 16 12.32 -7.21 13.25
C GLY D 16 11.08 -6.84 12.47
N ARG D 17 11.09 -7.12 11.16
CA ARG D 17 9.96 -6.79 10.30
C ARG D 17 8.78 -7.74 10.51
N ILE D 18 9.07 -9.03 10.60
CA ILE D 18 8.03 -10.03 10.75
C ILE D 18 7.54 -10.14 12.19
N GLY D 19 8.37 -9.70 13.14
CA GLY D 19 7.95 -9.64 14.52
C GLY D 19 8.60 -10.67 15.44
N LEU D 20 9.69 -11.28 14.97
CA LEU D 20 10.44 -12.20 15.80
C LEU D 20 11.48 -11.45 16.61
N PRO D 21 11.79 -11.92 17.82
CA PRO D 21 12.75 -11.27 18.71
C PRO D 21 14.14 -11.22 18.09
N SER D 22 14.52 -12.31 17.42
CA SER D 22 15.83 -12.39 16.78
C SER D 22 15.84 -13.50 15.74
N LEU D 23 16.81 -13.43 14.83
CA LEU D 23 17.01 -14.48 13.83
C LEU D 23 18.45 -14.44 13.35
N SER D 24 19.24 -15.44 13.73
CA SER D 24 20.64 -15.50 13.34
C SER D 24 21.05 -16.91 12.98
N LEU D 25 22.10 -17.03 12.16
CA LEU D 25 22.60 -18.33 11.75
C LEU D 25 23.36 -18.97 12.91
N ASP D 26 23.20 -20.29 13.06
CA ASP D 26 23.94 -21.02 14.09
C ASP D 26 25.35 -21.31 13.59
N GLU D 27 26.07 -22.17 14.31
CA GLU D 27 27.48 -22.42 14.02
C GLU D 27 27.70 -23.36 12.84
N GLU D 28 26.66 -23.60 12.05
CA GLU D 28 26.73 -24.61 10.98
C GLU D 28 26.95 -24.11 9.54
N GLY D 29 26.38 -22.96 9.17
CA GLY D 29 25.52 -22.15 10.01
C GLY D 29 24.15 -22.03 9.40
N MET D 30 23.14 -22.45 10.15
CA MET D 30 21.80 -22.63 9.62
C MET D 30 20.74 -22.01 10.51
N ALA D 31 19.55 -21.82 9.95
CA ALA D 31 18.42 -21.29 10.69
C ALA D 31 17.15 -21.92 10.13
N SER D 32 16.17 -22.16 10.99
CA SER D 32 14.95 -22.82 10.55
C SER D 32 13.70 -22.06 11.02
N LEU D 33 12.72 -21.98 10.13
CA LEU D 33 11.45 -21.32 10.44
C LEU D 33 10.27 -22.25 10.13
N LEU D 34 9.12 -21.96 10.72
CA LEU D 34 7.91 -22.72 10.46
C LEU D 34 6.75 -21.79 10.14
N PHE D 35 6.18 -21.95 8.95
CA PHE D 35 5.10 -21.06 8.49
C PHE D 35 3.73 -21.73 8.56
N ASP D 36 2.81 -21.10 9.30
CA ASP D 36 1.46 -21.61 9.46
C ASP D 36 1.43 -22.97 10.17
N GLU D 37 2.43 -23.23 11.00
CA GLU D 37 2.51 -24.50 11.72
C GLU D 37 2.53 -25.68 10.75
N GLN D 38 2.82 -25.40 9.49
CA GLN D 38 2.72 -26.41 8.44
C GLN D 38 3.99 -26.52 7.60
N VAL D 39 4.35 -25.43 6.93
CA VAL D 39 5.49 -25.44 6.03
C VAL D 39 6.76 -24.96 6.72
N GLY D 40 7.76 -25.85 6.79
CA GLY D 40 9.03 -25.53 7.40
C GLY D 40 10.04 -25.05 6.37
N VAL D 41 10.86 -24.08 6.75
CA VAL D 41 11.88 -23.55 5.87
C VAL D 41 13.25 -23.53 6.56
N THR D 42 14.29 -23.85 5.80
CA THR D 42 15.64 -23.92 6.36
C THR D 42 16.64 -23.14 5.52
N LEU D 43 17.39 -22.27 6.18
CA LEU D 43 18.40 -21.45 5.50
C LEU D 43 19.79 -22.03 5.75
N LEU D 44 20.58 -22.16 4.69
CA LEU D 44 21.93 -22.67 4.82
C LEU D 44 22.92 -21.78 4.07
N LEU D 45 23.70 -21.02 4.82
CA LEU D 45 24.72 -20.17 4.21
C LEU D 45 25.99 -20.94 3.89
N LEU D 46 26.33 -20.98 2.62
CA LEU D 46 27.59 -21.57 2.17
C LEU D 46 28.63 -20.45 2.03
N ALA D 47 29.25 -20.09 3.15
CA ALA D 47 30.17 -18.96 3.20
C ALA D 47 31.26 -19.02 2.13
N GLU D 48 31.97 -20.15 2.08
CA GLU D 48 33.07 -20.34 1.14
C GLU D 48 32.62 -20.15 -0.31
N ARG D 49 31.41 -20.62 -0.62
CA ARG D 49 30.90 -20.54 -1.98
C ARG D 49 30.01 -19.33 -2.19
N GLU D 50 29.83 -18.54 -1.13
CA GLU D 50 29.10 -17.28 -1.22
C GLU D 50 27.67 -17.43 -1.74
N ARG D 51 26.96 -18.45 -1.25
CA ARG D 51 25.57 -18.66 -1.64
C ARG D 51 24.72 -18.96 -0.41
N LEU D 52 23.46 -18.50 -0.44
CA LEU D 52 22.52 -18.79 0.62
C LEU D 52 21.43 -19.71 0.12
N LEU D 53 21.36 -20.91 0.69
CA LEU D 53 20.36 -21.89 0.27
C LEU D 53 19.07 -21.76 1.06
N LEU D 54 17.94 -21.94 0.37
CA LEU D 54 16.64 -21.99 1.04
C LEU D 54 15.97 -23.31 0.71
N GLU D 55 15.40 -23.95 1.73
CA GLU D 55 14.77 -25.25 1.56
C GLU D 55 13.43 -25.30 2.31
N ALA D 56 12.37 -25.64 1.59
CA ALA D 56 11.05 -25.69 2.19
C ALA D 56 10.43 -27.08 2.06
N ASP D 57 9.74 -27.51 3.10
CA ASP D 57 9.05 -28.79 3.08
C ASP D 57 7.71 -28.64 2.37
N VAL D 58 7.48 -29.48 1.37
CA VAL D 58 6.27 -29.35 0.56
C VAL D 58 5.17 -30.30 1.01
N VAL D 59 5.46 -31.60 0.98
CA VAL D 59 4.46 -32.60 1.33
C VAL D 59 5.15 -33.91 1.70
N GLY D 60 4.48 -34.73 2.51
CA GLY D 60 5.04 -35.98 2.96
C GLY D 60 4.76 -37.16 2.03
N ILE D 61 5.70 -38.10 1.97
CA ILE D 61 5.59 -39.24 1.07
C ILE D 61 4.45 -40.18 1.44
N ASP D 62 3.92 -40.03 2.65
CA ASP D 62 2.86 -40.89 3.15
C ASP D 62 1.52 -40.63 2.46
N VAL D 63 1.41 -39.50 1.78
CA VAL D 63 0.16 -39.13 1.11
C VAL D 63 0.35 -39.00 -0.40
N LEU D 64 1.47 -39.50 -0.91
CA LEU D 64 1.77 -39.41 -2.33
C LEU D 64 1.44 -40.71 -3.05
N GLY D 65 0.88 -40.59 -4.26
CA GLY D 65 0.54 -41.75 -5.06
C GLY D 65 1.76 -42.34 -5.73
N GLU D 66 1.53 -43.32 -6.61
CA GLU D 66 2.62 -44.00 -7.29
C GLU D 66 3.21 -43.15 -8.40
N GLY D 67 4.48 -43.39 -8.71
CA GLY D 67 5.17 -42.68 -9.77
C GLY D 67 5.10 -41.18 -9.62
N ILE D 68 5.51 -40.69 -8.45
CA ILE D 68 5.47 -39.26 -8.17
C ILE D 68 6.86 -38.65 -8.26
N PHE D 69 7.88 -39.45 -7.97
CA PHE D 69 9.26 -38.98 -8.04
C PHE D 69 9.74 -38.89 -9.49
N ARG D 70 9.05 -39.59 -10.38
CA ARG D 70 9.39 -39.55 -11.80
C ARG D 70 8.97 -38.23 -12.41
N GLN D 71 7.81 -37.72 -11.99
CA GLN D 71 7.33 -36.42 -12.45
C GLN D 71 8.21 -35.30 -11.92
N LEU D 72 8.72 -35.47 -10.70
CA LEU D 72 9.58 -34.46 -10.09
C LEU D 72 10.94 -34.42 -10.76
N ALA D 73 11.37 -35.55 -11.31
CA ALA D 73 12.65 -35.62 -12.00
C ALA D 73 12.55 -34.92 -13.35
N SER D 74 11.35 -34.98 -13.94
CA SER D 74 11.10 -34.29 -15.19
C SER D 74 11.04 -32.78 -14.97
N PHE D 75 10.34 -32.37 -13.91
CA PHE D 75 10.26 -30.96 -13.55
C PHE D 75 11.66 -30.38 -13.33
N ASN D 76 12.53 -31.17 -12.71
CA ASN D 76 13.88 -30.72 -12.41
C ASN D 76 14.69 -30.44 -13.68
N ARG D 77 14.31 -31.08 -14.78
CA ARG D 77 14.96 -30.84 -16.07
C ARG D 77 14.66 -29.42 -16.55
N HIS D 78 13.47 -28.92 -16.23
CA HIS D 78 13.04 -27.59 -16.62
C HIS D 78 12.91 -26.68 -15.41
N TRP D 79 13.77 -26.89 -14.42
CA TRP D 79 13.70 -26.16 -13.15
C TRP D 79 13.97 -24.67 -13.35
N HIS D 80 14.72 -24.36 -14.40
CA HIS D 80 15.14 -22.99 -14.65
C HIS D 80 13.97 -22.06 -14.96
N ARG D 81 12.81 -22.64 -15.23
CA ARG D 81 11.62 -21.86 -15.52
C ARG D 81 11.07 -21.21 -14.25
N PHE D 82 11.49 -21.71 -13.09
CA PHE D 82 11.02 -21.18 -11.82
C PHE D 82 12.17 -20.91 -10.85
N ASP D 83 13.38 -21.32 -11.21
CA ASP D 83 14.53 -21.22 -10.32
C ASP D 83 14.28 -22.00 -9.04
N LEU D 84 13.66 -23.16 -9.18
CA LEU D 84 13.34 -24.03 -8.07
C LEU D 84 13.45 -25.49 -8.52
N HIS D 85 14.00 -26.35 -7.66
CA HIS D 85 14.05 -27.78 -7.98
C HIS D 85 13.70 -28.64 -6.77
N PHE D 86 13.23 -29.85 -7.03
CA PHE D 86 12.76 -30.74 -5.97
C PHE D 86 13.85 -31.63 -5.40
N GLY D 87 13.73 -31.94 -4.12
CA GLY D 87 14.61 -32.88 -3.44
C GLY D 87 13.81 -33.73 -2.49
N PHE D 88 14.48 -34.58 -1.72
CA PHE D 88 13.78 -35.45 -0.78
C PHE D 88 14.58 -35.75 0.47
N ASP D 89 13.94 -35.57 1.63
CA ASP D 89 14.54 -35.88 2.91
C ASP D 89 14.08 -37.25 3.38
N GLU D 90 14.97 -38.24 3.28
CA GLU D 90 14.64 -39.63 3.60
C GLU D 90 14.23 -39.82 5.06
N LEU D 91 14.65 -38.91 5.92
CA LEU D 91 14.40 -39.03 7.35
C LEU D 91 13.03 -38.50 7.77
N THR D 92 12.68 -37.30 7.29
CA THR D 92 11.38 -36.72 7.59
C THR D 92 10.34 -37.16 6.56
N GLY D 93 10.79 -37.90 5.55
CA GLY D 93 9.92 -38.37 4.49
C GLY D 93 9.20 -37.25 3.77
N LYS D 94 9.89 -36.13 3.59
CA LYS D 94 9.27 -34.96 2.99
C LYS D 94 9.91 -34.51 1.68
N VAL D 95 9.06 -34.32 0.67
CA VAL D 95 9.48 -33.70 -0.57
C VAL D 95 9.87 -32.26 -0.25
N GLN D 96 10.88 -31.74 -0.93
CA GLN D 96 11.37 -30.40 -0.63
C GLN D 96 11.63 -29.58 -1.90
N LEU D 97 11.49 -28.26 -1.76
CA LEU D 97 11.82 -27.33 -2.83
C LEU D 97 13.10 -26.58 -2.48
N TYR D 98 13.96 -26.37 -3.49
CA TYR D 98 15.24 -25.73 -3.26
C TYR D 98 15.40 -24.43 -4.04
N ALA D 99 15.75 -23.37 -3.32
CA ALA D 99 16.07 -22.09 -3.92
C ALA D 99 17.41 -21.63 -3.39
N GLN D 100 18.08 -20.76 -4.12
CA GLN D 100 19.34 -20.20 -3.65
C GLN D 100 19.50 -18.75 -4.05
N ILE D 101 20.33 -18.02 -3.30
CA ILE D 101 20.62 -16.63 -3.60
C ILE D 101 22.12 -16.40 -3.52
N LEU D 102 22.70 -15.88 -4.60
CA LEU D 102 24.12 -15.56 -4.63
C LEU D 102 24.40 -14.33 -3.78
N ALA D 103 25.52 -14.36 -3.05
CA ALA D 103 25.89 -13.24 -2.19
C ALA D 103 25.86 -11.91 -2.94
N ALA D 104 26.24 -11.95 -4.22
CA ALA D 104 26.26 -10.77 -5.06
C ALA D 104 24.88 -10.11 -5.17
N GLN D 105 23.83 -10.93 -5.16
CA GLN D 105 22.47 -10.43 -5.27
C GLN D 105 21.71 -10.49 -3.94
N LEU D 106 22.42 -10.84 -2.86
CA LEU D 106 21.78 -11.01 -1.56
C LEU D 106 21.41 -9.69 -0.90
N THR D 107 20.13 -9.33 -0.97
CA THR D 107 19.62 -8.14 -0.30
C THR D 107 18.38 -8.50 0.49
N LEU D 108 17.92 -7.60 1.35
CA LEU D 108 16.72 -7.83 2.14
C LEU D 108 15.51 -7.97 1.24
N GLU D 109 15.42 -7.10 0.24
CA GLU D 109 14.29 -7.11 -0.68
C GLU D 109 14.26 -8.39 -1.51
N CYS D 110 15.46 -8.87 -1.88
CA CYS D 110 15.59 -10.09 -2.65
C CYS D 110 15.29 -11.31 -1.81
N PHE D 111 15.86 -11.36 -0.60
CA PHE D 111 15.64 -12.47 0.31
C PHE D 111 14.14 -12.69 0.53
N GLU D 112 13.43 -11.63 0.86
CA GLU D 112 11.99 -11.71 1.11
C GLU D 112 11.24 -12.12 -0.15
N ALA D 113 11.64 -11.58 -1.29
CA ALA D 113 11.01 -11.92 -2.57
C ALA D 113 11.23 -13.39 -2.89
N THR D 114 12.43 -13.89 -2.61
CA THR D 114 12.77 -15.28 -2.86
C THR D 114 12.01 -16.22 -1.91
N LEU D 115 11.97 -15.86 -0.63
CA LEU D 115 11.30 -16.67 0.37
C LEU D 115 9.80 -16.76 0.12
N ALA D 116 9.18 -15.62 -0.16
CA ALA D 116 7.75 -15.56 -0.41
C ALA D 116 7.37 -16.43 -1.60
N ASN D 117 8.15 -16.31 -2.67
CA ASN D 117 7.93 -17.12 -3.86
C ASN D 117 8.10 -18.61 -3.55
N LEU D 118 9.13 -18.93 -2.78
CA LEU D 118 9.39 -20.30 -2.36
C LEU D 118 8.19 -20.89 -1.61
N LEU D 119 7.50 -20.06 -0.84
CA LEU D 119 6.33 -20.49 -0.09
C LEU D 119 5.11 -20.64 -0.99
N ASP D 120 4.90 -19.67 -1.88
CA ASP D 120 3.81 -19.74 -2.85
C ASP D 120 3.81 -21.10 -3.57
N HIS D 121 5.00 -21.53 -3.99
CA HIS D 121 5.15 -22.78 -4.71
C HIS D 121 5.02 -24.00 -3.80
N ALA D 122 5.64 -23.94 -2.63
CA ALA D 122 5.54 -25.02 -1.66
C ALA D 122 4.08 -25.30 -1.31
N GLU D 123 3.32 -24.23 -1.09
CA GLU D 123 1.91 -24.35 -0.73
C GLU D 123 1.08 -24.87 -1.90
N PHE D 124 1.54 -24.60 -3.12
CA PHE D 124 0.85 -25.07 -4.32
C PHE D 124 1.03 -26.57 -4.52
N TRP D 125 2.28 -27.01 -4.58
CA TRP D 125 2.56 -28.43 -4.76
C TRP D 125 2.06 -29.25 -3.58
N GLN D 126 2.03 -28.64 -2.41
CA GLN D 126 1.47 -29.27 -1.22
C GLN D 126 0.01 -29.61 -1.46
N ARG D 127 -0.65 -28.77 -2.24
CA ARG D 127 -2.08 -28.89 -2.49
C ARG D 127 -2.37 -29.72 -3.73
N LEU D 128 -1.35 -29.91 -4.57
CA LEU D 128 -1.54 -30.58 -5.86
C LEU D 128 -1.06 -32.04 -5.87
N LEU D 129 0.07 -32.31 -5.23
CA LEU D 129 0.70 -33.64 -5.29
C LEU D 129 -0.04 -34.78 -4.57
N PRO D 130 -0.69 -34.48 -3.43
CA PRO D 130 -1.34 -35.57 -2.69
C PRO D 130 -2.28 -36.42 -3.54
N CYS D 131 -2.31 -37.72 -3.25
CA CYS D 131 -3.12 -38.67 -4.03
C CYS D 131 -4.60 -38.60 -3.67
N ALA D 132 -4.90 -38.61 -2.38
CA ALA D 132 -6.28 -38.55 -1.91
C ALA D 132 -6.82 -37.13 -1.98
N SER D 133 -8.11 -37.00 -2.23
CA SER D 133 -8.75 -35.70 -2.37
C SER D 133 -8.58 -34.85 -1.11
N MET E 1 25.73 -6.07 -28.94
CA MET E 1 25.90 -7.52 -28.86
C MET E 1 24.82 -8.17 -28.00
N ASP E 2 23.88 -8.84 -28.64
CA ASP E 2 22.85 -9.59 -27.93
C ASP E 2 23.50 -10.76 -27.18
N LEU E 3 22.69 -11.48 -26.42
CA LEU E 3 23.22 -12.57 -25.60
C LEU E 3 23.74 -13.74 -26.45
N THR E 4 23.21 -13.85 -27.67
CA THR E 4 23.61 -14.94 -28.57
C THR E 4 24.99 -14.72 -29.15
N SER E 5 25.32 -13.47 -29.46
CA SER E 5 26.64 -13.15 -30.00
C SER E 5 27.71 -13.30 -28.92
N LYS E 6 27.35 -12.94 -27.68
CA LYS E 6 28.27 -13.06 -26.57
C LYS E 6 28.67 -14.51 -26.33
N VAL E 7 27.68 -15.40 -26.36
CA VAL E 7 27.96 -16.83 -26.16
C VAL E 7 28.79 -17.38 -27.31
N ASN E 8 28.41 -17.02 -28.54
CA ASN E 8 29.16 -17.45 -29.72
C ASN E 8 30.61 -16.98 -29.67
N ARG E 9 30.83 -15.82 -29.07
CA ARG E 9 32.19 -15.32 -28.86
C ARG E 9 32.90 -16.15 -27.80
N LEU E 10 32.21 -16.45 -26.70
CA LEU E 10 32.77 -17.28 -25.64
C LEU E 10 33.14 -18.67 -26.14
N LEU E 11 32.21 -19.31 -26.83
CA LEU E 11 32.43 -20.65 -27.35
C LEU E 11 33.59 -20.69 -28.34
N ALA E 12 33.75 -19.60 -29.10
CA ALA E 12 34.84 -19.48 -30.05
C ALA E 12 36.19 -19.46 -29.34
N GLU E 13 36.28 -18.66 -28.27
CA GLU E 13 37.50 -18.60 -27.47
C GLU E 13 37.78 -19.96 -26.84
N PHE E 14 36.80 -20.50 -26.13
CA PHE E 14 36.93 -21.79 -25.47
C PHE E 14 37.39 -22.88 -26.43
N ALA E 15 36.80 -22.91 -27.62
CA ALA E 15 37.17 -23.90 -28.63
C ALA E 15 38.65 -23.76 -29.01
N GLY E 16 39.12 -22.52 -29.06
CA GLY E 16 40.52 -22.27 -29.40
C GLY E 16 41.48 -22.73 -28.31
N ARG E 17 41.11 -22.51 -27.06
CA ARG E 17 41.95 -22.90 -25.93
C ARG E 17 41.89 -24.40 -25.68
N ILE E 18 40.71 -24.98 -25.88
CA ILE E 18 40.52 -26.41 -25.69
C ILE E 18 41.13 -27.22 -26.83
N GLY E 19 41.15 -26.63 -28.02
CA GLY E 19 41.73 -27.30 -29.18
C GLY E 19 40.70 -27.75 -30.19
N LEU E 20 39.44 -27.36 -29.98
CA LEU E 20 38.38 -27.68 -30.91
C LEU E 20 38.49 -26.84 -32.17
N PRO E 21 38.25 -27.45 -33.34
CA PRO E 21 38.29 -26.73 -34.62
C PRO E 21 37.30 -25.57 -34.60
N SER E 22 36.10 -25.81 -34.09
CA SER E 22 35.08 -24.77 -34.04
C SER E 22 34.00 -25.10 -33.01
N LEU E 23 33.40 -24.06 -32.43
CA LEU E 23 32.29 -24.23 -31.51
C LEU E 23 31.32 -23.06 -31.67
N SER E 24 30.03 -23.36 -31.76
CA SER E 24 29.02 -22.32 -31.90
C SER E 24 27.63 -22.90 -31.67
N LEU E 25 26.65 -22.01 -31.49
CA LEU E 25 25.27 -22.44 -31.32
C LEU E 25 24.64 -22.77 -32.67
N ASP E 26 23.66 -23.66 -32.65
CA ASP E 26 22.92 -23.98 -33.86
C ASP E 26 21.64 -23.15 -33.93
N GLU E 27 20.72 -23.52 -34.82
CA GLU E 27 19.47 -22.78 -34.96
C GLU E 27 18.63 -22.90 -33.70
N GLU E 28 18.78 -24.02 -33.01
CA GLU E 28 18.05 -24.27 -31.77
C GLU E 28 18.67 -23.51 -30.61
N GLY E 29 19.91 -23.07 -30.79
CA GLY E 29 20.65 -22.39 -29.75
C GLY E 29 21.37 -23.39 -28.86
N MET E 30 21.79 -24.51 -29.45
CA MET E 30 22.41 -25.58 -28.70
C MET E 30 23.81 -25.91 -29.21
N ALA E 31 24.55 -26.68 -28.40
CA ALA E 31 25.88 -27.16 -28.77
C ALA E 31 26.17 -28.43 -27.99
N SER E 32 26.72 -29.43 -28.67
CA SER E 32 26.97 -30.72 -28.06
C SER E 32 28.45 -31.07 -28.02
N LEU E 33 28.89 -31.63 -26.89
CA LEU E 33 30.28 -32.00 -26.71
C LEU E 33 30.39 -33.38 -26.07
N LEU E 34 31.51 -34.06 -26.31
CA LEU E 34 31.74 -35.37 -25.74
C LEU E 34 33.15 -35.47 -25.18
N PHE E 35 33.25 -35.54 -23.86
CA PHE E 35 34.54 -35.57 -23.19
C PHE E 35 34.99 -36.99 -22.89
N ASP E 36 36.23 -37.30 -23.25
CA ASP E 36 36.83 -38.60 -22.98
C ASP E 36 35.99 -39.75 -23.52
N GLU E 37 35.23 -39.49 -24.58
CA GLU E 37 34.41 -40.53 -25.22
C GLU E 37 33.45 -41.19 -24.23
N GLN E 38 33.15 -40.49 -23.14
CA GLN E 38 32.32 -41.07 -22.09
C GLN E 38 31.18 -40.15 -21.66
N VAL E 39 31.53 -38.94 -21.21
CA VAL E 39 30.53 -38.01 -20.71
C VAL E 39 30.10 -37.02 -21.79
N GLY E 40 28.80 -37.00 -22.09
CA GLY E 40 28.25 -36.11 -23.09
C GLY E 40 27.59 -34.88 -22.49
N VAL E 41 27.98 -33.71 -22.96
CA VAL E 41 27.44 -32.45 -22.46
C VAL E 41 26.70 -31.69 -23.55
N THR E 42 25.57 -31.11 -23.19
CA THR E 42 24.77 -30.33 -24.13
C THR E 42 24.49 -28.93 -23.59
N LEU E 43 24.92 -27.92 -24.34
CA LEU E 43 24.71 -26.53 -23.95
C LEU E 43 23.44 -26.00 -24.58
N LEU E 44 22.71 -25.16 -23.84
CA LEU E 44 21.46 -24.61 -24.34
C LEU E 44 21.33 -23.14 -23.94
N LEU E 45 21.06 -22.28 -24.91
CA LEU E 45 20.94 -20.85 -24.64
C LEU E 45 19.51 -20.37 -24.71
N LEU E 46 19.05 -19.77 -23.61
CA LEU E 46 17.73 -19.15 -23.56
C LEU E 46 17.91 -17.64 -23.50
N ALA E 47 17.83 -16.99 -24.65
CA ALA E 47 18.09 -15.54 -24.72
C ALA E 47 17.06 -14.72 -23.96
N GLU E 48 15.78 -15.02 -24.20
CA GLU E 48 14.71 -14.26 -23.57
C GLU E 48 14.79 -14.32 -22.05
N ARG E 49 15.24 -15.46 -21.54
CA ARG E 49 15.39 -15.65 -20.09
C ARG E 49 16.80 -15.35 -19.61
N GLU E 50 17.65 -14.90 -20.51
CA GLU E 50 19.00 -14.46 -20.17
C GLU E 50 19.76 -15.46 -19.32
N ARG E 51 19.99 -16.66 -19.86
CA ARG E 51 20.76 -17.67 -19.14
C ARG E 51 21.23 -18.82 -20.03
N LEU E 52 22.33 -19.44 -19.61
CA LEU E 52 22.91 -20.57 -20.33
C LEU E 52 22.74 -21.85 -19.54
N LEU E 53 22.22 -22.89 -20.19
CA LEU E 53 21.99 -24.17 -19.52
C LEU E 53 23.03 -25.22 -19.91
N LEU E 54 23.45 -26.01 -18.94
CA LEU E 54 24.37 -27.11 -19.20
C LEU E 54 23.75 -28.43 -18.76
N GLU E 55 23.78 -29.43 -19.64
CA GLU E 55 23.23 -30.74 -19.33
C GLU E 55 24.28 -31.83 -19.54
N ALA E 56 24.48 -32.66 -18.52
CA ALA E 56 25.40 -33.78 -18.64
C ALA E 56 24.65 -35.09 -18.48
N ASP E 57 24.68 -35.93 -19.51
CA ASP E 57 24.02 -37.24 -19.43
C ASP E 57 24.85 -38.18 -18.57
N VAL E 58 24.21 -38.77 -17.58
CA VAL E 58 24.90 -39.65 -16.63
C VAL E 58 24.73 -41.11 -16.99
N VAL E 59 23.51 -41.62 -16.92
CA VAL E 59 23.24 -43.04 -17.13
C VAL E 59 21.83 -43.28 -17.68
N GLY E 60 21.67 -44.34 -18.46
CA GLY E 60 20.37 -44.71 -19.00
C GLY E 60 19.48 -45.36 -17.95
N ILE E 61 18.17 -45.24 -18.15
CA ILE E 61 17.19 -45.73 -17.18
C ILE E 61 17.14 -47.26 -17.13
N ASP E 62 17.47 -47.91 -18.24
CA ASP E 62 17.39 -49.37 -18.34
C ASP E 62 18.28 -50.06 -17.31
N VAL E 63 19.58 -49.75 -17.33
CA VAL E 63 20.53 -50.39 -16.42
C VAL E 63 20.20 -50.07 -14.97
N LEU E 64 19.35 -49.06 -14.76
CA LEU E 64 18.95 -48.66 -13.42
C LEU E 64 17.76 -49.48 -12.94
N GLY E 65 17.69 -49.68 -11.62
CA GLY E 65 16.55 -50.37 -11.04
C GLY E 65 15.45 -49.39 -10.70
N GLU E 66 14.22 -49.88 -10.62
CA GLU E 66 13.08 -49.00 -10.33
C GLU E 66 13.18 -48.48 -8.90
N GLY E 67 12.59 -47.31 -8.66
CA GLY E 67 12.73 -46.63 -7.39
C GLY E 67 13.97 -45.77 -7.42
N ILE E 68 14.45 -45.50 -8.64
CA ILE E 68 15.64 -44.69 -8.83
C ILE E 68 15.33 -43.21 -8.77
N PHE E 69 14.11 -42.85 -9.16
CA PHE E 69 13.69 -41.45 -9.16
C PHE E 69 13.59 -40.88 -7.76
N ARG E 70 13.22 -41.73 -6.80
CA ARG E 70 13.18 -41.33 -5.40
C ARG E 70 14.59 -41.06 -4.88
N GLN E 71 15.54 -41.87 -5.34
CA GLN E 71 16.94 -41.70 -4.95
C GLN E 71 17.52 -40.42 -5.54
N LEU E 72 17.10 -40.08 -6.75
CA LEU E 72 17.59 -38.86 -7.40
C LEU E 72 17.21 -37.63 -6.57
N ALA E 73 15.95 -37.57 -6.16
CA ALA E 73 15.49 -36.48 -5.31
C ALA E 73 16.27 -36.47 -4.00
N SER E 74 16.59 -37.67 -3.50
CA SER E 74 17.37 -37.79 -2.29
C SER E 74 18.80 -37.29 -2.52
N PHE E 75 19.35 -37.62 -3.69
CA PHE E 75 20.68 -37.15 -4.06
C PHE E 75 20.72 -35.63 -4.14
N ASN E 76 19.62 -35.03 -4.59
CA ASN E 76 19.56 -33.59 -4.75
C ASN E 76 19.71 -32.83 -3.43
N ARG E 77 19.15 -33.40 -2.37
CA ARG E 77 19.25 -32.78 -1.06
C ARG E 77 20.70 -32.66 -0.61
N HIS E 78 21.51 -33.66 -0.93
CA HIS E 78 22.91 -33.68 -0.51
C HIS E 78 23.83 -33.07 -1.56
N TRP E 79 23.30 -32.82 -2.76
CA TRP E 79 24.10 -32.25 -3.83
C TRP E 79 23.77 -30.78 -4.07
N HIS E 80 22.85 -30.26 -3.27
CA HIS E 80 22.46 -28.86 -3.35
C HIS E 80 23.65 -27.97 -2.97
N ARG E 81 24.66 -28.58 -2.39
CA ARG E 81 25.86 -27.87 -1.98
C ARG E 81 26.81 -27.63 -3.15
N PHE E 82 26.74 -28.50 -4.15
CA PHE E 82 27.65 -28.44 -5.29
C PHE E 82 27.07 -27.68 -6.49
N ASP E 83 25.92 -27.05 -6.27
CA ASP E 83 25.28 -26.29 -7.34
C ASP E 83 24.91 -27.19 -8.51
N LEU E 84 24.49 -28.40 -8.20
CA LEU E 84 24.09 -29.38 -9.21
C LEU E 84 22.88 -30.18 -8.72
N HIS E 85 22.11 -30.70 -9.65
CA HIS E 85 20.97 -31.53 -9.30
C HIS E 85 20.62 -32.49 -10.43
N PHE E 86 19.90 -33.55 -10.09
CA PHE E 86 19.51 -34.55 -11.08
C PHE E 86 18.14 -34.26 -11.67
N GLY E 87 17.88 -34.84 -12.82
CA GLY E 87 16.60 -34.72 -13.49
C GLY E 87 16.45 -35.85 -14.48
N PHE E 88 15.30 -35.90 -15.16
CA PHE E 88 15.03 -36.97 -16.10
C PHE E 88 14.49 -36.43 -17.42
N ASP E 89 14.89 -37.05 -18.52
CA ASP E 89 14.36 -36.72 -19.82
C ASP E 89 13.51 -37.88 -20.33
N GLU E 90 12.19 -37.73 -20.24
CA GLU E 90 11.27 -38.80 -20.62
C GLU E 90 11.50 -39.29 -22.05
N LEU E 91 12.00 -38.42 -22.91
CA LEU E 91 12.21 -38.76 -24.31
C LEU E 91 13.37 -39.74 -24.53
N THR E 92 14.54 -39.38 -24.00
CA THR E 92 15.73 -40.20 -24.20
C THR E 92 15.94 -41.21 -23.07
N GLY E 93 15.20 -41.03 -21.99
CA GLY E 93 15.31 -41.92 -20.84
C GLY E 93 16.69 -41.87 -20.20
N LYS E 94 17.21 -40.66 -20.04
CA LYS E 94 18.54 -40.48 -19.47
C LYS E 94 18.51 -39.60 -18.22
N VAL E 95 19.04 -40.13 -17.12
CA VAL E 95 19.26 -39.32 -15.93
C VAL E 95 20.35 -38.30 -16.23
N GLN E 96 20.17 -37.06 -15.79
CA GLN E 96 21.11 -36.00 -16.14
C GLN E 96 21.46 -35.08 -14.98
N LEU E 97 22.64 -34.47 -15.06
CA LEU E 97 23.04 -33.43 -14.11
C LEU E 97 22.90 -32.06 -14.78
N TYR E 98 22.23 -31.15 -14.10
CA TYR E 98 21.94 -29.85 -14.68
C TYR E 98 22.65 -28.70 -13.96
N ALA E 99 23.14 -27.74 -14.74
CA ALA E 99 23.72 -26.52 -14.20
C ALA E 99 23.34 -25.35 -15.10
N GLN E 100 23.27 -24.15 -14.52
CA GLN E 100 22.95 -22.97 -15.31
C GLN E 100 23.80 -21.77 -14.92
N ILE E 101 24.10 -20.92 -15.90
CA ILE E 101 24.84 -19.70 -15.66
C ILE E 101 23.99 -18.51 -16.08
N LEU E 102 23.51 -17.74 -15.11
CA LEU E 102 22.74 -16.54 -15.41
C LEU E 102 23.62 -15.54 -16.14
N ALA E 103 23.03 -14.76 -17.04
CA ALA E 103 23.79 -13.82 -17.84
C ALA E 103 24.62 -12.85 -16.99
N ALA E 104 24.25 -12.73 -15.71
CA ALA E 104 24.96 -11.86 -14.79
C ALA E 104 26.38 -12.33 -14.56
N GLN E 105 26.55 -13.62 -14.26
CA GLN E 105 27.86 -14.17 -13.94
C GLN E 105 28.53 -14.86 -15.12
N LEU E 106 28.03 -14.62 -16.33
CA LEU E 106 28.53 -15.29 -17.52
C LEU E 106 29.85 -14.71 -18.02
N THR E 107 30.93 -15.46 -17.81
CA THR E 107 32.24 -15.08 -18.33
C THR E 107 32.95 -16.33 -18.85
N LEU E 108 34.07 -16.15 -19.53
CA LEU E 108 34.82 -17.27 -20.06
C LEU E 108 35.32 -18.17 -18.94
N GLU E 109 35.74 -17.56 -17.84
CA GLU E 109 36.28 -18.29 -16.71
C GLU E 109 35.18 -18.98 -15.91
N CYS E 110 34.03 -18.33 -15.81
CA CYS E 110 32.88 -18.91 -15.12
C CYS E 110 32.34 -20.11 -15.91
N PHE E 111 32.24 -19.94 -17.22
CA PHE E 111 31.77 -21.02 -18.09
C PHE E 111 32.63 -22.27 -17.96
N GLU E 112 33.94 -22.09 -18.03
CA GLU E 112 34.87 -23.21 -17.95
C GLU E 112 34.88 -23.86 -16.57
N ALA E 113 34.79 -23.05 -15.52
CA ALA E 113 34.76 -23.56 -14.16
C ALA E 113 33.49 -24.37 -13.90
N THR E 114 32.38 -23.89 -14.44
CA THR E 114 31.10 -24.59 -14.31
C THR E 114 31.10 -25.88 -15.12
N LEU E 115 31.71 -25.83 -16.30
CA LEU E 115 31.78 -26.99 -17.18
C LEU E 115 32.70 -28.06 -16.59
N ALA E 116 33.81 -27.61 -15.99
CA ALA E 116 34.76 -28.52 -15.38
C ALA E 116 34.13 -29.24 -14.19
N ASN E 117 33.31 -28.51 -13.45
CA ASN E 117 32.63 -29.07 -12.29
C ASN E 117 31.61 -30.13 -12.72
N LEU E 118 30.76 -29.75 -13.66
CA LEU E 118 29.75 -30.66 -14.20
C LEU E 118 30.37 -31.97 -14.66
N LEU E 119 31.47 -31.87 -15.40
CA LEU E 119 32.16 -33.06 -15.90
C LEU E 119 32.71 -33.92 -14.77
N ASP E 120 33.15 -33.27 -13.69
CA ASP E 120 33.72 -33.97 -12.56
C ASP E 120 32.68 -34.83 -11.83
N HIS E 121 31.52 -34.25 -11.57
CA HIS E 121 30.44 -34.94 -10.86
C HIS E 121 29.75 -35.98 -11.74
N ALA E 122 29.52 -35.65 -13.00
CA ALA E 122 28.93 -36.58 -13.94
C ALA E 122 29.81 -37.82 -14.07
N GLU E 123 31.13 -37.59 -14.10
CA GLU E 123 32.09 -38.67 -14.19
C GLU E 123 32.10 -39.48 -12.91
N PHE E 124 31.74 -38.82 -11.81
CA PHE E 124 31.73 -39.46 -10.50
C PHE E 124 30.54 -40.41 -10.33
N TRP E 125 29.41 -40.05 -10.92
CA TRP E 125 28.20 -40.85 -10.80
C TRP E 125 28.16 -42.01 -11.79
N GLN E 126 28.79 -41.82 -12.95
CA GLN E 126 28.85 -42.88 -13.95
C GLN E 126 29.55 -44.12 -13.39
N ARG E 127 30.28 -43.93 -12.30
CA ARG E 127 31.04 -45.02 -11.68
C ARG E 127 30.27 -45.63 -10.52
N LEU E 128 29.17 -44.99 -10.13
CA LEU E 128 28.36 -45.48 -9.02
C LEU E 128 26.94 -45.85 -9.47
N LEU E 129 26.74 -45.93 -10.78
CA LEU E 129 25.43 -46.26 -11.32
C LEU E 129 25.55 -47.21 -12.52
N PRO E 130 25.04 -48.44 -12.38
CA PRO E 130 24.44 -48.95 -11.14
C PRO E 130 25.49 -49.25 -10.07
N GLY F 1 5.88 -19.63 29.59
CA GLY F 1 6.90 -19.46 28.57
C GLY F 1 6.33 -19.58 27.17
N THR F 2 5.67 -18.52 26.70
CA THR F 2 5.06 -18.51 25.38
C THR F 2 6.06 -18.08 24.30
N GLU F 3 5.97 -18.70 23.13
CA GLU F 3 6.87 -18.40 22.03
C GLU F 3 6.36 -17.21 21.20
N ALA F 4 7.29 -16.50 20.58
CA ALA F 4 6.95 -15.37 19.73
C ALA F 4 6.40 -15.86 18.38
N VAL F 5 5.40 -15.15 17.86
CA VAL F 5 4.81 -15.50 16.58
C VAL F 5 4.88 -14.34 15.61
N GLY F 6 5.79 -14.43 14.66
CA GLY F 6 5.93 -13.41 13.63
C GLY F 6 4.86 -13.53 12.56
N HIS F 7 4.93 -12.66 11.56
CA HIS F 7 3.98 -12.67 10.46
C HIS F 7 4.68 -12.24 9.17
N PHE F 8 4.43 -12.97 8.09
CA PHE F 8 5.11 -12.70 6.82
C PHE F 8 4.23 -13.14 5.64
N GLU F 9 3.75 -12.15 4.89
CA GLU F 9 2.96 -12.42 3.69
C GLU F 9 1.75 -13.31 3.97
N GLY F 10 1.01 -12.99 5.02
CA GLY F 10 -0.21 -13.71 5.35
C GLY F 10 0.03 -15.07 5.97
N ARG F 11 1.24 -15.29 6.48
CA ARG F 11 1.60 -16.55 7.11
C ARG F 11 2.18 -16.30 8.50
N SER F 12 1.76 -17.09 9.48
CA SER F 12 2.34 -17.00 10.81
C SER F 12 3.73 -17.61 10.80
N VAL F 13 4.63 -17.08 11.63
CA VAL F 13 6.01 -17.56 11.67
C VAL F 13 6.49 -17.81 13.10
N THR F 14 7.19 -18.92 13.31
CA THR F 14 7.86 -19.18 14.58
C THR F 14 9.24 -19.79 14.34
N ARG F 15 10.18 -19.50 15.23
CA ARG F 15 11.51 -20.09 15.16
C ARG F 15 11.37 -21.60 15.32
N ALA F 16 12.28 -22.34 14.70
CA ALA F 16 12.21 -23.80 14.75
C ALA F 16 13.60 -24.42 14.86
N ALA F 17 13.71 -25.50 15.64
CA ALA F 17 14.97 -26.21 15.76
C ALA F 17 15.47 -26.59 14.38
N VAL F 18 16.78 -26.58 14.21
CA VAL F 18 17.39 -26.87 12.92
C VAL F 18 17.51 -28.37 12.70
N ARG F 19 16.40 -29.00 12.34
CA ARG F 19 16.44 -30.40 11.94
C ARG F 19 17.37 -30.51 10.74
N GLY F 20 18.44 -31.28 10.90
CA GLY F 20 19.42 -31.41 9.84
C GLY F 20 20.34 -32.62 10.01
N GLU F 21 21.02 -32.97 8.92
CA GLU F 21 21.99 -34.06 8.94
C GLU F 21 23.31 -33.55 8.35
N ASP F 22 24.38 -34.33 8.55
CA ASP F 22 25.69 -33.92 8.08
C ASP F 22 25.72 -33.74 6.57
N ARG F 23 25.73 -32.49 6.13
CA ARG F 23 25.77 -32.16 4.71
C ARG F 23 26.91 -31.19 4.45
N SER F 24 27.80 -31.06 5.44
CA SER F 24 28.91 -30.11 5.36
C SER F 24 30.25 -30.81 5.44
N SER F 25 30.22 -32.14 5.48
CA SER F 25 31.44 -32.92 5.63
C SER F 25 31.66 -33.91 4.49
N VAL F 26 32.91 -34.28 4.28
CA VAL F 26 33.25 -35.28 3.27
C VAL F 26 32.97 -36.68 3.79
N ALA F 27 33.20 -36.89 5.08
CA ALA F 27 32.94 -38.18 5.71
C ALA F 27 31.45 -38.44 5.82
N GLY F 28 30.70 -37.40 6.20
CA GLY F 28 29.26 -37.50 6.30
C GLY F 28 28.63 -37.85 4.97
N LEU F 29 29.21 -37.33 3.89
CA LEU F 29 28.74 -37.63 2.54
C LEU F 29 29.18 -39.04 2.11
N ALA F 30 30.47 -39.31 2.23
CA ALA F 30 31.01 -40.61 1.80
C ALA F 30 30.30 -41.76 2.49
N ARG F 31 30.06 -41.62 3.79
CA ARG F 31 29.40 -42.65 4.57
C ARG F 31 27.90 -42.73 4.26
N TRP F 32 27.34 -41.63 3.79
CA TRP F 32 25.93 -41.58 3.42
C TRP F 32 25.68 -42.30 2.09
N LEU F 33 26.64 -42.16 1.17
CA LEU F 33 26.53 -42.79 -0.14
C LEU F 33 26.50 -44.31 -0.05
N ALA F 34 27.38 -44.85 0.80
CA ALA F 34 27.49 -46.31 0.95
C ALA F 34 26.17 -46.94 1.42
N ARG F 35 25.36 -46.18 2.13
CA ARG F 35 24.09 -46.69 2.65
C ARG F 35 22.96 -46.63 1.63
N ASN F 36 23.14 -45.85 0.56
CA ASN F 36 22.09 -45.67 -0.42
C ASN F 36 22.46 -46.10 -1.85
N VAL F 37 23.74 -46.32 -2.09
CA VAL F 37 24.21 -46.79 -3.39
C VAL F 37 25.18 -47.96 -3.26
N GLU F 44 35.68 -42.02 -0.92
CA GLU F 44 36.02 -40.92 -0.01
C GLU F 44 37.15 -40.08 -0.57
N GLN F 45 38.12 -40.74 -1.19
CA GLN F 45 39.27 -40.05 -1.78
C GLN F 45 38.88 -39.39 -3.10
N ALA F 46 37.89 -39.95 -3.77
CA ALA F 46 37.39 -39.38 -5.02
C ALA F 46 36.47 -38.19 -4.72
N LEU F 47 35.79 -38.25 -3.59
CA LEU F 47 34.88 -37.18 -3.18
C LEU F 47 35.67 -36.06 -2.50
N GLN F 48 36.80 -36.41 -1.89
CA GLN F 48 37.67 -35.44 -1.26
C GLN F 48 38.16 -34.38 -2.24
N ARG F 49 38.45 -34.81 -3.46
CA ARG F 49 38.95 -33.91 -4.50
C ARG F 49 37.84 -33.00 -5.01
N LEU F 50 36.61 -33.52 -5.07
CA LEU F 50 35.47 -32.76 -5.55
C LEU F 50 34.92 -31.81 -4.49
N ALA F 51 35.15 -32.16 -3.22
CA ALA F 51 34.68 -31.35 -2.10
C ALA F 51 35.56 -30.12 -1.91
N ASP F 52 36.85 -30.27 -2.18
CA ASP F 52 37.79 -29.17 -2.07
C ASP F 52 37.82 -28.32 -3.34
N GLY F 53 37.30 -28.89 -4.43
CA GLY F 53 37.21 -28.18 -5.69
C GLY F 53 38.30 -28.56 -6.68
N ASP F 54 39.36 -29.18 -6.18
CA ASP F 54 40.49 -29.56 -7.02
C ASP F 54 40.19 -30.86 -7.78
N GLY F 55 39.61 -30.72 -8.96
CA GLY F 55 39.28 -31.87 -9.79
C GLY F 55 40.04 -31.89 -11.10
N THR F 56 39.68 -32.81 -11.98
CA THR F 56 40.36 -32.95 -13.28
C THR F 56 40.22 -31.69 -14.12
N PRO F 57 41.36 -31.08 -14.49
CA PRO F 57 41.36 -29.88 -15.34
C PRO F 57 40.83 -30.20 -16.72
N LEU F 58 40.40 -29.17 -17.45
CA LEU F 58 39.88 -29.37 -18.81
C LEU F 58 41.00 -29.73 -19.78
N GLU F 59 42.24 -29.48 -19.39
CA GLU F 59 43.39 -29.80 -20.23
C GLU F 59 43.53 -31.30 -20.46
N ALA F 60 43.21 -32.08 -19.42
CA ALA F 60 43.35 -33.53 -19.48
C ALA F 60 42.16 -34.20 -20.17
N ARG F 61 41.12 -33.41 -20.43
CA ARG F 61 39.93 -33.92 -21.10
C ARG F 61 40.14 -33.94 -22.61
N THR F 62 39.69 -35.02 -23.24
CA THR F 62 39.68 -35.10 -24.70
C THR F 62 38.30 -34.69 -25.20
N VAL F 63 38.25 -33.75 -26.14
CA VAL F 63 36.98 -33.21 -26.59
C VAL F 63 36.78 -33.37 -28.10
N ARG F 64 35.60 -33.85 -28.48
CA ARG F 64 35.21 -33.87 -29.89
C ARG F 64 33.76 -33.41 -30.02
N ARG F 65 33.52 -32.43 -30.88
CA ARG F 65 32.18 -31.89 -31.08
C ARG F 65 31.24 -32.98 -31.57
N ARG F 66 29.94 -32.79 -31.33
CA ARG F 66 28.96 -33.82 -31.64
C ARG F 66 27.65 -33.19 -32.12
N MET G 1 1.41 14.13 33.01
CA MET G 1 2.55 14.01 32.12
C MET G 1 3.23 15.35 31.88
N ASP G 2 4.56 15.34 31.89
CA ASP G 2 5.35 16.50 31.46
C ASP G 2 5.71 16.31 30.00
N LEU G 3 6.57 17.18 29.47
CA LEU G 3 6.96 17.11 28.07
C LEU G 3 7.86 15.89 27.83
N THR G 4 8.73 15.60 28.80
CA THR G 4 9.64 14.47 28.68
C THR G 4 8.90 13.14 28.57
N SER G 5 7.80 13.01 29.32
CA SER G 5 7.03 11.78 29.31
C SER G 5 6.26 11.58 28.01
N LYS G 6 5.77 12.68 27.43
CA LYS G 6 5.05 12.61 26.17
C LYS G 6 5.97 12.18 25.04
N VAL G 7 7.19 12.67 25.04
CA VAL G 7 8.17 12.30 24.03
C VAL G 7 8.55 10.83 24.15
N ASN G 8 8.83 10.39 25.37
CA ASN G 8 9.13 8.97 25.62
C ASN G 8 7.97 8.07 25.23
N ARG G 9 6.75 8.56 25.43
CA ARG G 9 5.55 7.83 25.04
C ARG G 9 5.48 7.75 23.53
N LEU G 10 6.06 8.74 22.87
CA LEU G 10 6.11 8.80 21.42
C LEU G 10 7.19 7.87 20.88
N LEU G 11 8.38 7.95 21.46
CA LEU G 11 9.50 7.14 21.02
C LEU G 11 9.26 5.66 21.28
N ALA G 12 8.40 5.37 22.24
CA ALA G 12 8.05 3.98 22.55
C ALA G 12 7.13 3.40 21.48
N GLU G 13 6.17 4.21 21.05
CA GLU G 13 5.26 3.80 19.99
C GLU G 13 6.03 3.69 18.68
N PHE G 14 7.01 4.58 18.50
CA PHE G 14 7.83 4.59 17.30
C PHE G 14 8.72 3.36 17.24
N ALA G 15 9.37 3.04 18.35
CA ALA G 15 10.24 1.86 18.42
C ALA G 15 9.49 0.60 18.03
N GLY G 16 8.27 0.45 18.54
CA GLY G 16 7.45 -0.71 18.26
C GLY G 16 7.11 -0.85 16.79
N ARG G 17 6.90 0.27 16.11
CA ARG G 17 6.53 0.26 14.70
C ARG G 17 7.71 -0.14 13.82
N ILE G 18 8.91 0.32 14.19
CA ILE G 18 10.11 0.06 13.39
C ILE G 18 10.85 -1.20 13.81
N GLY G 19 10.46 -1.78 14.94
CA GLY G 19 11.00 -3.06 15.35
C GLY G 19 12.12 -3.03 16.37
N LEU G 20 12.21 -1.93 17.12
CA LEU G 20 13.20 -1.83 18.19
C LEU G 20 12.55 -2.12 19.54
N PRO G 21 13.30 -2.79 20.43
CA PRO G 21 12.82 -3.19 21.76
C PRO G 21 12.30 -1.99 22.55
N SER G 22 13.00 -0.86 22.49
CA SER G 22 12.59 0.33 23.21
C SER G 22 13.32 1.57 22.71
N LEU G 23 12.85 2.74 23.11
CA LEU G 23 13.49 4.00 22.77
C LEU G 23 13.10 5.08 23.79
N SER G 24 14.10 5.73 24.36
CA SER G 24 13.85 6.75 25.39
C SER G 24 15.02 7.72 25.51
N LEU G 25 14.74 8.91 26.04
CA LEU G 25 15.75 9.93 26.25
C LEU G 25 16.58 9.64 27.51
N ASP G 26 17.88 9.90 27.43
CA ASP G 26 18.75 9.75 28.59
C ASP G 26 18.58 10.93 29.55
N GLU G 27 19.45 11.00 30.55
CA GLU G 27 19.40 12.06 31.54
C GLU G 27 19.55 13.43 30.89
N GLU G 28 20.30 13.48 29.81
CA GLU G 28 20.55 14.73 29.10
C GLU G 28 19.41 15.05 28.13
N GLY G 29 18.45 14.15 28.05
CA GLY G 29 17.32 14.32 27.14
C GLY G 29 17.66 14.00 25.70
N MET G 30 18.63 13.10 25.51
CA MET G 30 19.09 12.77 24.17
C MET G 30 18.87 11.29 23.82
N ALA G 31 18.85 11.00 22.52
CA ALA G 31 18.73 9.64 22.03
C ALA G 31 19.29 9.58 20.60
N SER G 32 20.07 8.55 20.31
CA SER G 32 20.72 8.44 19.01
C SER G 32 20.30 7.20 18.23
N LEU G 33 20.29 7.33 16.90
CA LEU G 33 19.98 6.22 16.03
C LEU G 33 20.98 6.17 14.87
N LEU G 34 21.16 5.00 14.28
CA LEU G 34 22.03 4.85 13.13
C LEU G 34 21.29 4.16 11.99
N PHE G 35 21.17 4.86 10.86
CA PHE G 35 20.44 4.34 9.72
C PHE G 35 21.37 3.83 8.63
N ASP G 36 21.14 2.60 8.17
CA ASP G 36 21.91 2.01 7.09
C ASP G 36 23.40 1.89 7.42
N GLU G 37 23.73 1.91 8.70
CA GLU G 37 25.12 1.83 9.14
C GLU G 37 25.97 2.99 8.62
N GLN G 38 25.33 4.08 8.20
CA GLN G 38 26.05 5.19 7.61
C GLN G 38 25.59 6.56 8.10
N VAL G 39 24.28 6.73 8.23
CA VAL G 39 23.71 8.02 8.63
C VAL G 39 23.28 8.05 10.09
N GLY G 40 24.08 8.69 10.93
CA GLY G 40 23.75 8.83 12.34
C GLY G 40 22.79 9.98 12.57
N VAL G 41 21.85 9.78 13.48
CA VAL G 41 20.89 10.83 13.85
C VAL G 41 20.75 10.92 15.37
N THR G 42 20.61 12.14 15.87
CA THR G 42 20.47 12.36 17.30
C THR G 42 19.21 13.15 17.62
N LEU G 43 18.53 12.79 18.71
CA LEU G 43 17.33 13.48 19.14
C LEU G 43 17.58 14.24 20.44
N LEU G 44 17.31 15.55 20.41
CA LEU G 44 17.53 16.41 21.55
C LEU G 44 16.24 17.08 21.99
N LEU G 45 15.84 16.86 23.24
CA LEU G 45 14.64 17.50 23.78
C LEU G 45 14.99 18.79 24.52
N LEU G 46 14.44 19.90 24.03
CA LEU G 46 14.61 21.18 24.70
C LEU G 46 13.37 21.52 25.51
N ALA G 47 13.36 21.12 26.77
CA ALA G 47 12.22 21.33 27.64
C ALA G 47 11.88 22.81 27.82
N GLU G 48 12.92 23.63 27.91
CA GLU G 48 12.74 25.06 28.11
C GLU G 48 12.00 25.70 26.95
N ARG G 49 12.48 25.45 25.73
CA ARG G 49 11.88 26.03 24.53
C ARG G 49 10.75 25.17 23.97
N GLU G 50 10.42 24.10 24.66
CA GLU G 50 9.31 23.23 24.29
C GLU G 50 9.39 22.79 22.83
N ARG G 51 10.39 21.97 22.51
CA ARG G 51 10.55 21.47 21.14
C ARG G 51 11.54 20.31 21.05
N LEU G 52 11.40 19.52 20.00
CA LEU G 52 12.29 18.38 19.76
C LEU G 52 13.25 18.71 18.62
N LEU G 53 14.51 18.31 18.80
CA LEU G 53 15.56 18.60 17.82
C LEU G 53 16.08 17.33 17.18
N LEU G 54 16.24 17.35 15.86
CA LEU G 54 16.80 16.22 15.13
C LEU G 54 18.14 16.61 14.50
N GLU G 55 19.15 15.79 14.68
CA GLU G 55 20.48 16.06 14.14
C GLU G 55 20.99 14.91 13.28
N ALA G 56 21.10 15.15 11.97
CA ALA G 56 21.58 14.13 11.05
C ALA G 56 22.99 14.43 10.54
N ASP G 57 23.88 13.45 10.65
CA ASP G 57 25.23 13.59 10.12
C ASP G 57 25.24 13.34 8.61
N VAL G 58 25.62 14.36 7.85
CA VAL G 58 25.60 14.27 6.40
C VAL G 58 26.89 13.71 5.81
N VAL G 59 27.97 14.47 5.91
CA VAL G 59 29.25 14.05 5.36
C VAL G 59 30.40 14.42 6.31
N GLY G 60 31.55 13.79 6.12
CA GLY G 60 32.74 14.12 6.89
C GLY G 60 33.60 15.16 6.17
N ILE G 61 34.42 15.86 6.94
CA ILE G 61 35.24 16.94 6.40
C ILE G 61 36.34 16.46 5.45
N ASP G 62 36.93 15.31 5.75
CA ASP G 62 38.05 14.79 4.97
C ASP G 62 37.66 14.40 3.54
N VAL G 63 36.36 14.35 3.28
CA VAL G 63 35.86 13.98 1.96
C VAL G 63 35.45 15.22 1.16
N LEU G 64 35.25 16.33 1.86
CA LEU G 64 34.78 17.56 1.24
C LEU G 64 35.92 18.34 0.60
N GLY G 65 35.55 19.30 -0.26
CA GLY G 65 36.53 20.14 -0.92
C GLY G 65 36.55 21.54 -0.35
N GLU G 66 37.04 22.49 -1.14
CA GLU G 66 37.12 23.87 -0.71
C GLU G 66 35.91 24.68 -1.18
N GLY G 67 35.36 25.48 -0.27
CA GLY G 67 34.32 26.42 -0.62
C GLY G 67 32.88 25.98 -0.36
N ILE G 68 32.71 24.72 0.01
CA ILE G 68 31.35 24.21 0.22
C ILE G 68 30.69 24.80 1.47
N PHE G 69 31.50 25.19 2.46
CA PHE G 69 30.97 25.82 3.66
C PHE G 69 30.28 27.14 3.33
N ARG G 70 30.82 27.83 2.33
CA ARG G 70 30.18 29.04 1.83
C ARG G 70 28.83 28.70 1.22
N GLN G 71 28.79 27.64 0.41
CA GLN G 71 27.56 27.20 -0.22
C GLN G 71 26.53 26.75 0.82
N LEU G 72 27.01 26.14 1.90
CA LEU G 72 26.13 25.75 3.00
C LEU G 72 25.57 26.98 3.70
N ALA G 73 26.41 27.99 3.87
CA ALA G 73 25.97 29.24 4.45
C ALA G 73 24.89 29.86 3.57
N SER G 74 25.09 29.77 2.26
CA SER G 74 24.12 30.29 1.28
C SER G 74 22.78 29.56 1.38
N PHE G 75 22.83 28.24 1.52
CA PHE G 75 21.62 27.44 1.67
C PHE G 75 20.84 27.89 2.90
N ASN G 76 21.56 28.19 3.99
CA ASN G 76 20.94 28.62 5.23
C ASN G 76 20.22 29.96 5.09
N ARG G 77 20.54 30.70 4.04
CA ARG G 77 19.87 31.96 3.76
C ARG G 77 18.42 31.70 3.34
N HIS G 78 18.22 30.58 2.64
CA HIS G 78 16.88 30.17 2.23
C HIS G 78 16.46 28.88 2.94
N TRP G 79 16.87 28.75 4.19
CA TRP G 79 16.58 27.56 4.97
C TRP G 79 15.07 27.33 5.06
N HIS G 80 14.31 28.43 5.13
CA HIS G 80 12.88 28.37 5.31
C HIS G 80 12.18 27.50 4.27
N ARG G 81 12.75 27.48 3.06
CA ARG G 81 12.16 26.72 1.95
C ARG G 81 12.11 25.23 2.25
N PHE G 82 12.95 24.76 3.16
CA PHE G 82 13.06 23.33 3.45
C PHE G 82 12.93 23.02 4.94
N ASP G 83 12.92 24.06 5.76
CA ASP G 83 12.89 23.89 7.21
C ASP G 83 14.09 23.09 7.72
N LEU G 84 15.19 23.19 6.99
CA LEU G 84 16.45 22.55 7.39
C LEU G 84 17.62 23.51 7.21
N HIS G 85 18.49 23.61 8.20
CA HIS G 85 19.70 24.42 8.06
C HIS G 85 20.95 23.60 8.37
N PHE G 86 22.07 23.99 7.77
CA PHE G 86 23.32 23.25 7.95
C PHE G 86 24.13 23.74 9.14
N GLY G 87 24.92 22.82 9.70
CA GLY G 87 25.82 23.14 10.78
C GLY G 87 27.06 22.27 10.68
N PHE G 88 27.93 22.35 11.68
CA PHE G 88 29.16 21.55 11.66
C PHE G 88 29.63 21.20 13.06
N ASP G 89 30.00 19.94 13.24
CA ASP G 89 30.53 19.46 14.51
C ASP G 89 32.05 19.33 14.40
N GLU G 90 32.75 20.25 15.04
CA GLU G 90 34.21 20.33 14.94
C GLU G 90 34.91 19.07 15.42
N LEU G 91 34.39 18.47 16.49
CA LEU G 91 35.03 17.31 17.12
C LEU G 91 34.91 16.03 16.30
N THR G 92 33.74 15.79 15.74
CA THR G 92 33.53 14.60 14.91
C THR G 92 33.71 14.93 13.43
N GLY G 93 34.04 16.19 13.15
CA GLY G 93 34.28 16.64 11.79
C GLY G 93 33.25 16.17 10.79
N LYS G 94 31.98 16.51 11.04
CA LYS G 94 30.90 16.13 10.14
C LYS G 94 29.85 17.21 9.93
N VAL G 95 29.64 17.58 8.68
CA VAL G 95 28.56 18.48 8.31
C VAL G 95 27.23 17.86 8.74
N GLN G 96 26.28 18.69 9.14
CA GLN G 96 25.02 18.19 9.67
C GLN G 96 23.81 19.00 9.21
N LEU G 97 22.65 18.33 9.16
CA LEU G 97 21.38 18.98 8.90
C LEU G 97 20.55 18.98 10.18
N TYR G 98 19.74 20.01 10.37
CA TYR G 98 18.94 20.14 11.58
C TYR G 98 17.46 20.32 11.28
N ALA G 99 16.62 19.76 12.14
CA ALA G 99 15.17 19.88 12.01
C ALA G 99 14.55 20.10 13.38
N GLN G 100 13.44 20.84 13.42
CA GLN G 100 12.77 21.12 14.68
C GLN G 100 11.29 20.76 14.65
N ILE G 101 10.78 20.29 15.78
CA ILE G 101 9.36 20.01 15.92
C ILE G 101 8.85 20.60 17.24
N LEU G 102 8.00 21.60 17.16
CA LEU G 102 7.43 22.23 18.34
C LEU G 102 6.45 21.29 19.04
N ALA G 103 6.39 21.37 20.36
CA ALA G 103 5.53 20.50 21.15
C ALA G 103 4.08 20.48 20.64
N ALA G 104 3.62 21.62 20.13
CA ALA G 104 2.26 21.74 19.64
C ALA G 104 1.99 20.86 18.42
N GLN G 105 3.03 20.63 17.63
CA GLN G 105 2.90 19.82 16.42
C GLN G 105 3.43 18.40 16.62
N LEU G 106 4.00 18.14 17.79
CA LEU G 106 4.62 16.84 18.05
C LEU G 106 3.62 15.70 18.14
N THR G 107 3.48 14.97 17.03
CA THR G 107 2.69 13.75 17.02
C THR G 107 3.52 12.65 16.36
N LEU G 108 3.03 11.41 16.44
CA LEU G 108 3.76 10.29 15.84
C LEU G 108 3.90 10.48 14.33
N GLU G 109 2.82 10.93 13.69
CA GLU G 109 2.84 11.15 12.25
C GLU G 109 3.78 12.28 11.88
N CYS G 110 3.74 13.37 12.65
CA CYS G 110 4.58 14.53 12.37
C CYS G 110 6.06 14.22 12.58
N PHE G 111 6.35 13.43 13.61
CA PHE G 111 7.73 13.04 13.90
C PHE G 111 8.32 12.20 12.77
N GLU G 112 7.64 11.13 12.42
CA GLU G 112 8.13 10.21 11.40
C GLU G 112 8.32 10.88 10.04
N ALA G 113 7.43 11.82 9.73
CA ALA G 113 7.52 12.55 8.46
C ALA G 113 8.73 13.46 8.45
N THR G 114 8.99 14.14 9.57
CA THR G 114 10.14 15.02 9.68
C THR G 114 11.45 14.24 9.61
N LEU G 115 11.47 13.07 10.24
CA LEU G 115 12.65 12.23 10.28
C LEU G 115 12.93 11.62 8.91
N ALA G 116 11.87 11.20 8.23
CA ALA G 116 11.99 10.59 6.91
C ALA G 116 12.45 11.63 5.90
N ASN G 117 12.00 12.86 6.07
CA ASN G 117 12.39 13.96 5.20
C ASN G 117 13.84 14.36 5.45
N LEU G 118 14.26 14.29 6.70
CA LEU G 118 15.63 14.61 7.08
C LEU G 118 16.62 13.63 6.47
N LEU G 119 16.27 12.35 6.49
CA LEU G 119 17.12 11.30 5.93
C LEU G 119 17.19 11.41 4.42
N ASP G 120 16.09 11.80 3.80
CA ASP G 120 16.05 11.99 2.34
C ASP G 120 17.08 13.05 1.92
N HIS G 121 17.14 14.15 2.67
CA HIS G 121 18.07 15.23 2.37
C HIS G 121 19.50 14.89 2.75
N ALA G 122 19.70 14.41 3.97
CA ALA G 122 21.03 14.03 4.43
C ALA G 122 21.69 13.07 3.45
N GLU G 123 20.93 12.07 3.00
CA GLU G 123 21.45 11.07 2.08
C GLU G 123 21.73 11.66 0.70
N PHE G 124 20.92 12.63 0.30
CA PHE G 124 21.13 13.33 -0.96
C PHE G 124 22.45 14.11 -0.93
N TRP G 125 22.64 14.87 0.15
CA TRP G 125 23.84 15.67 0.31
C TRP G 125 25.08 14.81 0.53
N GLN G 126 24.85 13.59 1.00
CA GLN G 126 25.95 12.66 1.25
C GLN G 126 26.60 12.21 -0.05
N ARG G 127 25.85 12.27 -1.15
CA ARG G 127 26.38 11.88 -2.45
C ARG G 127 26.89 13.09 -3.23
N LEU G 128 26.26 14.23 -3.00
CA LEU G 128 26.55 15.44 -3.77
C LEU G 128 27.83 16.14 -3.34
N LEU G 129 27.98 16.35 -2.04
CA LEU G 129 29.09 17.14 -1.50
C LEU G 129 30.50 16.58 -1.79
N PRO G 130 30.70 15.27 -1.59
CA PRO G 130 32.01 14.66 -1.79
C PRO G 130 32.70 15.10 -3.09
N CYS G 131 34.02 14.95 -3.14
CA CYS G 131 34.82 15.44 -4.26
C CYS G 131 35.44 14.32 -5.09
N ALA G 132 35.49 13.12 -4.53
CA ALA G 132 36.17 12.00 -5.18
C ALA G 132 35.24 11.06 -5.94
N SER G 133 34.94 11.41 -7.19
CA SER G 133 34.16 10.55 -8.09
C SER G 133 34.19 11.07 -9.52
N ASP H 2 -4.55 39.21 1.77
CA ASP H 2 -5.24 39.59 3.01
C ASP H 2 -4.28 39.53 4.20
N LEU H 3 -3.35 38.59 4.15
CA LEU H 3 -2.33 38.46 5.20
C LEU H 3 -1.45 39.71 5.22
N THR H 4 -1.22 40.28 4.04
CA THR H 4 -0.46 41.50 3.90
C THR H 4 -1.14 42.62 4.69
N SER H 5 -2.46 42.55 4.79
CA SER H 5 -3.24 43.53 5.54
C SER H 5 -3.03 43.36 7.04
N LYS H 6 -2.91 42.11 7.47
CA LYS H 6 -2.68 41.81 8.89
C LYS H 6 -1.28 42.22 9.30
N VAL H 7 -0.32 42.03 8.40
CA VAL H 7 1.07 42.40 8.67
C VAL H 7 1.23 43.91 8.71
N ASN H 8 0.60 44.60 7.75
CA ASN H 8 0.66 46.05 7.70
C ASN H 8 -0.03 46.69 8.90
N ARG H 9 -1.09 46.05 9.39
CA ARG H 9 -1.76 46.50 10.60
C ARG H 9 -0.79 46.37 11.77
N LEU H 10 0.01 45.31 11.74
CA LEU H 10 1.00 45.04 12.78
C LEU H 10 2.12 46.06 12.74
N LEU H 11 2.70 46.26 11.57
CA LEU H 11 3.81 47.19 11.40
C LEU H 11 3.38 48.62 11.71
N ALA H 12 2.12 48.94 11.41
CA ALA H 12 1.59 50.27 11.68
C ALA H 12 1.56 50.54 13.18
N GLU H 13 1.07 49.58 13.94
CA GLU H 13 1.05 49.70 15.40
C GLU H 13 2.47 49.79 15.95
N PHE H 14 3.35 48.93 15.44
CA PHE H 14 4.74 48.93 15.84
C PHE H 14 5.43 50.24 15.51
N ALA H 15 5.18 50.75 14.31
CA ALA H 15 5.79 52.00 13.86
C ALA H 15 5.46 53.17 14.78
N GLY H 16 4.20 53.27 15.19
CA GLY H 16 3.78 54.34 16.07
C GLY H 16 4.46 54.25 17.43
N ARG H 17 4.57 53.04 17.95
CA ARG H 17 5.17 52.80 19.26
C ARG H 17 6.68 52.99 19.25
N ILE H 18 7.32 52.59 18.16
CA ILE H 18 8.77 52.69 18.03
C ILE H 18 9.22 54.13 17.76
N GLY H 19 8.33 54.91 17.16
CA GLY H 19 8.64 56.30 16.85
C GLY H 19 8.57 56.61 15.36
N LEU H 20 8.52 55.55 14.54
CA LEU H 20 8.45 55.72 13.09
C LEU H 20 7.12 56.32 12.66
N PRO H 21 7.14 57.16 11.61
CA PRO H 21 5.94 57.79 11.07
C PRO H 21 4.94 56.75 10.59
N SER H 22 5.42 55.81 9.76
CA SER H 22 4.59 54.72 9.27
C SER H 22 5.48 53.57 8.84
N LEU H 23 4.88 52.39 8.68
CA LEU H 23 5.64 51.21 8.25
C LEU H 23 4.77 50.28 7.41
N SER H 24 5.15 50.10 6.15
CA SER H 24 4.40 49.24 5.25
C SER H 24 5.32 48.38 4.39
N LEU H 25 4.78 47.27 3.90
CA LEU H 25 5.50 46.40 2.99
C LEU H 25 5.28 46.87 1.56
N ASP H 26 6.37 46.99 0.79
CA ASP H 26 6.27 47.38 -0.61
C ASP H 26 5.59 46.29 -1.43
N GLU H 27 5.55 46.47 -2.74
CA GLU H 27 4.93 45.50 -3.65
C GLU H 27 5.59 44.13 -3.54
N GLU H 28 6.90 44.12 -3.33
CA GLU H 28 7.66 42.89 -3.16
C GLU H 28 7.32 42.22 -1.83
N GLY H 29 6.63 42.95 -0.96
CA GLY H 29 6.22 42.43 0.33
C GLY H 29 7.32 42.46 1.37
N MET H 30 8.28 43.38 1.20
CA MET H 30 9.39 43.49 2.14
C MET H 30 9.66 44.93 2.58
N ALA H 31 10.04 45.08 3.83
CA ALA H 31 10.39 46.38 4.38
C ALA H 31 11.81 46.35 4.92
N SER H 32 12.45 47.52 5.05
CA SER H 32 13.83 47.56 5.50
C SER H 32 14.03 48.64 6.57
N LEU H 33 14.85 48.32 7.57
CA LEU H 33 15.06 49.22 8.71
C LEU H 33 16.53 49.23 9.14
N LEU H 34 16.95 50.35 9.75
CA LEU H 34 18.30 50.45 10.29
C LEU H 34 18.26 50.81 11.77
N PHE H 35 18.69 49.89 12.62
CA PHE H 35 18.69 50.09 14.06
C PHE H 35 20.05 50.54 14.60
N ASP H 36 20.03 51.56 15.45
CA ASP H 36 21.24 52.09 16.05
C ASP H 36 22.30 52.49 15.01
N GLU H 37 21.83 52.85 13.82
CA GLU H 37 22.71 53.33 12.76
C GLU H 37 23.83 52.36 12.38
N GLN H 38 23.70 51.10 12.79
CA GLN H 38 24.77 50.13 12.51
C GLN H 38 24.29 48.70 12.28
N VAL H 39 23.00 48.44 12.49
CA VAL H 39 22.43 47.11 12.24
C VAL H 39 21.29 47.16 11.23
N GLY H 40 21.52 46.59 10.06
CA GLY H 40 20.53 46.59 8.99
C GLY H 40 19.59 45.40 9.03
N VAL H 41 18.32 45.66 9.34
CA VAL H 41 17.32 44.60 9.40
C VAL H 41 16.33 44.71 8.25
N THR H 42 16.18 43.63 7.49
CA THR H 42 15.25 43.60 6.37
C THR H 42 14.15 42.56 6.59
N LEU H 43 12.92 43.04 6.69
CA LEU H 43 11.75 42.18 6.85
C LEU H 43 11.25 41.70 5.51
N LEU H 44 10.93 40.40 5.41
CA LEU H 44 10.42 39.84 4.17
C LEU H 44 9.22 38.93 4.43
N LEU H 45 8.11 39.23 3.76
CA LEU H 45 6.89 38.43 3.94
C LEU H 45 6.64 37.47 2.78
N LEU H 46 6.46 36.20 3.11
CA LEU H 46 6.12 35.18 2.12
C LEU H 46 4.70 34.68 2.36
N ALA H 47 3.76 35.20 1.59
CA ALA H 47 2.35 34.88 1.77
C ALA H 47 2.05 33.40 1.55
N GLU H 48 2.66 32.82 0.50
CA GLU H 48 2.42 31.42 0.15
C GLU H 48 2.89 30.48 1.25
N ARG H 49 4.15 30.62 1.65
CA ARG H 49 4.69 29.80 2.73
C ARG H 49 4.03 30.15 4.06
N GLU H 50 3.36 31.31 4.08
CA GLU H 50 2.63 31.76 5.27
C GLU H 50 3.58 32.12 6.43
N ARG H 51 4.72 32.73 6.10
CA ARG H 51 5.68 33.11 7.12
C ARG H 51 6.23 34.53 6.92
N LEU H 52 6.85 35.06 7.97
CA LEU H 52 7.54 36.35 7.91
C LEU H 52 9.00 36.18 8.29
N LEU H 53 9.89 36.56 7.38
CA LEU H 53 11.33 36.40 7.60
C LEU H 53 11.98 37.70 8.05
N LEU H 54 12.79 37.61 9.11
CA LEU H 54 13.58 38.74 9.57
C LEU H 54 15.05 38.49 9.31
N GLU H 55 15.69 39.38 8.55
CA GLU H 55 17.12 39.27 8.28
C GLU H 55 17.88 40.40 8.95
N ALA H 56 19.06 40.09 9.49
CA ALA H 56 19.91 41.10 10.10
C ALA H 56 21.34 40.98 9.58
N ASP H 57 21.83 42.05 8.97
CA ASP H 57 23.19 42.05 8.43
C ASP H 57 24.20 42.13 9.57
N VAL H 58 25.18 41.24 9.55
CA VAL H 58 26.23 41.22 10.58
C VAL H 58 27.49 41.93 10.10
N VAL H 59 28.26 41.26 9.25
CA VAL H 59 29.50 41.82 8.74
C VAL H 59 29.76 41.37 7.31
N GLY H 60 30.33 42.26 6.50
CA GLY H 60 30.70 41.93 5.14
C GLY H 60 31.84 40.93 5.12
N ILE H 61 31.93 40.17 4.03
CA ILE H 61 32.92 39.09 3.91
C ILE H 61 34.36 39.61 3.92
N ASP H 62 34.58 40.78 3.34
CA ASP H 62 35.93 41.33 3.21
C ASP H 62 36.62 41.55 4.55
N VAL H 63 35.87 42.00 5.54
CA VAL H 63 36.43 42.24 6.87
C VAL H 63 36.80 40.92 7.55
N LEU H 64 36.03 39.88 7.26
CA LEU H 64 36.25 38.57 7.85
C LEU H 64 37.38 37.82 7.14
N GLY H 65 38.15 37.06 7.92
CA GLY H 65 39.25 36.28 7.37
C GLY H 65 38.76 34.97 6.79
N GLU H 66 39.64 34.28 6.07
CA GLU H 66 39.29 33.01 5.46
C GLU H 66 38.98 31.96 6.54
N GLY H 67 38.06 31.06 6.24
CA GLY H 67 37.65 30.04 7.19
C GLY H 67 36.45 30.50 8.00
N ILE H 68 35.88 31.63 7.60
CA ILE H 68 34.72 32.20 8.29
C ILE H 68 33.48 31.34 8.11
N PHE H 69 33.26 30.85 6.90
CA PHE H 69 32.09 30.02 6.61
C PHE H 69 32.16 28.71 7.37
N ARG H 70 33.33 28.09 7.38
CA ARG H 70 33.54 26.86 8.14
C ARG H 70 33.33 27.12 9.62
N GLN H 71 33.55 28.38 10.02
CA GLN H 71 33.39 28.78 11.41
C GLN H 71 31.93 29.09 11.72
N LEU H 72 31.24 29.68 10.75
CA LEU H 72 29.82 30.00 10.90
C LEU H 72 28.97 28.73 11.02
N ALA H 73 29.47 27.63 10.46
CA ALA H 73 28.77 26.35 10.54
C ALA H 73 28.92 25.75 11.93
N SER H 74 30.03 26.05 12.59
CA SER H 74 30.25 25.59 13.96
C SER H 74 29.32 26.30 14.92
N PHE H 75 28.98 27.55 14.60
CA PHE H 75 28.06 28.32 15.43
C PHE H 75 26.65 27.76 15.30
N ASN H 76 26.22 27.55 14.07
CA ASN H 76 24.89 27.01 13.79
C ASN H 76 24.64 25.69 14.53
N ARG H 77 25.71 24.99 14.85
CA ARG H 77 25.61 23.71 15.54
C ARG H 77 24.88 23.87 16.88
N HIS H 78 24.92 25.08 17.44
CA HIS H 78 24.34 25.32 18.75
C HIS H 78 23.52 26.61 18.82
N TRP H 79 23.73 27.50 17.86
CA TRP H 79 23.12 28.82 17.93
C TRP H 79 21.64 28.82 17.57
N HIS H 80 21.16 27.71 17.02
CA HIS H 80 19.74 27.59 16.72
C HIS H 80 18.92 27.48 18.01
N ARG H 81 19.62 27.34 19.13
CA ARG H 81 18.97 27.25 20.43
C ARG H 81 18.37 28.61 20.81
N PHE H 82 18.87 29.66 20.16
CA PHE H 82 18.37 31.01 20.40
C PHE H 82 17.38 31.41 19.33
N ASP H 83 16.98 30.44 18.50
CA ASP H 83 16.04 30.68 17.41
C ASP H 83 16.67 31.50 16.29
N LEU H 84 17.98 31.34 16.13
CA LEU H 84 18.73 32.10 15.11
C LEU H 84 19.82 31.23 14.49
N HIS H 85 20.23 31.60 13.27
CA HIS H 85 21.30 30.89 12.59
C HIS H 85 21.95 31.76 11.52
N PHE H 86 23.21 31.47 11.20
CA PHE H 86 23.98 32.25 10.25
C PHE H 86 23.79 31.79 8.81
N GLY H 87 23.80 32.75 7.89
CA GLY H 87 23.74 32.47 6.47
C GLY H 87 24.61 33.45 5.71
N PHE H 88 24.52 33.43 4.38
CA PHE H 88 25.34 34.31 3.56
C PHE H 88 24.62 34.72 2.27
N ASP H 89 24.85 35.96 1.84
CA ASP H 89 24.23 36.50 0.64
C ASP H 89 25.28 36.84 -0.40
N GLU H 90 25.32 36.04 -1.47
CA GLU H 90 26.30 36.22 -2.54
C GLU H 90 26.18 37.58 -3.22
N LEU H 91 25.00 38.18 -3.13
CA LEU H 91 24.72 39.43 -3.82
C LEU H 91 25.28 40.63 -3.07
N THR H 92 25.33 40.55 -1.75
CA THR H 92 25.78 41.67 -0.93
C THR H 92 27.05 41.32 -0.15
N GLY H 93 27.47 40.06 -0.24
CA GLY H 93 28.63 39.60 0.51
C GLY H 93 28.46 39.83 1.99
N LYS H 94 27.23 39.70 2.47
CA LYS H 94 26.91 39.96 3.87
C LYS H 94 26.60 38.69 4.66
N VAL H 95 27.36 38.46 5.72
CA VAL H 95 27.03 37.41 6.67
C VAL H 95 25.81 37.86 7.47
N GLN H 96 24.79 37.03 7.53
CA GLN H 96 23.52 37.44 8.13
C GLN H 96 23.01 36.46 9.18
N LEU H 97 22.14 36.97 10.06
CA LEU H 97 21.43 36.15 11.02
C LEU H 97 19.95 36.14 10.64
N TYR H 98 19.36 34.96 10.57
CA TYR H 98 18.00 34.82 10.07
C TYR H 98 17.01 34.39 11.16
N ALA H 99 15.77 34.84 11.00
CA ALA H 99 14.69 34.45 11.90
C ALA H 99 13.39 34.40 11.14
N GLN H 100 12.44 33.60 11.61
CA GLN H 100 11.13 33.51 10.96
C GLN H 100 10.00 33.49 11.97
N ILE H 101 8.83 33.95 11.55
CA ILE H 101 7.64 33.94 12.39
C ILE H 101 6.44 33.44 11.61
N LEU H 102 5.90 32.29 12.03
CA LEU H 102 4.72 31.72 11.39
C LEU H 102 3.50 32.57 11.70
N ALA H 103 2.58 32.65 10.74
CA ALA H 103 1.36 33.44 10.91
C ALA H 103 0.48 32.84 12.01
N ALA H 104 0.84 31.65 12.47
CA ALA H 104 0.11 30.98 13.53
C ALA H 104 0.47 31.54 14.91
N GLN H 105 1.66 32.13 15.00
CA GLN H 105 2.12 32.72 16.26
C GLN H 105 2.39 34.21 16.11
N LEU H 106 2.27 34.71 14.88
CA LEU H 106 2.55 36.12 14.60
C LEU H 106 1.65 37.06 15.38
N THR H 107 2.25 37.80 16.31
CA THR H 107 1.53 38.77 17.12
C THR H 107 2.42 40.00 17.35
N LEU H 108 1.82 41.08 17.80
CA LEU H 108 2.57 42.31 18.04
C LEU H 108 3.74 42.07 19.00
N GLU H 109 3.48 41.33 20.07
CA GLU H 109 4.50 41.05 21.07
C GLU H 109 5.57 40.09 20.55
N CYS H 110 5.12 39.01 19.90
CA CYS H 110 6.05 38.01 19.37
C CYS H 110 7.01 38.63 18.36
N PHE H 111 6.52 39.59 17.58
CA PHE H 111 7.35 40.27 16.60
C PHE H 111 8.43 41.12 17.27
N GLU H 112 8.03 41.86 18.30
CA GLU H 112 8.95 42.72 19.03
C GLU H 112 9.94 41.90 19.85
N ALA H 113 9.52 40.72 20.28
CA ALA H 113 10.38 39.84 21.07
C ALA H 113 11.41 39.14 20.19
N THR H 114 11.01 38.81 18.96
CA THR H 114 11.90 38.16 18.01
C THR H 114 12.88 39.17 17.42
N LEU H 115 12.39 40.37 17.16
CA LEU H 115 13.23 41.44 16.62
C LEU H 115 14.30 41.84 17.61
N ALA H 116 13.88 42.16 18.84
CA ALA H 116 14.81 42.57 19.88
C ALA H 116 15.89 41.52 20.11
N ASN H 117 15.49 40.26 20.06
CA ASN H 117 16.43 39.16 20.22
C ASN H 117 17.41 39.11 19.05
N LEU H 118 16.90 39.39 17.85
CA LEU H 118 17.72 39.40 16.65
C LEU H 118 18.78 40.50 16.73
N LEU H 119 18.37 41.68 17.18
CA LEU H 119 19.28 42.81 17.32
C LEU H 119 20.35 42.54 18.38
N ASP H 120 19.94 41.90 19.48
CA ASP H 120 20.88 41.57 20.55
C ASP H 120 22.02 40.69 20.06
N HIS H 121 21.68 39.68 19.28
CA HIS H 121 22.69 38.75 18.75
C HIS H 121 23.45 39.36 17.59
N ALA H 122 22.76 40.16 16.78
CA ALA H 122 23.42 40.83 15.66
C ALA H 122 24.46 41.82 16.17
N GLU H 123 24.08 42.61 17.17
CA GLU H 123 24.99 43.59 17.76
C GLU H 123 26.20 42.91 18.41
N PHE H 124 25.94 41.80 19.08
CA PHE H 124 27.00 41.04 19.74
C PHE H 124 28.00 40.49 18.73
N TRP H 125 27.51 39.83 17.71
CA TRP H 125 28.37 39.25 16.67
C TRP H 125 29.01 40.33 15.80
N GLN H 126 28.28 41.41 15.56
CA GLN H 126 28.79 42.49 14.74
C GLN H 126 30.03 43.13 15.38
N ARG H 127 30.06 43.11 16.71
CA ARG H 127 31.16 43.69 17.47
C ARG H 127 32.33 42.71 17.57
N LEU H 128 32.01 41.42 17.59
CA LEU H 128 33.00 40.39 17.89
C LEU H 128 33.56 39.69 16.64
N LEU H 129 32.68 39.38 15.69
CA LEU H 129 33.08 38.64 14.48
C LEU H 129 34.31 39.24 13.75
N PRO H 130 34.29 40.55 13.48
CA PRO H 130 35.40 41.18 12.77
C PRO H 130 36.76 40.79 13.33
N CYS H 131 36.86 40.70 14.65
CA CYS H 131 38.12 40.32 15.30
C CYS H 131 37.93 39.09 16.18
N ALA H 132 37.76 37.93 15.54
CA ALA H 132 37.52 36.69 16.27
C ALA H 132 38.02 35.46 15.52
N SER H 133 38.90 34.70 16.14
CA SER H 133 39.44 33.47 15.57
C SER H 133 40.34 32.74 16.56
N THR I 2 23.74 -10.28 19.92
CA THR I 2 23.08 -9.78 18.71
C THR I 2 22.14 -8.63 19.02
N GLU I 3 22.43 -7.47 18.43
CA GLU I 3 21.60 -6.29 18.63
C GLU I 3 20.39 -6.31 17.70
N ALA I 4 19.33 -5.63 18.11
CA ALA I 4 18.10 -5.55 17.32
C ALA I 4 18.28 -4.60 16.14
N VAL I 5 17.77 -5.00 14.98
CA VAL I 5 17.84 -4.15 13.80
C VAL I 5 16.44 -3.76 13.33
N GLY I 6 16.11 -2.49 13.47
CA GLY I 6 14.81 -1.98 13.06
C GLY I 6 14.78 -1.62 11.59
N HIS I 7 13.64 -1.16 11.11
CA HIS I 7 13.47 -0.80 9.71
C HIS I 7 12.52 0.38 9.56
N PHE I 8 13.02 1.46 8.97
CA PHE I 8 12.22 2.66 8.78
C PHE I 8 12.44 3.23 7.38
N GLU I 9 11.39 3.22 6.57
CA GLU I 9 11.42 3.79 5.22
C GLU I 9 12.57 3.25 4.38
N GLY I 10 12.67 1.92 4.29
CA GLY I 10 13.67 1.29 3.46
C GLY I 10 15.07 1.36 4.03
N ARG I 11 15.17 1.77 5.30
CA ARG I 11 16.46 1.89 5.96
C ARG I 11 16.54 1.02 7.20
N SER I 12 17.68 0.35 7.38
CA SER I 12 17.92 -0.41 8.59
C SER I 12 18.21 0.55 9.74
N VAL I 13 17.72 0.22 10.93
CA VAL I 13 17.85 1.11 12.07
C VAL I 13 18.32 0.40 13.33
N THR I 14 19.52 0.74 13.77
CA THR I 14 20.04 0.24 15.05
C THR I 14 20.12 1.41 16.03
N ARG I 15 20.27 1.10 17.31
CA ARG I 15 20.41 2.16 18.32
C ARG I 15 21.88 2.45 18.61
N ALA I 16 22.22 3.73 18.68
CA ALA I 16 23.60 4.14 18.91
C ALA I 16 23.75 4.86 20.25
N ALA I 17 24.98 4.85 20.77
CA ALA I 17 25.28 5.57 22.00
C ALA I 17 25.31 7.07 21.73
N VAL I 18 24.80 7.85 22.68
CA VAL I 18 24.74 9.30 22.54
C VAL I 18 26.13 9.93 22.57
N ARG I 19 26.92 9.58 23.58
CA ARG I 19 28.25 10.12 23.76
C ARG I 19 28.27 11.65 23.59
N GLY I 20 27.59 12.34 24.49
CA GLY I 20 27.46 13.79 24.41
C GLY I 20 28.78 14.53 24.34
N GLU I 21 29.68 14.22 25.27
CA GLU I 21 30.96 14.93 25.36
C GLU I 21 31.89 14.60 24.20
N ASP I 22 31.59 13.53 23.48
CA ASP I 22 32.41 13.11 22.35
C ASP I 22 32.31 14.09 21.19
N ARG I 23 31.40 15.05 21.31
CA ARG I 23 31.19 16.03 20.25
C ARG I 23 30.94 17.45 20.78
N SER I 24 31.05 18.43 19.89
CA SER I 24 30.90 19.83 20.24
C SER I 24 29.66 20.07 21.11
N SER I 25 29.84 20.83 22.19
CA SER I 25 28.75 21.13 23.10
C SER I 25 28.54 22.63 23.23
N VAL I 26 27.47 23.03 23.91
CA VAL I 26 27.16 24.43 24.12
C VAL I 26 28.16 25.06 25.08
N ALA I 27 28.55 24.31 26.10
CA ALA I 27 29.52 24.79 27.08
C ALA I 27 30.88 25.02 26.44
N GLY I 28 31.20 24.20 25.44
CA GLY I 28 32.46 24.32 24.73
C GLY I 28 32.54 25.60 23.93
N LEU I 29 31.39 26.03 23.39
CA LEU I 29 31.32 27.26 22.62
C LEU I 29 31.43 28.45 23.56
N ALA I 30 30.79 28.35 24.71
CA ALA I 30 30.80 29.41 25.71
C ALA I 30 32.22 29.72 26.16
N ARG I 31 33.03 28.68 26.32
CA ARG I 31 34.43 28.85 26.73
C ARG I 31 35.26 29.41 25.59
N TRP I 32 34.84 29.16 24.35
CA TRP I 32 35.54 29.68 23.19
C TRP I 32 35.26 31.17 23.01
N LEU I 33 34.04 31.58 23.34
CA LEU I 33 33.66 32.98 23.25
C LEU I 33 34.35 33.81 24.32
N ALA I 34 34.26 33.35 25.57
CA ALA I 34 34.89 34.03 26.68
C ALA I 34 36.39 34.19 26.45
N ARG I 35 36.97 33.29 25.65
CA ARG I 35 38.39 33.29 25.37
C ARG I 35 38.76 34.40 24.38
N ASN I 36 38.06 34.43 23.26
CA ASN I 36 38.34 35.42 22.21
C ASN I 36 37.84 36.82 22.57
N VAL I 37 36.97 36.90 23.56
CA VAL I 37 36.41 38.17 23.97
C VAL I 37 37.16 38.73 25.17
N ALA I 38 37.99 37.89 25.79
CA ALA I 38 38.76 38.28 26.97
C ALA I 38 39.76 39.39 26.67
N GLY I 39 39.72 40.44 27.49
CA GLY I 39 40.64 41.55 27.34
C GLY I 39 40.13 42.66 26.44
N ASP I 40 38.81 42.74 26.28
CA ASP I 40 38.22 43.75 25.41
C ASP I 40 36.73 43.99 25.68
N PRO I 41 36.42 45.07 26.42
CA PRO I 41 35.05 45.53 26.62
C PRO I 41 34.54 46.26 25.38
N ARG I 42 33.23 46.37 25.20
CA ARG I 42 32.28 45.79 26.13
C ARG I 42 31.65 44.53 25.55
N SER I 43 32.36 43.90 24.62
CA SER I 43 31.89 42.65 24.02
C SER I 43 31.82 41.56 25.09
N GLU I 44 32.56 41.75 26.18
CA GLU I 44 32.49 40.86 27.32
C GLU I 44 31.18 41.07 28.06
N GLN I 45 30.81 42.33 28.22
CA GLN I 45 29.57 42.68 28.90
C GLN I 45 28.37 42.29 28.04
N ALA I 46 28.55 42.38 26.72
CA ALA I 46 27.52 41.98 25.77
C ALA I 46 27.36 40.47 25.81
N LEU I 47 28.44 39.77 26.12
CA LEU I 47 28.42 38.32 26.26
C LEU I 47 27.63 37.94 27.51
N GLN I 48 27.96 38.60 28.62
CA GLN I 48 27.26 38.37 29.88
C GLN I 48 25.78 38.66 29.74
N ARG I 49 25.46 39.69 28.96
CA ARG I 49 24.07 40.10 28.76
C ARG I 49 23.26 39.02 28.03
N LEU I 50 23.94 38.23 27.21
CA LEU I 50 23.31 37.12 26.52
C LEU I 50 23.17 35.92 27.44
N ALA I 51 24.20 35.67 28.24
CA ALA I 51 24.19 34.55 29.18
C ALA I 51 23.05 34.71 30.19
N ASP I 52 22.76 35.95 30.55
CA ASP I 52 21.68 36.24 31.49
C ASP I 52 20.32 36.13 30.81
N GLY I 53 20.30 36.35 29.50
CA GLY I 53 19.06 36.30 28.74
C GLY I 53 18.34 37.62 28.71
N ASP I 54 18.81 38.57 29.50
CA ASP I 54 18.21 39.89 29.58
C ASP I 54 18.87 40.87 28.61
N GLY I 55 18.37 40.89 27.38
CA GLY I 55 18.95 41.72 26.34
C GLY I 55 18.49 43.17 26.41
N THR I 56 18.86 43.95 25.40
CA THR I 56 18.54 45.37 25.35
C THR I 56 17.08 45.61 24.95
N PRO I 57 16.36 46.40 25.77
CA PRO I 57 14.97 46.76 25.46
C PRO I 57 14.87 47.39 24.09
N LEU I 58 13.82 47.04 23.34
CA LEU I 58 13.63 47.56 21.99
C LEU I 58 13.43 49.07 22.02
N GLU I 59 12.97 49.58 23.16
CA GLU I 59 12.68 51.00 23.31
C GLU I 59 13.96 51.82 23.34
N ALA I 60 15.03 51.21 23.83
CA ALA I 60 16.32 51.88 23.93
C ALA I 60 17.03 51.96 22.58
N ARG I 61 16.51 51.23 21.59
CA ARG I 61 17.07 51.24 20.25
C ARG I 61 16.58 52.45 19.47
N THR I 62 17.46 53.02 18.67
CA THR I 62 17.05 54.06 17.72
C THR I 62 16.84 53.41 16.37
N VAL I 63 15.79 53.83 15.66
CA VAL I 63 15.47 53.22 14.38
C VAL I 63 15.12 54.26 13.33
N ARG I 64 15.56 54.01 12.10
CA ARG I 64 15.20 54.87 10.97
C ARG I 64 14.71 54.00 9.83
N ARG I 65 13.74 54.50 9.07
CA ARG I 65 13.23 53.77 7.93
C ARG I 65 14.30 53.73 6.84
N ARG I 66 14.30 52.67 6.04
CA ARG I 66 15.39 52.44 5.10
C ARG I 66 14.89 51.84 3.80
N MET J 1 -5.43 -29.95 20.34
CA MET J 1 -5.21 -28.59 20.84
C MET J 1 -6.52 -27.96 21.30
N ASP J 2 -6.55 -27.55 22.57
CA ASP J 2 -7.75 -26.94 23.15
C ASP J 2 -8.01 -25.56 22.56
N LEU J 3 -9.18 -25.01 22.85
CA LEU J 3 -9.58 -23.71 22.30
C LEU J 3 -8.71 -22.57 22.85
N THR J 4 -8.43 -22.62 24.15
CA THR J 4 -7.63 -21.58 24.79
C THR J 4 -6.30 -21.36 24.09
N SER J 5 -5.60 -22.44 23.78
CA SER J 5 -4.30 -22.34 23.13
C SER J 5 -4.44 -21.90 21.68
N LYS J 6 -5.57 -22.23 21.07
CA LYS J 6 -5.85 -21.84 19.70
C LYS J 6 -5.97 -20.32 19.62
N VAL J 7 -6.61 -19.73 20.63
CA VAL J 7 -6.77 -18.28 20.70
C VAL J 7 -5.47 -17.60 21.14
N ASN J 8 -4.77 -18.22 22.08
CA ASN J 8 -3.48 -17.73 22.52
C ASN J 8 -2.50 -17.64 21.34
N ARG J 9 -2.68 -18.53 20.38
CA ARG J 9 -1.85 -18.53 19.18
C ARG J 9 -2.18 -17.32 18.31
N LEU J 10 -3.46 -16.96 18.29
CA LEU J 10 -3.93 -15.82 17.50
C LEU J 10 -3.50 -14.51 18.15
N LEU J 11 -3.53 -14.46 19.48
CA LEU J 11 -3.15 -13.26 20.21
C LEU J 11 -1.64 -13.04 20.18
N ALA J 12 -0.88 -14.12 20.03
CA ALA J 12 0.57 -14.03 19.93
C ALA J 12 0.97 -13.43 18.59
N GLU J 13 0.28 -13.88 17.53
CA GLU J 13 0.53 -13.36 16.19
C GLU J 13 0.08 -11.91 16.08
N PHE J 14 -1.06 -11.60 16.70
CA PHE J 14 -1.58 -10.24 16.71
C PHE J 14 -0.62 -9.30 17.43
N ALA J 15 -0.04 -9.78 18.53
CA ALA J 15 0.94 -8.99 19.27
C ALA J 15 2.14 -8.67 18.40
N GLY J 16 2.69 -9.69 17.75
CA GLY J 16 3.83 -9.50 16.88
C GLY J 16 3.61 -8.45 15.82
N ARG J 17 2.36 -8.28 15.41
CA ARG J 17 2.03 -7.33 14.35
C ARG J 17 2.01 -5.89 14.84
N ILE J 18 1.51 -5.68 16.06
CA ILE J 18 1.32 -4.33 16.58
C ILE J 18 2.50 -3.81 17.40
N GLY J 19 3.38 -4.71 17.83
CA GLY J 19 4.59 -4.30 18.53
C GLY J 19 4.58 -4.57 20.03
N LEU J 20 3.71 -5.46 20.47
CA LEU J 20 3.71 -5.88 21.87
C LEU J 20 4.49 -7.18 22.02
N PRO J 21 5.30 -7.27 23.08
CA PRO J 21 6.17 -8.43 23.33
C PRO J 21 5.38 -9.73 23.35
N SER J 22 4.21 -9.71 23.98
CA SER J 22 3.38 -10.92 24.09
C SER J 22 1.95 -10.56 24.42
N LEU J 23 1.05 -11.53 24.27
CA LEU J 23 -0.35 -11.35 24.59
C LEU J 23 -1.04 -12.69 24.77
N SER J 24 -1.62 -12.90 25.94
CA SER J 24 -2.29 -14.16 26.25
C SER J 24 -3.50 -13.96 27.18
N LEU J 25 -4.28 -15.01 27.35
CA LEU J 25 -5.47 -14.94 28.19
C LEU J 25 -5.18 -15.31 29.64
N ASP J 26 -6.03 -14.83 30.54
CA ASP J 26 -5.88 -15.11 31.97
C ASP J 26 -6.24 -16.55 32.32
N GLU J 27 -6.21 -16.85 33.61
CA GLU J 27 -6.71 -18.14 34.09
C GLU J 27 -8.22 -18.13 33.91
N GLU J 28 -8.81 -16.94 33.93
CA GLU J 28 -10.22 -16.76 33.66
C GLU J 28 -10.47 -16.57 32.17
N GLY J 29 -9.38 -16.56 31.41
CA GLY J 29 -9.45 -16.39 29.97
C GLY J 29 -9.76 -14.95 29.57
N MET J 30 -9.05 -14.01 30.19
CA MET J 30 -9.27 -12.59 29.91
C MET J 30 -7.97 -11.86 29.59
N ALA J 31 -8.09 -10.79 28.82
CA ALA J 31 -6.94 -9.96 28.47
C ALA J 31 -7.42 -8.56 28.10
N SER J 32 -6.79 -7.54 28.66
CA SER J 32 -7.23 -6.16 28.43
C SER J 32 -6.17 -5.31 27.76
N LEU J 33 -6.62 -4.35 26.96
CA LEU J 33 -5.75 -3.44 26.24
C LEU J 33 -6.22 -2.00 26.44
N LEU J 34 -5.34 -1.04 26.13
CA LEU J 34 -5.69 0.37 26.25
C LEU J 34 -5.24 1.15 25.03
N PHE J 35 -6.20 1.66 24.26
CA PHE J 35 -5.91 2.35 23.01
C PHE J 35 -5.92 3.87 23.19
N ASP J 36 -4.84 4.51 22.75
CA ASP J 36 -4.70 5.96 22.86
C ASP J 36 -4.92 6.46 24.28
N GLU J 37 -4.68 5.58 25.26
CA GLU J 37 -4.80 5.94 26.67
C GLU J 37 -6.21 6.38 27.03
N GLN J 38 -7.18 6.05 26.18
CA GLN J 38 -8.55 6.50 26.37
C GLN J 38 -9.58 5.38 26.30
N VAL J 39 -9.47 4.53 25.28
CA VAL J 39 -10.43 3.45 25.10
C VAL J 39 -9.89 2.10 25.55
N GLY J 40 -10.47 1.56 26.62
CA GLY J 40 -10.07 0.27 27.14
C GLY J 40 -10.88 -0.86 26.53
N VAL J 41 -10.19 -1.92 26.12
CA VAL J 41 -10.87 -3.08 25.53
C VAL J 41 -10.47 -4.35 26.27
N THR J 42 -11.46 -5.20 26.56
CA THR J 42 -11.21 -6.44 27.28
C THR J 42 -11.67 -7.65 26.46
N LEU J 43 -10.80 -8.67 26.40
CA LEU J 43 -11.12 -9.89 25.67
C LEU J 43 -11.61 -10.97 26.64
N LEU J 44 -12.69 -11.63 26.27
CA LEU J 44 -13.29 -12.65 27.12
C LEU J 44 -13.55 -13.94 26.34
N LEU J 45 -12.80 -14.98 26.66
CA LEU J 45 -12.99 -16.27 26.00
C LEU J 45 -13.97 -17.15 26.78
N LEU J 46 -15.07 -17.50 26.12
CA LEU J 46 -16.05 -18.41 26.71
C LEU J 46 -15.90 -19.80 26.09
N ALA J 47 -15.06 -20.63 26.71
CA ALA J 47 -14.78 -21.95 26.18
C ALA J 47 -16.03 -22.82 26.09
N GLU J 48 -16.98 -22.56 26.99
CA GLU J 48 -18.21 -23.34 27.04
C GLU J 48 -19.05 -23.13 25.78
N ARG J 49 -19.27 -21.87 25.44
CA ARG J 49 -20.09 -21.52 24.28
C ARG J 49 -19.24 -21.34 23.02
N GLU J 50 -17.94 -21.51 23.18
CA GLU J 50 -17.00 -21.37 22.06
C GLU J 50 -17.20 -20.06 21.31
N ARG J 51 -16.90 -18.95 21.97
CA ARG J 51 -17.04 -17.63 21.36
C ARG J 51 -16.20 -16.59 22.11
N LEU J 52 -15.61 -15.67 21.35
CA LEU J 52 -14.77 -14.63 21.93
C LEU J 52 -15.57 -13.33 22.13
N LEU J 53 -15.57 -12.82 23.35
CA LEU J 53 -16.27 -11.59 23.66
C LEU J 53 -15.33 -10.40 23.63
N LEU J 54 -15.85 -9.24 23.26
CA LEU J 54 -15.06 -8.02 23.19
C LEU J 54 -15.77 -6.86 23.86
N GLU J 55 -15.29 -6.45 25.03
CA GLU J 55 -15.86 -5.31 25.73
C GLU J 55 -15.08 -4.05 25.39
N ALA J 56 -15.79 -2.92 25.29
CA ALA J 56 -15.16 -1.65 24.96
C ALA J 56 -15.74 -0.51 25.78
N ASP J 57 -14.89 0.14 26.57
CA ASP J 57 -15.31 1.29 27.36
C ASP J 57 -15.49 2.51 26.47
N VAL J 58 -16.69 3.08 26.49
CA VAL J 58 -17.01 4.23 25.64
C VAL J 58 -16.87 5.55 26.40
N VAL J 59 -17.82 5.82 27.29
CA VAL J 59 -17.80 7.07 28.07
C VAL J 59 -18.18 6.87 29.53
N GLY J 60 -17.91 7.89 30.34
CA GLY J 60 -18.30 7.87 31.74
C GLY J 60 -19.66 8.51 31.92
N ILE J 61 -20.43 7.99 32.87
CA ILE J 61 -21.79 8.46 33.10
C ILE J 61 -21.83 9.88 33.66
N ASP J 62 -20.71 10.32 34.22
CA ASP J 62 -20.64 11.65 34.83
C ASP J 62 -20.66 12.78 33.80
N VAL J 63 -20.25 12.47 32.57
CA VAL J 63 -20.23 13.47 31.51
C VAL J 63 -21.49 13.37 30.65
N LEU J 64 -22.35 12.41 30.98
CA LEU J 64 -23.57 12.18 30.21
C LEU J 64 -24.80 12.76 30.91
N GLY J 65 -25.62 13.47 30.15
CA GLY J 65 -26.89 13.94 30.65
C GLY J 65 -27.89 12.80 30.64
N GLU J 66 -28.85 12.83 31.55
CA GLU J 66 -29.82 11.75 31.66
C GLU J 66 -30.71 11.64 30.42
N GLY J 67 -31.36 10.49 30.27
CA GLY J 67 -32.22 10.25 29.12
C GLY J 67 -31.49 9.58 27.97
N ILE J 68 -30.19 9.37 28.14
CA ILE J 68 -29.38 8.74 27.11
C ILE J 68 -29.56 7.22 27.09
N PHE J 69 -29.75 6.64 28.27
CA PHE J 69 -29.96 5.19 28.37
C PHE J 69 -31.11 4.73 27.49
N ARG J 70 -32.09 5.61 27.29
CA ARG J 70 -33.23 5.30 26.45
C ARG J 70 -32.82 5.25 24.98
N GLN J 71 -31.99 6.20 24.57
CA GLN J 71 -31.52 6.26 23.19
C GLN J 71 -30.52 5.14 22.90
N LEU J 72 -29.91 4.60 23.95
CA LEU J 72 -29.01 3.47 23.82
C LEU J 72 -29.81 2.18 23.67
N ALA J 73 -30.94 2.10 24.37
CA ALA J 73 -31.82 0.95 24.26
C ALA J 73 -32.46 0.89 22.88
N SER J 74 -32.87 2.05 22.37
CA SER J 74 -33.45 2.14 21.03
C SER J 74 -32.44 1.66 19.99
N PHE J 75 -31.16 1.79 20.30
CA PHE J 75 -30.10 1.32 19.42
C PHE J 75 -30.07 -0.20 19.39
N ASN J 76 -30.11 -0.81 20.57
CA ASN J 76 -30.06 -2.26 20.70
C ASN J 76 -31.15 -2.96 19.89
N ARG J 77 -32.24 -2.24 19.62
CA ARG J 77 -33.33 -2.78 18.81
C ARG J 77 -32.85 -3.10 17.39
N HIS J 78 -31.88 -2.33 16.91
CA HIS J 78 -31.32 -2.54 15.59
C HIS J 78 -29.82 -2.84 15.66
N TRP J 79 -29.43 -3.56 16.71
CA TRP J 79 -28.02 -3.90 16.91
C TRP J 79 -27.50 -4.75 15.76
N HIS J 80 -28.41 -5.46 15.09
CA HIS J 80 -28.03 -6.39 14.02
C HIS J 80 -27.46 -5.66 12.81
N ARG J 81 -27.65 -4.35 12.76
CA ARG J 81 -27.16 -3.55 11.63
C ARG J 81 -25.66 -3.26 11.77
N PHE J 82 -25.12 -3.48 12.95
CA PHE J 82 -23.71 -3.21 13.21
C PHE J 82 -23.04 -4.36 13.97
N ASP J 83 -23.84 -5.32 14.42
CA ASP J 83 -23.35 -6.41 15.25
C ASP J 83 -22.71 -5.88 16.53
N LEU J 84 -23.35 -4.86 17.11
CA LEU J 84 -22.85 -4.24 18.34
C LEU J 84 -24.03 -3.76 19.17
N HIS J 85 -23.97 -3.99 20.49
CA HIS J 85 -25.00 -3.48 21.38
C HIS J 85 -24.40 -2.82 22.62
N PHE J 86 -25.17 -1.93 23.22
CA PHE J 86 -24.69 -1.17 24.39
C PHE J 86 -24.97 -1.89 25.70
N GLY J 87 -24.10 -1.62 26.68
CA GLY J 87 -24.25 -2.16 28.02
C GLY J 87 -23.68 -1.18 29.02
N PHE J 88 -23.88 -1.45 30.31
CA PHE J 88 -23.41 -0.56 31.36
C PHE J 88 -22.79 -1.30 32.53
N ASP J 89 -21.72 -0.74 33.08
CA ASP J 89 -21.04 -1.31 34.23
C ASP J 89 -21.16 -0.36 35.41
N GLU J 90 -22.11 -0.65 36.30
CA GLU J 90 -22.40 0.23 37.43
C GLU J 90 -21.17 0.51 38.28
N LEU J 91 -20.29 -0.48 38.40
CA LEU J 91 -19.10 -0.35 39.24
C LEU J 91 -18.08 0.64 38.68
N THR J 92 -18.00 0.70 37.35
CA THR J 92 -17.02 1.58 36.71
C THR J 92 -17.64 2.89 36.26
N GLY J 93 -18.93 2.86 35.97
CA GLY J 93 -19.64 4.03 35.46
C GLY J 93 -19.34 4.23 33.99
N LYS J 94 -18.96 3.16 33.32
CA LYS J 94 -18.60 3.21 31.91
C LYS J 94 -19.66 2.58 31.01
N VAL J 95 -20.00 3.27 29.92
CA VAL J 95 -20.85 2.70 28.89
C VAL J 95 -20.00 1.82 27.99
N GLN J 96 -20.52 0.65 27.63
CA GLN J 96 -19.73 -0.32 26.89
C GLN J 96 -20.41 -0.85 25.64
N LEU J 97 -19.63 -1.04 24.58
CA LEU J 97 -20.10 -1.73 23.39
C LEU J 97 -19.60 -3.16 23.41
N TYR J 98 -20.45 -4.10 22.98
CA TYR J 98 -20.08 -5.50 22.98
C TYR J 98 -20.09 -6.09 21.57
N ALA J 99 -19.05 -6.87 21.26
CA ALA J 99 -18.97 -7.58 20.01
C ALA J 99 -18.49 -9.00 20.27
N GLN J 100 -18.99 -9.96 19.50
CA GLN J 100 -18.61 -11.35 19.70
C GLN J 100 -18.16 -12.02 18.40
N ILE J 101 -17.31 -13.03 18.53
CA ILE J 101 -16.82 -13.79 17.39
C ILE J 101 -16.95 -15.27 17.66
N LEU J 102 -17.73 -15.96 16.82
CA LEU J 102 -17.90 -17.40 16.94
C LEU J 102 -16.58 -18.11 16.65
N ALA J 103 -16.29 -19.16 17.40
CA ALA J 103 -15.05 -19.90 17.23
C ALA J 103 -14.90 -20.44 15.81
N ALA J 104 -16.01 -20.49 15.07
CA ALA J 104 -16.01 -21.01 13.71
C ALA J 104 -15.42 -20.02 12.71
N GLN J 105 -15.56 -18.74 13.01
CA GLN J 105 -15.05 -17.68 12.13
C GLN J 105 -13.89 -16.92 12.76
N LEU J 106 -13.41 -17.42 13.90
CA LEU J 106 -12.33 -16.76 14.61
C LEU J 106 -10.98 -16.93 13.91
N THR J 107 -10.59 -15.92 13.15
CA THR J 107 -9.29 -15.89 12.50
C THR J 107 -8.59 -14.59 12.86
N LEU J 108 -7.32 -14.47 12.49
CA LEU J 108 -6.59 -13.23 12.74
C LEU J 108 -7.25 -12.07 12.01
N GLU J 109 -7.49 -12.26 10.71
CA GLU J 109 -8.09 -11.24 9.88
C GLU J 109 -9.43 -10.76 10.45
N CYS J 110 -10.25 -11.71 10.90
CA CYS J 110 -11.56 -11.40 11.44
C CYS J 110 -11.45 -10.70 12.80
N PHE J 111 -10.47 -11.12 13.60
CA PHE J 111 -10.26 -10.54 14.92
C PHE J 111 -9.85 -9.07 14.83
N GLU J 112 -8.91 -8.78 13.94
CA GLU J 112 -8.44 -7.41 13.76
C GLU J 112 -9.53 -6.52 13.19
N ALA J 113 -10.32 -7.07 12.27
CA ALA J 113 -11.40 -6.32 11.63
C ALA J 113 -12.50 -5.98 12.65
N THR J 114 -12.86 -6.96 13.47
CA THR J 114 -13.88 -6.78 14.48
C THR J 114 -13.43 -5.79 15.56
N LEU J 115 -12.15 -5.81 15.87
CA LEU J 115 -11.59 -4.91 16.87
C LEU J 115 -11.53 -3.48 16.33
N ALA J 116 -11.06 -3.33 15.10
CA ALA J 116 -10.96 -2.02 14.48
C ALA J 116 -12.33 -1.36 14.35
N ASN J 117 -13.34 -2.17 14.04
CA ASN J 117 -14.71 -1.67 13.95
C ASN J 117 -15.22 -1.26 15.32
N LEU J 118 -15.02 -2.13 16.32
CA LEU J 118 -15.45 -1.85 17.68
C LEU J 118 -14.86 -0.54 18.18
N LEU J 119 -13.58 -0.32 17.89
CA LEU J 119 -12.92 0.92 18.27
C LEU J 119 -13.49 2.11 17.49
N ASP J 120 -13.73 1.91 16.20
CA ASP J 120 -14.31 2.97 15.36
C ASP J 120 -15.59 3.52 15.96
N HIS J 121 -16.47 2.62 16.39
CA HIS J 121 -17.76 3.02 16.97
C HIS J 121 -17.59 3.55 18.40
N ALA J 122 -16.74 2.89 19.17
CA ALA J 122 -16.50 3.30 20.56
C ALA J 122 -15.99 4.73 20.63
N GLU J 123 -15.07 5.07 19.73
CA GLU J 123 -14.51 6.41 19.69
C GLU J 123 -15.55 7.42 19.22
N PHE J 124 -16.47 6.95 18.39
CA PHE J 124 -17.54 7.80 17.85
C PHE J 124 -18.56 8.16 18.92
N TRP J 125 -19.01 7.17 19.67
CA TRP J 125 -19.97 7.40 20.75
C TRP J 125 -19.31 8.06 21.96
N GLN J 126 -17.98 7.99 22.00
CA GLN J 126 -17.23 8.64 23.07
C GLN J 126 -17.14 10.14 22.83
N ARG J 127 -17.19 10.53 21.55
CA ARG J 127 -17.09 11.92 21.16
C ARG J 127 -18.46 12.56 20.97
N LEU J 128 -19.48 11.71 20.83
CA LEU J 128 -20.84 12.19 20.58
C LEU J 128 -21.68 12.30 21.84
N LEU J 129 -21.67 11.27 22.66
CA LEU J 129 -22.53 11.17 23.84
C LEU J 129 -22.38 12.31 24.87
N PRO J 130 -21.13 12.69 25.20
CA PRO J 130 -20.93 13.75 26.19
C PRO J 130 -21.74 15.00 25.87
N CYS J 131 -22.36 15.59 26.88
CA CYS J 131 -23.17 16.79 26.69
C CYS J 131 -22.50 18.01 27.33
N ALA J 132 -21.39 17.78 28.02
CA ALA J 132 -20.68 18.84 28.71
C ALA J 132 -20.16 19.90 27.76
N SER J 133 -19.98 19.53 26.50
CA SER J 133 -19.50 20.45 25.47
C SER J 133 -18.05 20.86 25.73
N ASP K 2 -33.53 -17.85 -3.18
CA ASP K 2 -34.59 -18.61 -2.52
C ASP K 2 -34.26 -18.87 -1.05
N LEU K 3 -33.60 -17.91 -0.42
CA LEU K 3 -33.29 -18.01 1.01
C LEU K 3 -34.56 -17.88 1.84
N THR K 4 -35.57 -17.24 1.26
CA THR K 4 -36.86 -17.06 1.93
C THR K 4 -37.60 -18.39 2.01
N SER K 5 -37.46 -19.21 0.98
CA SER K 5 -38.14 -20.50 0.93
C SER K 5 -37.54 -21.49 1.92
N LYS K 6 -36.27 -21.31 2.27
CA LYS K 6 -35.63 -22.14 3.27
C LYS K 6 -36.32 -21.96 4.62
N VAL K 7 -36.47 -20.71 5.03
CA VAL K 7 -37.14 -20.39 6.29
C VAL K 7 -38.57 -20.89 6.26
N ASN K 8 -39.24 -20.72 5.12
CA ASN K 8 -40.59 -21.24 4.95
C ASN K 8 -40.62 -22.76 5.02
N ARG K 9 -39.52 -23.38 4.61
CA ARG K 9 -39.38 -24.83 4.68
C ARG K 9 -39.22 -25.29 6.13
N LEU K 10 -38.42 -24.55 6.90
CA LEU K 10 -38.23 -24.84 8.31
C LEU K 10 -39.48 -24.50 9.11
N LEU K 11 -40.09 -23.37 8.77
CA LEU K 11 -41.33 -22.97 9.42
C LEU K 11 -42.47 -23.92 9.06
N ALA K 12 -42.32 -24.62 7.94
CA ALA K 12 -43.32 -25.60 7.51
C ALA K 12 -43.18 -26.88 8.32
N GLU K 13 -41.96 -27.40 8.40
CA GLU K 13 -41.68 -28.58 9.19
C GLU K 13 -41.93 -28.31 10.67
N PHE K 14 -41.56 -27.11 11.11
CA PHE K 14 -41.79 -26.69 12.48
C PHE K 14 -43.29 -26.59 12.77
N ALA K 15 -44.04 -26.11 11.79
CA ALA K 15 -45.49 -25.95 11.95
C ALA K 15 -46.16 -27.25 12.37
N GLY K 16 -45.71 -28.36 11.81
CA GLY K 16 -46.25 -29.67 12.15
C GLY K 16 -45.92 -30.06 13.58
N ARG K 17 -44.66 -29.82 13.98
CA ARG K 17 -44.21 -30.16 15.33
C ARG K 17 -44.85 -29.28 16.40
N ILE K 18 -45.02 -28.00 16.11
CA ILE K 18 -45.59 -27.07 17.09
C ILE K 18 -47.08 -27.32 17.31
N GLY K 19 -47.78 -27.73 16.25
CA GLY K 19 -49.19 -28.01 16.34
C GLY K 19 -50.04 -27.07 15.49
N LEU K 20 -49.42 -26.00 15.01
CA LEU K 20 -50.12 -25.05 14.14
C LEU K 20 -50.46 -25.70 12.80
N PRO K 21 -51.59 -25.29 12.21
CA PRO K 21 -52.03 -25.82 10.90
C PRO K 21 -50.99 -25.58 9.82
N SER K 22 -50.50 -24.35 9.72
CA SER K 22 -49.48 -24.00 8.74
C SER K 22 -48.72 -22.76 9.18
N LEU K 23 -47.53 -22.56 8.63
CA LEU K 23 -46.74 -21.36 8.95
C LEU K 23 -45.81 -20.94 7.81
N SER K 24 -45.78 -19.64 7.53
CA SER K 24 -44.94 -19.09 6.47
C SER K 24 -44.81 -17.58 6.67
N LEU K 25 -43.70 -17.03 6.17
CA LEU K 25 -43.47 -15.59 6.26
C LEU K 25 -44.39 -14.84 5.30
N ASP K 26 -44.90 -13.69 5.74
CA ASP K 26 -45.81 -12.89 4.93
C ASP K 26 -45.07 -12.17 3.80
N GLU K 27 -45.79 -11.27 3.13
CA GLU K 27 -45.24 -10.52 2.01
C GLU K 27 -43.98 -9.74 2.40
N GLU K 28 -43.99 -9.19 3.61
CA GLU K 28 -42.89 -8.37 4.08
C GLU K 28 -41.70 -9.23 4.49
N GLY K 29 -41.98 -10.43 4.97
CA GLY K 29 -40.95 -11.33 5.44
C GLY K 29 -40.96 -11.47 6.95
N MET K 30 -42.10 -11.14 7.55
CA MET K 30 -42.26 -11.21 9.00
C MET K 30 -43.27 -12.28 9.40
N ALA K 31 -43.40 -12.50 10.71
CA ALA K 31 -44.35 -13.48 11.23
C ALA K 31 -44.57 -13.23 12.72
N SER K 32 -45.82 -13.34 13.16
CA SER K 32 -46.14 -13.10 14.55
C SER K 32 -46.76 -14.33 15.21
N LEU K 33 -46.23 -14.70 16.37
CA LEU K 33 -46.71 -15.85 17.12
C LEU K 33 -46.94 -15.50 18.58
N LEU K 34 -47.93 -16.16 19.20
CA LEU K 34 -48.28 -15.89 20.59
C LEU K 34 -48.19 -17.16 21.44
N PHE K 35 -47.30 -17.13 22.43
CA PHE K 35 -47.10 -18.29 23.30
C PHE K 35 -47.67 -18.06 24.69
N ASP K 36 -48.39 -19.06 25.20
CA ASP K 36 -48.92 -19.03 26.56
C ASP K 36 -49.87 -17.87 26.82
N GLU K 37 -50.24 -17.16 25.76
CA GLU K 37 -51.15 -16.02 25.87
C GLU K 37 -50.55 -14.88 26.68
N GLN K 38 -49.26 -14.96 26.98
CA GLN K 38 -48.56 -13.92 27.72
C GLN K 38 -47.29 -13.47 27.02
N VAL K 39 -46.67 -14.37 26.26
CA VAL K 39 -45.44 -14.07 25.56
C VAL K 39 -45.67 -14.03 24.05
N GLY K 40 -45.10 -13.03 23.39
CA GLY K 40 -45.27 -12.86 21.95
C GLY K 40 -43.95 -12.67 21.22
N VAL K 41 -43.70 -13.55 20.25
CA VAL K 41 -42.48 -13.47 19.45
C VAL K 41 -42.79 -13.02 18.02
N THR K 42 -41.93 -12.16 17.48
CA THR K 42 -42.12 -11.65 16.13
C THR K 42 -40.94 -11.97 15.22
N LEU K 43 -41.08 -13.02 14.42
CA LEU K 43 -40.05 -13.42 13.47
C LEU K 43 -39.88 -12.35 12.40
N LEU K 44 -38.64 -12.17 11.94
CA LEU K 44 -38.35 -11.17 10.91
C LEU K 44 -37.13 -11.59 10.11
N LEU K 45 -37.33 -11.87 8.82
CA LEU K 45 -36.26 -12.32 7.95
C LEU K 45 -35.66 -11.19 7.12
N LEU K 46 -34.35 -10.99 7.25
CA LEU K 46 -33.63 -10.01 6.44
C LEU K 46 -32.85 -10.73 5.34
N ALA K 47 -33.30 -10.57 4.11
CA ALA K 47 -32.73 -11.31 2.98
C ALA K 47 -31.26 -10.99 2.73
N GLU K 48 -30.97 -9.73 2.42
CA GLU K 48 -29.62 -9.32 2.08
C GLU K 48 -28.61 -9.58 3.19
N ARG K 49 -29.09 -9.66 4.43
CA ARG K 49 -28.22 -9.86 5.58
C ARG K 49 -28.12 -11.33 6.01
N GLU K 50 -28.98 -12.17 5.45
CA GLU K 50 -28.98 -13.59 5.77
C GLU K 50 -29.16 -13.82 7.27
N ARG K 51 -30.11 -13.12 7.86
CA ARG K 51 -30.35 -13.21 9.30
C ARG K 51 -31.82 -13.46 9.61
N LEU K 52 -32.07 -14.08 10.75
CA LEU K 52 -33.43 -14.30 11.24
C LEU K 52 -33.59 -13.70 12.62
N LEU K 53 -34.33 -12.60 12.70
CA LEU K 53 -34.49 -11.87 13.95
C LEU K 53 -35.70 -12.36 14.75
N LEU K 54 -35.56 -12.43 16.06
CA LEU K 54 -36.66 -12.81 16.94
C LEU K 54 -36.87 -11.74 18.01
N GLU K 55 -37.99 -11.02 17.91
CA GLU K 55 -38.32 -9.97 18.86
C GLU K 55 -39.39 -10.43 19.83
N ALA K 56 -39.05 -10.48 21.11
CA ALA K 56 -39.98 -10.94 22.14
C ALA K 56 -40.39 -9.82 23.09
N ASP K 57 -41.67 -9.44 23.03
CA ASP K 57 -42.19 -8.40 23.91
C ASP K 57 -42.11 -8.85 25.36
N VAL K 58 -41.63 -7.97 26.23
CA VAL K 58 -41.53 -8.28 27.65
C VAL K 58 -42.59 -7.53 28.45
N VAL K 59 -42.33 -6.26 28.74
CA VAL K 59 -43.28 -5.44 29.49
C VAL K 59 -43.24 -3.99 29.00
N GLY K 60 -44.42 -3.36 28.97
CA GLY K 60 -44.51 -1.95 28.61
C GLY K 60 -43.81 -1.08 29.62
N ILE K 61 -43.48 0.15 29.23
CA ILE K 61 -42.72 1.04 30.09
C ILE K 61 -43.62 1.83 31.05
N ASP K 62 -44.93 1.69 30.87
CA ASP K 62 -45.90 2.43 31.67
C ASP K 62 -45.97 1.93 33.12
N VAL K 63 -45.45 0.74 33.37
CA VAL K 63 -45.48 0.16 34.71
C VAL K 63 -44.10 0.17 35.37
N LEU K 64 -43.09 0.59 34.63
CA LEU K 64 -41.73 0.69 35.15
C LEU K 64 -41.45 2.07 35.71
N GLY K 65 -40.36 2.21 36.46
CA GLY K 65 -39.96 3.48 37.00
C GLY K 65 -39.26 4.34 35.97
N GLU K 66 -38.69 5.45 36.42
CA GLU K 66 -37.97 6.34 35.52
C GLU K 66 -36.47 6.07 35.55
N GLY K 67 -36.07 5.09 36.35
CA GLY K 67 -34.69 4.67 36.44
C GLY K 67 -34.51 3.23 36.01
N ILE K 68 -35.34 2.80 35.05
CA ILE K 68 -35.31 1.42 34.57
C ILE K 68 -34.40 1.28 33.36
N PHE K 69 -34.22 2.36 32.62
CA PHE K 69 -33.38 2.35 31.43
C PHE K 69 -31.92 2.11 31.80
N ARG K 70 -31.52 2.58 32.97
CA ARG K 70 -30.18 2.33 33.49
C ARG K 70 -29.98 0.83 33.72
N GLN K 71 -30.98 0.21 34.33
CA GLN K 71 -30.91 -1.22 34.66
C GLN K 71 -30.78 -2.08 33.42
N LEU K 72 -31.61 -1.84 32.42
CA LEU K 72 -31.58 -2.60 31.18
C LEU K 72 -30.17 -2.63 30.59
N ALA K 73 -29.57 -1.46 30.45
CA ALA K 73 -28.21 -1.36 29.94
C ALA K 73 -27.26 -2.23 30.76
N SER K 74 -27.44 -2.23 32.07
CA SER K 74 -26.61 -3.02 32.96
C SER K 74 -26.84 -4.52 32.78
N PHE K 75 -28.09 -4.90 32.58
CA PHE K 75 -28.44 -6.30 32.36
C PHE K 75 -27.76 -6.83 31.10
N ASN K 76 -27.72 -6.00 30.07
CA ASN K 76 -27.13 -6.39 28.78
C ASN K 76 -25.66 -6.76 28.90
N ARG K 77 -25.01 -6.31 29.97
CA ARG K 77 -23.60 -6.63 30.20
C ARG K 77 -23.43 -8.10 30.52
N HIS K 78 -24.31 -8.62 31.36
CA HIS K 78 -24.21 -10.00 31.82
C HIS K 78 -24.97 -10.96 30.91
N TRP K 79 -26.10 -10.48 30.37
CA TRP K 79 -26.89 -11.29 29.43
C TRP K 79 -26.16 -11.41 28.10
N HIS K 80 -24.99 -10.79 28.02
CA HIS K 80 -24.15 -10.88 26.83
C HIS K 80 -23.61 -12.31 26.68
N ARG K 81 -23.74 -13.10 27.74
CA ARG K 81 -23.28 -14.49 27.72
C ARG K 81 -24.35 -15.42 27.17
N PHE K 82 -25.60 -15.16 27.52
CA PHE K 82 -26.73 -15.97 27.04
C PHE K 82 -27.10 -15.57 25.62
N ASP K 83 -26.28 -14.73 25.01
CA ASP K 83 -26.55 -14.22 23.67
C ASP K 83 -27.94 -13.61 23.59
N LEU K 84 -28.22 -12.67 24.50
CA LEU K 84 -29.48 -11.95 24.52
C LEU K 84 -29.23 -10.53 25.04
N HIS K 85 -30.18 -9.64 24.80
CA HIS K 85 -30.06 -8.26 25.28
C HIS K 85 -31.38 -7.52 25.17
N PHE K 86 -31.55 -6.52 26.05
CA PHE K 86 -32.79 -5.74 26.08
C PHE K 86 -32.72 -4.55 25.12
N GLY K 87 -33.82 -4.31 24.42
CA GLY K 87 -33.94 -3.17 23.54
C GLY K 87 -35.29 -2.51 23.73
N PHE K 88 -35.68 -1.64 22.80
CA PHE K 88 -36.96 -0.96 22.90
C PHE K 88 -37.47 -0.45 21.56
N ASP K 89 -38.78 -0.59 21.33
CA ASP K 89 -39.42 -0.08 20.13
C ASP K 89 -40.15 1.21 20.46
N GLU K 90 -39.66 2.31 19.91
CA GLU K 90 -40.22 3.64 20.19
C GLU K 90 -41.70 3.74 19.85
N LEU K 91 -42.07 3.29 18.65
CA LEU K 91 -43.45 3.38 18.21
C LEU K 91 -44.38 2.58 19.11
N THR K 92 -44.08 1.30 19.28
CA THR K 92 -44.88 0.42 20.13
C THR K 92 -44.91 0.91 21.58
N GLY K 93 -43.74 0.99 22.20
CA GLY K 93 -43.64 1.44 23.58
C GLY K 93 -43.57 0.29 24.55
N LYS K 94 -42.79 -0.73 24.20
CA LYS K 94 -42.65 -1.91 25.03
C LYS K 94 -41.25 -2.51 24.92
N VAL K 95 -40.58 -2.66 26.07
CA VAL K 95 -39.23 -3.22 26.12
C VAL K 95 -39.23 -4.65 25.56
N GLN K 96 -38.19 -5.00 24.82
CA GLN K 96 -38.11 -6.30 24.17
C GLN K 96 -36.78 -7.01 24.38
N LEU K 97 -36.80 -8.34 24.25
CA LEU K 97 -35.60 -9.15 24.24
C LEU K 97 -35.30 -9.59 22.81
N TYR K 98 -34.05 -9.41 22.37
CA TYR K 98 -33.69 -9.70 20.99
C TYR K 98 -32.75 -10.90 20.86
N ALA K 99 -32.80 -11.54 19.69
CA ALA K 99 -31.93 -12.67 19.39
C ALA K 99 -31.92 -12.87 17.87
N GLN K 100 -30.80 -13.38 17.36
CA GLN K 100 -30.65 -13.57 15.91
C GLN K 100 -30.01 -14.90 15.56
N ILE K 101 -30.32 -15.39 14.36
CA ILE K 101 -29.76 -16.64 13.86
C ILE K 101 -29.28 -16.44 12.43
N LEU K 102 -27.97 -16.61 12.22
CA LEU K 102 -27.40 -16.44 10.88
C LEU K 102 -27.78 -17.61 9.97
N ALA K 103 -27.76 -17.35 8.66
CA ALA K 103 -28.12 -18.37 7.68
C ALA K 103 -27.19 -19.58 7.74
N ALA K 104 -26.02 -19.39 8.36
CA ALA K 104 -25.04 -20.46 8.48
C ALA K 104 -25.48 -21.50 9.51
N GLN K 105 -26.01 -21.04 10.63
CA GLN K 105 -26.47 -21.93 11.69
C GLN K 105 -27.99 -22.05 11.70
N LEU K 106 -28.63 -21.57 10.65
CA LEU K 106 -30.09 -21.60 10.57
C LEU K 106 -30.60 -23.01 10.29
N THR K 107 -30.70 -23.81 11.34
CA THR K 107 -31.26 -25.15 11.23
C THR K 107 -32.51 -25.25 12.10
N LEU K 108 -33.33 -26.27 11.85
CA LEU K 108 -34.55 -26.44 12.63
C LEU K 108 -34.23 -26.62 14.11
N GLU K 109 -33.21 -27.43 14.39
CA GLU K 109 -32.77 -27.66 15.76
C GLU K 109 -32.35 -26.34 16.42
N CYS K 110 -31.49 -25.60 15.74
CA CYS K 110 -30.99 -24.33 16.25
C CYS K 110 -32.14 -23.33 16.43
N PHE K 111 -33.16 -23.44 15.59
CA PHE K 111 -34.30 -22.54 15.64
C PHE K 111 -35.12 -22.77 16.91
N GLU K 112 -35.42 -24.03 17.20
CA GLU K 112 -36.22 -24.38 18.38
C GLU K 112 -35.43 -24.17 19.67
N ALA K 113 -34.14 -24.48 19.63
CA ALA K 113 -33.28 -24.31 20.80
C ALA K 113 -33.21 -22.85 21.23
N THR K 114 -32.97 -21.96 20.27
CA THR K 114 -32.91 -20.53 20.55
C THR K 114 -34.25 -19.99 21.00
N LEU K 115 -35.32 -20.43 20.34
CA LEU K 115 -36.67 -19.97 20.68
C LEU K 115 -37.06 -20.46 22.07
N ALA K 116 -36.70 -21.69 22.38
CA ALA K 116 -36.96 -22.25 23.71
C ALA K 116 -36.26 -21.42 24.77
N ASN K 117 -35.00 -21.09 24.53
CA ASN K 117 -34.22 -20.26 25.44
C ASN K 117 -34.81 -18.85 25.54
N LEU K 118 -35.27 -18.33 24.41
CA LEU K 118 -35.84 -16.99 24.36
C LEU K 118 -37.11 -16.88 25.19
N LEU K 119 -37.95 -17.89 25.11
CA LEU K 119 -39.23 -17.91 25.83
C LEU K 119 -39.02 -18.00 27.34
N ASP K 120 -38.08 -18.83 27.75
CA ASP K 120 -37.76 -18.99 29.17
C ASP K 120 -37.31 -17.66 29.77
N HIS K 121 -36.42 -16.96 29.08
CA HIS K 121 -35.92 -15.67 29.55
C HIS K 121 -36.99 -14.58 29.49
N ALA K 122 -37.85 -14.65 28.48
CA ALA K 122 -38.94 -13.68 28.35
C ALA K 122 -39.90 -13.78 29.52
N GLU K 123 -40.35 -14.99 29.81
CA GLU K 123 -41.22 -15.24 30.96
C GLU K 123 -40.54 -14.83 32.26
N PHE K 124 -39.29 -15.25 32.43
CA PHE K 124 -38.50 -14.96 33.62
C PHE K 124 -38.48 -13.48 33.95
N TRP K 125 -38.34 -12.65 32.94
CA TRP K 125 -38.20 -11.21 33.15
C TRP K 125 -39.54 -10.49 33.38
N GLN K 126 -40.60 -10.97 32.74
CA GLN K 126 -41.92 -10.37 32.91
C GLN K 126 -42.31 -10.26 34.37
N ARG K 127 -42.10 -11.35 35.12
CA ARG K 127 -42.43 -11.38 36.53
C ARG K 127 -41.55 -10.45 37.34
N LEU K 128 -40.29 -10.32 36.93
CA LEU K 128 -39.30 -9.58 37.73
C LEU K 128 -39.22 -8.10 37.41
N LEU K 129 -39.53 -7.74 36.17
CA LEU K 129 -39.43 -6.33 35.76
C LEU K 129 -40.19 -5.36 36.68
N PRO K 130 -41.48 -5.63 36.92
CA PRO K 130 -42.21 -4.81 37.88
C PRO K 130 -41.84 -5.18 39.32
N CYS K 131 -41.12 -4.30 40.00
CA CYS K 131 -40.72 -4.54 41.38
C CYS K 131 -40.09 -3.28 41.97
N THR L 2 10.89 0.21 31.05
CA THR L 2 10.07 0.96 30.09
C THR L 2 8.82 0.16 29.71
N GLU L 3 7.70 0.85 29.57
CA GLU L 3 6.45 0.23 29.18
C GLU L 3 6.37 0.06 27.68
N ALA L 4 6.10 -1.16 27.23
CA ALA L 4 5.96 -1.45 25.80
C ALA L 4 4.73 -0.78 25.23
N VAL L 5 4.88 -0.15 24.06
CA VAL L 5 3.77 0.51 23.38
C VAL L 5 3.65 0.02 21.94
N GLY L 6 2.46 -0.45 21.59
CA GLY L 6 2.21 -0.95 20.25
C GLY L 6 1.36 -0.01 19.41
N HIS L 7 1.10 -0.39 18.16
CA HIS L 7 0.33 0.44 17.25
C HIS L 7 -0.67 -0.39 16.46
N PHE L 8 -1.94 0.00 16.53
CA PHE L 8 -3.00 -0.70 15.81
C PHE L 8 -3.95 0.28 15.12
N GLU L 9 -3.95 0.24 13.80
CA GLU L 9 -4.81 1.08 12.99
C GLU L 9 -4.83 2.54 13.44
N GLY L 10 -3.63 3.14 13.50
CA GLY L 10 -3.49 4.54 13.86
C GLY L 10 -3.79 4.81 15.32
N ARG L 11 -3.55 3.81 16.16
CA ARG L 11 -3.78 3.95 17.59
C ARG L 11 -2.65 3.33 18.40
N SER L 12 -2.23 4.03 19.44
CA SER L 12 -1.23 3.48 20.35
C SER L 12 -1.89 2.42 21.23
N VAL L 13 -1.13 1.41 21.61
CA VAL L 13 -1.68 0.30 22.40
C VAL L 13 -0.73 -0.11 23.52
N THR L 14 -1.26 -0.19 24.73
CA THR L 14 -0.48 -0.68 25.87
C THR L 14 -1.20 -1.82 26.58
N ARG L 15 -0.42 -2.71 27.19
CA ARG L 15 -0.98 -3.83 27.95
C ARG L 15 -1.69 -3.29 29.19
N ALA L 16 -2.95 -3.66 29.36
CA ALA L 16 -3.73 -3.18 30.49
C ALA L 16 -4.07 -4.32 31.45
N ALA L 17 -4.25 -3.99 32.73
CA ALA L 17 -4.59 -4.98 33.74
C ALA L 17 -6.06 -5.38 33.61
N VAL L 18 -6.34 -6.65 33.88
CA VAL L 18 -7.70 -7.17 33.75
C VAL L 18 -8.60 -6.61 34.86
N ARG L 19 -7.99 -6.19 35.95
CA ARG L 19 -8.71 -5.58 37.08
C ARG L 19 -10.03 -6.29 37.40
N GLY L 20 -10.02 -7.61 37.40
CA GLY L 20 -11.21 -8.39 37.68
C GLY L 20 -11.82 -8.10 39.04
N GLU L 21 -10.98 -7.76 40.00
CA GLU L 21 -11.43 -7.47 41.36
C GLU L 21 -11.76 -5.99 41.52
N ASP L 22 -11.23 -5.17 40.61
CA ASP L 22 -11.44 -3.73 40.66
C ASP L 22 -12.85 -3.36 40.22
N ARG L 23 -13.26 -3.87 39.05
CA ARG L 23 -14.57 -3.56 38.49
C ARG L 23 -15.24 -4.80 37.91
N SER L 24 -16.56 -4.76 37.82
CA SER L 24 -17.33 -5.87 37.26
C SER L 24 -18.55 -5.38 36.49
N GLY L 53 -31.58 -21.74 36.50
CA GLY L 53 -32.57 -21.70 35.44
C GLY L 53 -32.92 -23.08 34.92
N ASP L 54 -34.21 -23.41 34.95
CA ASP L 54 -34.67 -24.71 34.48
C ASP L 54 -35.29 -24.60 33.09
N GLY L 55 -34.68 -25.27 32.12
CA GLY L 55 -35.15 -25.23 30.75
C GLY L 55 -36.54 -25.82 30.58
N THR L 56 -37.41 -25.10 29.90
CA THR L 56 -38.77 -25.58 29.64
C THR L 56 -38.97 -25.95 28.17
N PRO L 57 -39.25 -27.23 27.91
CA PRO L 57 -39.46 -27.76 26.57
C PRO L 57 -40.53 -26.98 25.81
N LEU L 58 -40.44 -26.99 24.48
CA LEU L 58 -41.39 -26.25 23.64
C LEU L 58 -42.67 -27.05 23.38
N GLU L 59 -42.56 -28.38 23.43
CA GLU L 59 -43.70 -29.25 23.22
C GLU L 59 -44.78 -28.96 24.28
N ALA L 60 -44.34 -28.59 25.47
CA ALA L 60 -45.24 -28.33 26.57
C ALA L 60 -45.90 -26.96 26.45
N ARG L 61 -45.17 -26.01 25.87
CA ARG L 61 -45.68 -24.65 25.73
C ARG L 61 -46.85 -24.59 24.75
N THR L 62 -47.75 -23.62 24.97
CA THR L 62 -48.91 -23.45 24.11
C THR L 62 -48.62 -22.46 23.00
N VAL L 63 -49.27 -22.64 21.86
CA VAL L 63 -49.04 -21.78 20.70
C VAL L 63 -50.33 -21.14 20.20
N ARG L 64 -50.22 -19.93 19.66
CA ARG L 64 -51.36 -19.18 19.16
C ARG L 64 -50.95 -18.22 18.05
N ARG L 65 -51.02 -18.69 16.81
CA ARG L 65 -50.68 -17.86 15.66
C ARG L 65 -51.58 -16.64 15.57
N ARG L 66 -50.97 -15.46 15.49
CA ARG L 66 -51.74 -14.22 15.41
C ARG L 66 -51.21 -13.31 14.30
N MET M 1 -6.18 33.80 -10.92
CA MET M 1 -7.46 33.55 -11.58
C MET M 1 -8.60 33.54 -10.58
N ASP M 2 -9.80 33.21 -11.06
CA ASP M 2 -10.97 33.13 -10.19
C ASP M 2 -11.03 31.78 -9.48
N LEU M 3 -11.90 31.68 -8.48
CA LEU M 3 -12.00 30.47 -7.68
C LEU M 3 -12.67 29.33 -8.44
N THR M 4 -13.62 29.67 -9.31
CA THR M 4 -14.36 28.67 -10.08
C THR M 4 -13.43 27.84 -10.95
N SER M 5 -12.44 28.50 -11.55
CA SER M 5 -11.49 27.82 -12.43
C SER M 5 -10.58 26.89 -11.66
N LYS M 6 -10.22 27.30 -10.44
CA LYS M 6 -9.34 26.50 -9.59
C LYS M 6 -10.05 25.24 -9.11
N VAL M 7 -11.35 25.36 -8.84
CA VAL M 7 -12.14 24.23 -8.38
C VAL M 7 -12.35 23.21 -9.50
N ASN M 8 -12.57 23.70 -10.71
CA ASN M 8 -12.70 22.82 -11.87
C ASN M 8 -11.42 22.03 -12.12
N ARG M 9 -10.28 22.71 -12.04
CA ARG M 9 -8.99 22.05 -12.15
C ARG M 9 -8.87 20.97 -11.08
N LEU M 10 -9.49 21.22 -9.94
CA LEU M 10 -9.47 20.28 -8.82
C LEU M 10 -10.38 19.08 -9.09
N LEU M 11 -11.63 19.37 -9.44
CA LEU M 11 -12.60 18.32 -9.72
C LEU M 11 -12.19 17.47 -10.91
N ALA M 12 -11.43 18.07 -11.82
CA ALA M 12 -10.97 17.38 -13.02
C ALA M 12 -9.91 16.34 -12.65
N GLU M 13 -9.04 16.67 -11.72
CA GLU M 13 -8.00 15.76 -11.26
C GLU M 13 -8.60 14.67 -10.38
N PHE M 14 -9.71 15.00 -9.71
CA PHE M 14 -10.42 14.03 -8.89
C PHE M 14 -11.09 12.99 -9.78
N ALA M 15 -11.73 13.46 -10.84
CA ALA M 15 -12.41 12.58 -11.78
C ALA M 15 -11.42 11.60 -12.42
N GLY M 16 -10.23 12.09 -12.72
CA GLY M 16 -9.20 11.27 -13.33
C GLY M 16 -8.74 10.15 -12.42
N ARG M 17 -8.76 10.41 -11.12
CA ARG M 17 -8.29 9.43 -10.14
C ARG M 17 -9.33 8.34 -9.85
N ILE M 18 -10.60 8.73 -9.76
CA ILE M 18 -11.66 7.79 -9.43
C ILE M 18 -12.14 7.01 -10.65
N GLY M 19 -11.98 7.59 -11.83
CA GLY M 19 -12.31 6.90 -13.07
C GLY M 19 -13.48 7.48 -13.82
N LEU M 20 -13.68 8.78 -13.69
CA LEU M 20 -14.71 9.48 -14.47
C LEU M 20 -14.06 10.27 -15.60
N PRO M 21 -14.74 10.36 -16.74
CA PRO M 21 -14.24 11.10 -17.91
C PRO M 21 -14.05 12.57 -17.60
N SER M 22 -15.02 13.16 -16.92
CA SER M 22 -14.99 14.58 -16.59
C SER M 22 -15.83 14.91 -15.37
N LEU M 23 -15.51 16.04 -14.73
CA LEU M 23 -16.27 16.53 -13.60
C LEU M 23 -16.06 18.03 -13.50
N SER M 24 -17.14 18.79 -13.74
CA SER M 24 -17.06 20.24 -13.73
C SER M 24 -18.31 20.87 -13.13
N LEU M 25 -18.14 22.06 -12.55
CA LEU M 25 -19.26 22.80 -12.00
C LEU M 25 -20.12 23.38 -13.13
N ASP M 26 -21.44 23.27 -12.99
CA ASP M 26 -22.34 23.81 -14.01
C ASP M 26 -22.41 25.33 -13.93
N GLU M 27 -23.43 25.90 -14.57
CA GLU M 27 -23.59 27.35 -14.62
C GLU M 27 -23.72 27.96 -13.23
N GLU M 28 -24.31 27.21 -12.30
CA GLU M 28 -24.49 27.69 -10.93
C GLU M 28 -23.38 27.22 -10.01
N GLY M 29 -22.31 26.70 -10.59
CA GLY M 29 -21.19 26.20 -9.80
C GLY M 29 -21.59 24.98 -8.98
N MET M 30 -22.36 24.09 -9.59
CA MET M 30 -22.84 22.89 -8.91
C MET M 30 -22.45 21.61 -9.63
N ALA M 31 -22.16 20.58 -8.85
CA ALA M 31 -21.92 19.25 -9.38
C ALA M 31 -22.66 18.25 -8.50
N SER M 32 -22.97 17.08 -9.05
CA SER M 32 -23.69 16.08 -8.28
C SER M 32 -23.16 14.67 -8.57
N LEU M 33 -23.09 13.86 -7.52
CA LEU M 33 -22.57 12.51 -7.65
C LEU M 33 -23.46 11.52 -6.92
N LEU M 34 -23.37 10.25 -7.29
CA LEU M 34 -24.15 9.21 -6.63
C LEU M 34 -23.25 8.02 -6.28
N PHE M 35 -23.11 7.74 -4.99
CA PHE M 35 -22.23 6.68 -4.53
C PHE M 35 -23.00 5.42 -4.16
N ASP M 36 -22.61 4.30 -4.76
CA ASP M 36 -23.25 3.01 -4.49
C ASP M 36 -24.74 3.03 -4.79
N GLU M 37 -25.16 3.91 -5.69
CA GLU M 37 -26.56 4.02 -6.07
C GLU M 37 -27.46 4.21 -4.84
N GLN M 38 -26.93 4.86 -3.81
CA GLN M 38 -27.67 5.09 -2.58
C GLN M 38 -27.51 6.51 -2.06
N VAL M 39 -26.26 6.91 -1.80
CA VAL M 39 -25.98 8.22 -1.24
C VAL M 39 -25.59 9.23 -2.32
N GLY M 40 -26.42 10.26 -2.48
CA GLY M 40 -26.13 11.32 -3.43
C GLY M 40 -25.47 12.52 -2.77
N VAL M 41 -24.43 13.03 -3.40
CA VAL M 41 -23.71 14.19 -2.88
C VAL M 41 -23.60 15.28 -3.93
N THR M 42 -23.94 16.51 -3.56
CA THR M 42 -23.82 17.64 -4.47
C THR M 42 -22.78 18.65 -3.96
N LEU M 43 -22.03 19.23 -4.90
CA LEU M 43 -21.01 20.21 -4.58
C LEU M 43 -21.48 21.60 -4.95
N LEU M 44 -21.40 22.53 -4.00
CA LEU M 44 -21.80 23.92 -4.26
C LEU M 44 -20.63 24.87 -4.00
N LEU M 45 -20.23 25.61 -5.03
CA LEU M 45 -19.17 26.59 -4.89
C LEU M 45 -19.71 27.98 -4.60
N LEU M 46 -19.22 28.58 -3.51
CA LEU M 46 -19.63 29.93 -3.13
C LEU M 46 -18.48 30.91 -3.29
N ALA M 47 -18.40 31.55 -4.45
CA ALA M 47 -17.32 32.47 -4.75
C ALA M 47 -17.31 33.66 -3.80
N GLU M 48 -18.47 33.99 -3.24
CA GLU M 48 -18.59 35.13 -2.34
C GLU M 48 -17.89 34.90 -1.02
N ARG M 49 -18.09 33.71 -0.44
CA ARG M 49 -17.47 33.37 0.84
C ARG M 49 -16.23 32.51 0.62
N GLU M 50 -15.88 32.29 -0.65
CA GLU M 50 -14.71 31.50 -1.00
C GLU M 50 -14.69 30.16 -0.26
N ARG M 51 -15.78 29.41 -0.40
CA ARG M 51 -15.89 28.13 0.28
C ARG M 51 -16.66 27.11 -0.57
N LEU M 52 -16.40 25.83 -0.32
CA LEU M 52 -17.07 24.76 -1.03
C LEU M 52 -17.96 23.94 -0.10
N LEU M 53 -19.22 23.79 -0.47
CA LEU M 53 -20.17 23.06 0.37
C LEU M 53 -20.42 21.65 -0.17
N LEU M 54 -20.40 20.68 0.74
CA LEU M 54 -20.75 19.30 0.39
C LEU M 54 -22.07 18.93 1.05
N GLU M 55 -23.05 18.55 0.24
CA GLU M 55 -24.36 18.15 0.75
C GLU M 55 -24.63 16.69 0.45
N ALA M 56 -24.78 15.89 1.50
CA ALA M 56 -25.00 14.45 1.35
C ALA M 56 -26.41 14.05 1.80
N ASP M 57 -27.13 13.38 0.92
CA ASP M 57 -28.44 12.86 1.26
C ASP M 57 -28.29 11.60 2.10
N VAL M 58 -28.62 11.71 3.38
CA VAL M 58 -28.48 10.59 4.31
C VAL M 58 -29.59 9.56 4.13
N VAL M 59 -30.79 9.91 4.58
CA VAL M 59 -31.90 8.97 4.58
C VAL M 59 -33.24 9.69 4.33
N GLY M 60 -34.22 8.94 3.83
CA GLY M 60 -35.52 9.51 3.52
C GLY M 60 -36.40 9.69 4.74
N ILE M 61 -37.41 10.56 4.61
CA ILE M 61 -38.34 10.83 5.70
C ILE M 61 -39.37 9.72 5.84
N ASP M 62 -39.72 9.09 4.73
CA ASP M 62 -40.79 8.08 4.71
C ASP M 62 -40.44 6.81 5.49
N VAL M 63 -39.16 6.62 5.78
CA VAL M 63 -38.71 5.44 6.51
C VAL M 63 -38.37 5.78 7.95
N LEU M 64 -38.25 7.08 8.24
CA LEU M 64 -37.90 7.55 9.57
C LEU M 64 -39.08 7.57 10.53
N GLY M 65 -38.82 7.24 11.78
CA GLY M 65 -39.84 7.32 12.82
C GLY M 65 -39.88 8.71 13.42
N GLU M 66 -40.90 9.00 14.21
CA GLU M 66 -41.04 10.30 14.83
C GLU M 66 -40.11 10.46 16.02
N GLY M 67 -39.63 11.68 16.26
CA GLY M 67 -38.75 11.96 17.37
C GLY M 67 -37.29 12.01 16.95
N ILE M 68 -37.04 11.84 15.65
CA ILE M 68 -35.68 11.83 15.13
C ILE M 68 -35.12 13.25 14.94
N PHE M 69 -35.96 14.14 14.41
CA PHE M 69 -35.55 15.52 14.19
C PHE M 69 -35.09 16.19 15.48
N ARG M 70 -35.68 15.78 16.60
CA ARG M 70 -35.29 16.30 17.91
C ARG M 70 -33.88 15.85 18.27
N GLN M 71 -33.55 14.62 17.89
CA GLN M 71 -32.21 14.08 18.15
C GLN M 71 -31.18 14.70 17.21
N LEU M 72 -31.61 15.05 16.00
CA LEU M 72 -30.72 15.68 15.03
C LEU M 72 -30.39 17.10 15.46
N ALA M 73 -31.34 17.74 16.14
CA ALA M 73 -31.12 19.09 16.65
C ALA M 73 -30.13 19.08 17.80
N SER M 74 -30.21 18.05 18.64
CA SER M 74 -29.28 17.87 19.74
C SER M 74 -27.87 17.65 19.21
N PHE M 75 -27.77 17.00 18.05
CA PHE M 75 -26.49 16.76 17.41
C PHE M 75 -25.84 18.07 16.98
N ASN M 76 -26.62 18.92 16.31
CA ASN M 76 -26.12 20.19 15.83
C ASN M 76 -25.52 21.05 16.94
N ARG M 77 -26.04 20.91 18.15
CA ARG M 77 -25.52 21.62 19.31
C ARG M 77 -24.04 21.33 19.51
N HIS M 78 -23.63 20.12 19.14
CA HIS M 78 -22.23 19.71 19.29
C HIS M 78 -21.64 19.34 17.94
N TRP M 79 -22.02 20.09 16.90
CA TRP M 79 -21.59 19.81 15.54
C TRP M 79 -20.09 19.96 15.37
N HIS M 80 -19.50 20.88 16.15
CA HIS M 80 -18.09 21.20 16.01
C HIS M 80 -17.18 20.00 16.24
N ARG M 81 -17.72 18.94 16.82
CA ARG M 81 -16.96 17.73 17.10
C ARG M 81 -16.74 16.87 15.86
N PHE M 82 -17.41 17.24 14.76
CA PHE M 82 -17.32 16.48 13.53
C PHE M 82 -17.22 17.38 12.30
N ASP M 83 -17.47 18.68 12.50
CA ASP M 83 -17.57 19.62 11.37
C ASP M 83 -18.72 19.21 10.46
N LEU M 84 -19.78 18.68 11.06
CA LEU M 84 -20.96 18.24 10.33
C LEU M 84 -22.22 18.62 11.09
N HIS M 85 -23.25 19.04 10.36
CA HIS M 85 -24.53 19.33 10.99
C HIS M 85 -25.69 18.88 10.10
N PHE M 86 -26.77 18.41 10.73
CA PHE M 86 -27.92 17.89 10.00
C PHE M 86 -28.87 18.98 9.51
N GLY M 87 -29.58 18.67 8.43
CA GLY M 87 -30.58 19.55 7.89
C GLY M 87 -31.64 18.74 7.16
N PHE M 88 -32.68 19.41 6.67
CA PHE M 88 -33.75 18.71 5.98
C PHE M 88 -34.10 19.35 4.64
N ASP M 89 -34.63 18.54 3.73
CA ASP M 89 -35.03 19.00 2.42
C ASP M 89 -36.48 18.59 2.16
N GLU M 90 -37.41 19.54 2.35
CA GLU M 90 -38.83 19.27 2.23
C GLU M 90 -39.21 18.68 0.87
N LEU M 91 -38.66 19.23 -0.19
CA LEU M 91 -39.01 18.80 -1.55
C LEU M 91 -38.65 17.34 -1.81
N THR M 92 -37.38 16.99 -1.60
CA THR M 92 -36.92 15.63 -1.86
C THR M 92 -37.26 14.69 -0.70
N GLY M 93 -37.43 15.25 0.49
CA GLY M 93 -37.73 14.48 1.67
C GLY M 93 -36.53 13.67 2.14
N LYS M 94 -35.36 14.30 2.13
CA LYS M 94 -34.13 13.61 2.53
C LYS M 94 -33.36 14.37 3.60
N VAL M 95 -33.15 13.71 4.75
CA VAL M 95 -32.30 14.26 5.79
C VAL M 95 -30.88 14.39 5.23
N GLN M 96 -30.23 15.51 5.50
CA GLN M 96 -28.92 15.77 4.88
C GLN M 96 -27.81 16.07 5.90
N LEU M 97 -26.59 15.72 5.52
CA LEU M 97 -25.40 16.10 6.27
C LEU M 97 -24.62 17.14 5.47
N TYR M 98 -24.10 18.14 6.16
CA TYR M 98 -23.38 19.22 5.50
C TYR M 98 -21.94 19.34 5.96
N ALA M 99 -21.04 19.50 5.00
CA ALA M 99 -19.63 19.74 5.27
C ALA M 99 -19.15 20.85 4.35
N GLN M 100 -18.16 21.63 4.80
CA GLN M 100 -17.65 22.73 3.99
C GLN M 100 -16.13 22.85 4.06
N ILE M 101 -15.54 23.46 3.04
CA ILE M 101 -14.10 23.64 2.96
C ILE M 101 -13.75 25.05 2.51
N LEU M 102 -12.96 25.75 3.33
CA LEU M 102 -12.52 27.09 2.98
C LEU M 102 -11.54 27.04 1.81
N ALA M 103 -11.53 28.09 1.00
CA ALA M 103 -10.64 28.15 -0.16
C ALA M 103 -9.18 27.99 0.22
N ALA M 104 -8.85 28.35 1.45
CA ALA M 104 -7.48 28.26 1.93
C ALA M 104 -7.05 26.82 2.16
N GLN M 105 -8.01 25.96 2.51
CA GLN M 105 -7.73 24.56 2.78
C GLN M 105 -8.08 23.70 1.57
N LEU M 106 -8.67 24.33 0.56
CA LEU M 106 -9.18 23.62 -0.60
C LEU M 106 -8.08 23.03 -1.48
N THR M 107 -7.68 21.80 -1.18
CA THR M 107 -6.72 21.07 -2.00
C THR M 107 -7.35 19.75 -2.44
N LEU M 108 -6.58 18.95 -3.18
CA LEU M 108 -7.08 17.64 -3.61
C LEU M 108 -7.14 16.68 -2.43
N GLU M 109 -6.05 16.57 -1.69
CA GLU M 109 -5.99 15.72 -0.51
C GLU M 109 -7.10 16.08 0.46
N CYS M 110 -7.31 17.37 0.65
CA CYS M 110 -8.33 17.86 1.59
C CYS M 110 -9.74 17.51 1.11
N PHE M 111 -9.97 17.63 -0.19
CA PHE M 111 -11.28 17.32 -0.78
C PHE M 111 -11.66 15.85 -0.57
N GLU M 112 -10.76 14.96 -0.98
CA GLU M 112 -11.02 13.52 -0.86
C GLU M 112 -11.14 13.09 0.60
N ALA M 113 -10.45 13.81 1.48
CA ALA M 113 -10.52 13.52 2.92
C ALA M 113 -11.86 13.96 3.48
N THR M 114 -12.29 15.15 3.10
CA THR M 114 -13.57 15.69 3.55
C THR M 114 -14.74 14.88 3.00
N LEU M 115 -14.64 14.49 1.74
CA LEU M 115 -15.68 13.70 1.09
C LEU M 115 -15.81 12.32 1.72
N ALA M 116 -14.69 11.60 1.77
CA ALA M 116 -14.67 10.24 2.34
C ALA M 116 -15.20 10.27 3.78
N ASN M 117 -14.90 11.34 4.50
CA ASN M 117 -15.38 11.50 5.86
C ASN M 117 -16.89 11.73 5.87
N LEU M 118 -17.37 12.52 4.93
CA LEU M 118 -18.79 12.83 4.83
C LEU M 118 -19.60 11.57 4.52
N LEU M 119 -19.07 10.75 3.62
CA LEU M 119 -19.72 9.50 3.24
C LEU M 119 -19.74 8.49 4.39
N ASP M 120 -18.66 8.45 5.17
CA ASP M 120 -18.59 7.56 6.33
C ASP M 120 -19.75 7.82 7.28
N HIS M 121 -20.01 9.09 7.55
CA HIS M 121 -21.08 9.48 8.46
C HIS M 121 -22.45 9.34 7.83
N ALA M 122 -22.55 9.78 6.58
CA ALA M 122 -23.81 9.69 5.84
C ALA M 122 -24.34 8.26 5.85
N GLU M 123 -23.47 7.30 5.50
CA GLU M 123 -23.84 5.90 5.45
C GLU M 123 -24.19 5.36 6.83
N PHE M 124 -23.49 5.85 7.85
CA PHE M 124 -23.73 5.44 9.22
C PHE M 124 -25.16 5.74 9.64
N TRP M 125 -25.55 7.02 9.54
CA TRP M 125 -26.89 7.45 9.92
C TRP M 125 -27.96 6.86 9.01
N GLN M 126 -27.64 6.76 7.72
CA GLN M 126 -28.56 6.18 6.76
C GLN M 126 -28.88 4.74 7.16
N ARG M 127 -27.99 4.16 7.96
CA ARG M 127 -28.11 2.75 8.35
C ARG M 127 -28.67 2.59 9.76
N LEU M 128 -28.81 3.70 10.48
CA LEU M 128 -29.25 3.66 11.87
C LEU M 128 -30.60 4.32 12.10
N LEU M 129 -30.80 5.49 11.51
CA LEU M 129 -32.01 6.28 11.73
C LEU M 129 -33.33 5.52 11.50
N PRO M 130 -33.43 4.80 10.37
CA PRO M 130 -34.68 4.08 10.06
C PRO M 130 -35.17 3.23 11.22
N CYS M 131 -36.48 3.17 11.40
CA CYS M 131 -37.08 2.38 12.46
C CYS M 131 -37.75 1.13 11.90
N ALA M 132 -38.00 1.13 10.60
CA ALA M 132 -38.63 0.00 9.93
C ALA M 132 -37.72 -1.23 9.92
N SER M 133 -38.34 -2.40 10.07
CA SER M 133 -37.62 -3.67 10.08
C SER M 133 -36.45 -3.69 11.07
N ASP N 2 -0.20 32.10 24.67
CA ASP N 2 -1.02 31.01 24.14
C ASP N 2 -2.35 31.52 23.60
N LEU N 3 -3.29 30.60 23.39
CA LEU N 3 -4.59 30.96 22.84
C LEU N 3 -5.52 31.55 23.90
N THR N 4 -5.39 31.08 25.14
CA THR N 4 -6.22 31.55 26.23
C THR N 4 -5.94 33.01 26.56
N SER N 5 -4.75 33.47 26.20
CA SER N 5 -4.36 34.86 26.47
C SER N 5 -4.81 35.79 25.35
N LYS N 6 -4.72 35.30 24.11
CA LYS N 6 -5.11 36.10 22.95
C LYS N 6 -6.60 36.44 22.97
N VAL N 7 -7.37 35.60 23.67
CA VAL N 7 -8.81 35.82 23.78
C VAL N 7 -9.14 36.71 24.98
N ASN N 8 -8.37 36.55 26.06
CA ASN N 8 -8.54 37.39 27.24
C ASN N 8 -8.33 38.85 26.94
N ARG N 9 -7.27 39.16 26.19
CA ARG N 9 -7.02 40.51 25.74
C ARG N 9 -8.14 40.95 24.80
N LEU N 10 -8.54 40.06 23.91
CA LEU N 10 -9.63 40.35 22.98
C LEU N 10 -10.90 40.72 23.74
N LEU N 11 -11.22 39.93 24.76
CA LEU N 11 -12.40 40.20 25.57
C LEU N 11 -12.26 41.48 26.38
N ALA N 12 -11.08 41.69 26.94
CA ALA N 12 -10.82 42.88 27.76
C ALA N 12 -11.04 44.15 26.95
N GLU N 13 -10.47 44.21 25.76
CA GLU N 13 -10.62 45.37 24.89
C GLU N 13 -12.07 45.57 24.49
N PHE N 14 -12.76 44.46 24.20
CA PHE N 14 -14.18 44.52 23.84
C PHE N 14 -15.00 45.09 24.98
N ALA N 15 -14.64 44.73 26.21
CA ALA N 15 -15.34 45.20 27.39
C ALA N 15 -15.21 46.72 27.55
N GLY N 16 -14.00 47.22 27.29
CA GLY N 16 -13.75 48.66 27.38
C GLY N 16 -14.51 49.45 26.34
N ARG N 17 -14.61 48.90 25.13
CA ARG N 17 -15.33 49.56 24.05
C ARG N 17 -16.82 49.60 24.34
N ILE N 18 -17.38 48.45 24.74
CA ILE N 18 -18.80 48.35 25.05
C ILE N 18 -19.20 49.18 26.26
N GLY N 19 -18.35 49.17 27.28
CA GLY N 19 -18.63 49.91 28.50
C GLY N 19 -18.61 49.01 29.73
N LEU N 20 -18.55 47.71 29.49
CA LEU N 20 -18.47 46.76 30.59
C LEU N 20 -17.23 47.04 31.44
N PRO N 21 -17.38 46.94 32.77
CA PRO N 21 -16.24 47.16 33.67
C PRO N 21 -15.11 46.20 33.35
N SER N 22 -15.45 44.92 33.18
CA SER N 22 -14.45 43.90 32.87
C SER N 22 -15.12 42.67 32.27
N LEU N 23 -14.43 42.01 31.35
CA LEU N 23 -14.94 40.79 30.73
C LEU N 23 -13.82 39.75 30.60
N SER N 24 -14.04 38.57 31.16
CA SER N 24 -13.02 37.53 31.16
C SER N 24 -13.65 36.14 31.14
N LEU N 25 -12.88 35.15 30.69
CA LEU N 25 -13.35 33.76 30.64
C LEU N 25 -13.33 33.12 32.02
N ASP N 26 -14.28 32.23 32.28
CA ASP N 26 -14.34 31.54 33.56
C ASP N 26 -13.30 30.41 33.61
N GLU N 27 -13.25 29.70 34.73
CA GLU N 27 -12.29 28.61 34.91
C GLU N 27 -12.44 27.53 33.86
N GLU N 28 -13.66 27.32 33.37
CA GLU N 28 -13.92 26.29 32.36
C GLU N 28 -13.71 26.82 30.95
N GLY N 29 -13.40 28.11 30.84
CA GLY N 29 -13.11 28.73 29.56
C GLY N 29 -14.36 29.21 28.82
N MET N 30 -15.27 29.86 29.53
CA MET N 30 -16.51 30.35 28.94
C MET N 30 -17.07 31.56 29.69
N ALA N 31 -17.69 32.46 28.94
CA ALA N 31 -18.33 33.64 29.52
C ALA N 31 -19.76 33.75 29.03
N SER N 32 -20.59 34.48 29.78
CA SER N 32 -21.99 34.66 29.41
C SER N 32 -22.37 36.13 29.38
N LEU N 33 -23.06 36.54 28.33
CA LEU N 33 -23.48 37.93 28.17
C LEU N 33 -24.98 38.04 27.92
N LEU N 34 -25.53 39.22 28.18
CA LEU N 34 -26.95 39.47 27.96
C LEU N 34 -27.15 40.79 27.23
N PHE N 35 -27.68 40.73 26.02
CA PHE N 35 -27.89 41.93 25.21
C PHE N 35 -29.35 42.36 25.20
N ASP N 36 -29.59 43.63 25.52
CA ASP N 36 -30.92 44.19 25.49
C ASP N 36 -31.90 43.45 26.40
N GLU N 37 -31.36 42.77 27.41
CA GLU N 37 -32.18 42.00 28.34
C GLU N 37 -33.14 41.07 27.61
N GLN N 38 -32.69 40.51 26.49
CA GLN N 38 -33.54 39.66 25.67
C GLN N 38 -32.76 38.48 25.08
N VAL N 39 -31.67 38.78 24.39
CA VAL N 39 -30.86 37.74 23.76
C VAL N 39 -29.66 37.36 24.62
N GLY N 40 -29.63 36.11 25.06
CA GLY N 40 -28.55 35.61 25.90
C GLY N 40 -27.49 34.87 25.13
N VAL N 41 -26.30 35.45 25.06
CA VAL N 41 -25.19 34.85 24.33
C VAL N 41 -24.19 34.20 25.26
N THR N 42 -23.74 33.00 24.90
CA THR N 42 -22.77 32.27 25.71
C THR N 42 -21.51 31.98 24.92
N LEU N 43 -20.39 32.55 25.35
CA LEU N 43 -19.10 32.33 24.69
C LEU N 43 -18.43 31.10 25.26
N LEU N 44 -17.83 30.29 24.41
CA LEU N 44 -17.13 29.09 24.83
C LEU N 44 -15.86 28.85 24.02
N LEU N 45 -14.77 28.52 24.69
CA LEU N 45 -13.50 28.30 24.02
C LEU N 45 -13.01 26.85 24.17
N LEU N 46 -12.57 26.27 23.06
CA LEU N 46 -12.00 24.93 23.06
C LEU N 46 -10.55 24.99 22.62
N ALA N 47 -9.63 24.92 23.58
CA ALA N 47 -8.21 25.05 23.31
C ALA N 47 -7.67 23.90 22.46
N GLU N 48 -8.25 22.72 22.63
CA GLU N 48 -7.80 21.54 21.90
C GLU N 48 -8.02 21.68 20.40
N ARG N 49 -9.17 22.22 20.00
CA ARG N 49 -9.48 22.42 18.59
C ARG N 49 -9.22 23.85 18.18
N GLU N 50 -8.97 24.71 19.17
CA GLU N 50 -8.71 26.13 18.94
C GLU N 50 -9.86 26.83 18.22
N ARG N 51 -11.06 26.74 18.79
CA ARG N 51 -12.23 27.42 18.26
C ARG N 51 -12.88 28.26 19.34
N LEU N 52 -13.74 29.18 18.93
CA LEU N 52 -14.53 29.98 19.88
C LEU N 52 -16.01 29.90 19.52
N LEU N 53 -16.77 29.14 20.30
CA LEU N 53 -18.19 28.93 20.05
C LEU N 53 -19.04 30.09 20.55
N LEU N 54 -20.07 30.42 19.80
CA LEU N 54 -21.02 31.47 20.20
C LEU N 54 -22.44 30.89 20.24
N GLU N 55 -22.96 30.67 21.43
CA GLU N 55 -24.29 30.11 21.59
C GLU N 55 -25.31 31.19 21.95
N ALA N 56 -26.23 31.46 21.03
CA ALA N 56 -27.28 32.45 21.27
C ALA N 56 -28.62 31.76 21.49
N ASP N 57 -29.18 31.91 22.68
CA ASP N 57 -30.46 31.30 23.01
C ASP N 57 -31.61 31.97 22.27
N VAL N 58 -32.48 31.16 21.69
CA VAL N 58 -33.61 31.66 20.92
C VAL N 58 -34.91 31.63 21.72
N VAL N 59 -35.54 30.45 21.81
CA VAL N 59 -36.82 30.33 22.49
C VAL N 59 -36.88 29.05 23.32
N GLY N 60 -37.70 29.06 24.37
CA GLY N 60 -37.89 27.91 25.22
C GLY N 60 -38.71 26.82 24.56
N ILE N 61 -38.34 25.56 24.82
CA ILE N 61 -38.98 24.41 24.17
C ILE N 61 -40.50 24.41 24.25
N ASP N 62 -41.04 24.67 25.45
CA ASP N 62 -42.47 24.58 25.67
C ASP N 62 -43.24 25.64 24.89
N VAL N 63 -42.53 26.68 24.44
CA VAL N 63 -43.17 27.76 23.68
C VAL N 63 -43.34 27.41 22.21
N LEU N 64 -42.38 26.66 21.66
CA LEU N 64 -42.46 26.23 20.27
C LEU N 64 -43.60 25.25 20.05
N GLY N 65 -44.13 25.22 18.83
CA GLY N 65 -45.23 24.34 18.49
C GLY N 65 -44.76 22.93 18.14
N GLU N 66 -45.69 22.10 17.69
CA GLU N 66 -45.38 20.73 17.31
C GLU N 66 -44.62 20.68 15.99
N GLY N 67 -43.74 19.69 15.86
CA GLY N 67 -42.95 19.51 14.66
C GLY N 67 -41.98 20.66 14.44
N ILE N 68 -41.52 21.25 15.54
CA ILE N 68 -40.58 22.36 15.48
C ILE N 68 -39.22 21.92 14.96
N PHE N 69 -38.74 20.79 15.46
CA PHE N 69 -37.43 20.26 15.06
C PHE N 69 -37.40 19.94 13.57
N ARG N 70 -38.53 19.50 13.04
CA ARG N 70 -38.65 19.20 11.63
C ARG N 70 -38.34 20.43 10.78
N GLN N 71 -38.98 21.55 11.10
CA GLN N 71 -38.80 22.79 10.36
C GLN N 71 -37.47 23.46 10.70
N LEU N 72 -36.96 23.20 11.89
CA LEU N 72 -35.66 23.70 12.29
C LEU N 72 -34.57 23.14 11.38
N ALA N 73 -34.69 21.85 11.07
CA ALA N 73 -33.76 21.18 10.16
C ALA N 73 -33.88 21.78 8.76
N SER N 74 -35.09 22.14 8.38
CA SER N 74 -35.33 22.76 7.09
C SER N 74 -34.55 24.05 6.95
N PHE N 75 -34.56 24.87 8.00
CA PHE N 75 -33.83 26.13 7.99
C PHE N 75 -32.33 25.91 7.86
N ASN N 76 -31.84 24.84 8.50
CA ASN N 76 -30.41 24.54 8.48
C ASN N 76 -29.85 24.26 7.09
N ARG N 77 -30.73 23.91 6.16
CA ARG N 77 -30.30 23.61 4.80
C ARG N 77 -29.78 24.84 4.06
N HIS N 78 -30.27 26.01 4.46
CA HIS N 78 -29.88 27.26 3.82
C HIS N 78 -29.23 28.24 4.79
N TRP N 79 -29.37 27.96 6.09
CA TRP N 79 -28.92 28.90 7.11
C TRP N 79 -27.42 28.81 7.39
N HIS N 80 -26.83 27.65 7.14
CA HIS N 80 -25.39 27.48 7.34
C HIS N 80 -24.61 28.39 6.40
N ARG N 81 -25.34 29.05 5.50
CA ARG N 81 -24.74 30.01 4.57
C ARG N 81 -24.49 31.32 5.30
N PHE N 82 -25.34 31.62 6.28
CA PHE N 82 -25.19 32.83 7.09
C PHE N 82 -24.24 32.58 8.26
N ASP N 83 -23.43 31.53 8.14
CA ASP N 83 -22.46 31.18 9.18
C ASP N 83 -23.15 30.76 10.47
N LEU N 84 -24.44 30.45 10.38
CA LEU N 84 -25.23 30.10 11.55
C LEU N 84 -26.08 28.86 11.29
N HIS N 85 -26.53 28.22 12.37
CA HIS N 85 -27.43 27.08 12.26
C HIS N 85 -28.13 26.78 13.60
N PHE N 86 -29.26 26.09 13.53
CA PHE N 86 -30.05 25.79 14.71
C PHE N 86 -29.65 24.47 15.36
N GLY N 87 -29.60 24.47 16.69
CA GLY N 87 -29.37 23.28 17.46
C GLY N 87 -30.39 23.18 18.57
N PHE N 88 -30.11 22.36 19.59
CA PHE N 88 -31.03 22.21 20.70
C PHE N 88 -30.36 21.65 21.95
N ASP N 89 -30.31 22.47 22.99
CA ASP N 89 -29.74 22.05 24.26
C ASP N 89 -30.78 21.24 25.04
N GLU N 90 -30.53 19.94 25.15
CA GLU N 90 -31.49 19.03 25.77
C GLU N 90 -31.66 19.26 27.27
N LEU N 91 -30.57 19.63 27.93
CA LEU N 91 -30.58 19.79 29.39
C LEU N 91 -31.23 21.09 29.86
N THR N 92 -31.54 21.99 28.93
CA THR N 92 -32.24 23.22 29.26
C THR N 92 -33.49 23.41 28.40
N GLY N 93 -33.64 22.57 27.38
CA GLY N 93 -34.76 22.66 26.47
C GLY N 93 -34.85 24.04 25.83
N LYS N 94 -33.74 24.47 25.22
CA LYS N 94 -33.68 25.79 24.61
C LYS N 94 -33.11 25.75 23.19
N VAL N 95 -33.97 25.99 22.21
CA VAL N 95 -33.52 26.12 20.83
C VAL N 95 -32.58 27.32 20.74
N GLN N 96 -31.45 27.15 20.07
CA GLN N 96 -30.43 28.20 20.03
C GLN N 96 -29.60 28.17 18.74
N LEU N 97 -29.10 29.34 18.35
CA LEU N 97 -28.24 29.47 17.19
C LEU N 97 -26.78 29.33 17.60
N TYR N 98 -25.93 28.95 16.65
CA TYR N 98 -24.51 28.76 16.92
C TYR N 98 -23.63 29.45 15.90
N ALA N 99 -22.43 29.81 16.32
CA ALA N 99 -21.42 30.40 15.43
C ALA N 99 -20.04 30.08 15.98
N GLN N 100 -19.03 30.05 15.12
CA GLN N 100 -17.68 29.74 15.56
C GLN N 100 -16.61 30.54 14.84
N ILE N 101 -15.50 30.77 15.54
CA ILE N 101 -14.36 31.48 14.97
C ILE N 101 -13.06 30.75 15.30
N LEU N 102 -12.36 30.30 14.26
CA LEU N 102 -11.10 29.59 14.46
C LEU N 102 -9.98 30.55 14.84
N ALA N 103 -8.96 30.03 15.50
CA ALA N 103 -7.84 30.85 15.97
C ALA N 103 -7.16 31.60 14.83
N ALA N 104 -7.12 30.99 13.65
CA ALA N 104 -6.49 31.60 12.49
C ALA N 104 -7.21 32.89 12.08
N GLN N 105 -8.54 32.85 12.16
CA GLN N 105 -9.35 34.00 11.78
C GLN N 105 -9.77 34.82 12.98
N LEU N 106 -9.30 34.42 14.16
CA LEU N 106 -9.67 35.08 15.41
C LEU N 106 -9.13 36.50 15.47
N THR N 107 -10.04 37.46 15.62
CA THR N 107 -9.66 38.87 15.70
C THR N 107 -10.86 39.70 16.14
N LEU N 108 -10.59 40.86 16.74
CA LEU N 108 -11.64 41.74 17.22
C LEU N 108 -12.56 42.18 16.08
N GLU N 109 -12.02 42.25 14.88
CA GLU N 109 -12.79 42.62 13.70
C GLU N 109 -13.84 41.57 13.37
N CYS N 110 -13.40 40.34 13.18
CA CYS N 110 -14.30 39.24 12.83
C CYS N 110 -15.14 38.80 14.03
N PHE N 111 -14.83 39.35 15.20
CA PHE N 111 -15.56 39.01 16.41
C PHE N 111 -16.81 39.87 16.58
N GLU N 112 -16.65 41.17 16.39
CA GLU N 112 -17.78 42.10 16.50
C GLU N 112 -18.68 42.02 15.27
N ALA N 113 -18.10 41.61 14.15
CA ALA N 113 -18.87 41.44 12.91
C ALA N 113 -19.70 40.18 12.99
N THR N 114 -19.24 39.20 13.76
CA THR N 114 -19.95 37.95 13.94
C THR N 114 -20.98 38.06 15.06
N LEU N 115 -20.55 38.60 16.19
CA LEU N 115 -21.43 38.77 17.35
C LEU N 115 -22.66 39.60 16.98
N ALA N 116 -22.43 40.71 16.27
CA ALA N 116 -23.53 41.55 15.81
C ALA N 116 -24.43 40.78 14.86
N ASN N 117 -23.82 39.97 14.00
CA ASN N 117 -24.56 39.17 13.05
C ASN N 117 -25.36 38.06 13.74
N LEU N 118 -24.81 37.54 14.83
CA LEU N 118 -25.46 36.48 15.60
C LEU N 118 -26.65 37.04 16.38
N LEU N 119 -26.53 38.25 16.87
CA LEU N 119 -27.60 38.91 17.60
C LEU N 119 -28.76 39.26 16.68
N ASP N 120 -28.44 39.66 15.45
CA ASP N 120 -29.45 40.02 14.47
C ASP N 120 -30.40 38.85 14.22
N HIS N 121 -29.83 37.71 13.81
CA HIS N 121 -30.64 36.53 13.52
C HIS N 121 -31.30 35.96 14.77
N ALA N 122 -30.58 35.98 15.88
CA ALA N 122 -31.11 35.45 17.14
C ALA N 122 -32.41 36.14 17.51
N GLU N 123 -32.35 37.47 17.64
CA GLU N 123 -33.52 38.26 18.00
C GLU N 123 -34.60 38.16 16.91
N PHE N 124 -34.16 38.11 15.66
CA PHE N 124 -35.08 38.00 14.53
C PHE N 124 -35.93 36.73 14.61
N TRP N 125 -35.35 35.66 15.17
CA TRP N 125 -36.07 34.39 15.30
C TRP N 125 -36.89 34.31 16.57
N GLN N 126 -36.84 35.36 17.39
CA GLN N 126 -37.64 35.40 18.61
C GLN N 126 -39.03 35.95 18.32
N ARG N 127 -39.18 36.63 17.19
CA ARG N 127 -40.45 37.24 16.82
C ARG N 127 -41.40 36.24 16.14
N LEU N 128 -41.03 35.81 14.94
CA LEU N 128 -41.90 34.94 14.14
C LEU N 128 -42.10 33.56 14.77
N LEU N 129 -41.07 33.05 15.43
CA LEU N 129 -41.15 31.76 16.09
C LEU N 129 -42.11 31.83 17.28
N PRO N 130 -43.21 31.06 17.21
CA PRO N 130 -44.23 31.02 18.26
C PRO N 130 -43.63 30.63 19.62
N THR O 2 -24.06 3.85 -22.84
CA THR O 2 -23.43 3.22 -21.68
C THR O 2 -22.89 4.27 -20.71
N GLU O 3 -23.05 4.01 -19.41
CA GLU O 3 -22.67 4.97 -18.39
C GLU O 3 -21.34 4.62 -17.73
N ALA O 4 -20.56 5.64 -17.40
CA ALA O 4 -19.26 5.45 -16.78
C ALA O 4 -19.37 5.32 -15.26
N VAL O 5 -18.70 4.32 -14.70
CA VAL O 5 -18.74 4.09 -13.27
C VAL O 5 -17.35 4.21 -12.64
N GLY O 6 -17.17 5.24 -11.80
CA GLY O 6 -15.92 5.45 -11.11
C GLY O 6 -15.87 4.75 -9.78
N HIS O 7 -14.75 4.88 -9.08
CA HIS O 7 -14.57 4.23 -7.78
C HIS O 7 -13.82 5.14 -6.81
N PHE O 8 -14.42 5.36 -5.65
CA PHE O 8 -13.82 6.21 -4.63
C PHE O 8 -14.01 5.63 -3.23
N GLU O 9 -12.93 5.18 -2.63
CA GLU O 9 -12.95 4.65 -1.27
C GLU O 9 -13.99 3.55 -1.08
N GLY O 10 -13.87 2.49 -1.87
CA GLY O 10 -14.74 1.34 -1.75
C GLY O 10 -16.16 1.58 -2.22
N ARG O 11 -16.39 2.74 -2.85
CA ARG O 11 -17.70 3.10 -3.33
C ARG O 11 -17.70 3.36 -4.84
N SER O 12 -18.75 2.92 -5.52
CA SER O 12 -18.91 3.19 -6.93
C SER O 12 -19.47 4.59 -7.14
N VAL O 13 -19.00 5.27 -8.18
CA VAL O 13 -19.40 6.65 -8.43
C VAL O 13 -19.90 6.86 -9.84
N THR O 14 -21.02 7.57 -9.98
CA THR O 14 -21.54 7.95 -11.28
C THR O 14 -21.97 9.41 -11.26
N ARG O 15 -21.73 10.12 -12.36
CA ARG O 15 -22.15 11.51 -12.45
C ARG O 15 -23.67 11.58 -12.41
N ALA O 16 -24.19 12.56 -11.68
CA ALA O 16 -25.63 12.71 -11.51
C ALA O 16 -26.11 14.09 -11.93
N ALA O 17 -27.34 14.15 -12.43
CA ALA O 17 -27.93 15.43 -12.82
C ALA O 17 -28.31 16.24 -11.59
N VAL O 18 -27.88 17.50 -11.57
CA VAL O 18 -28.18 18.37 -10.44
C VAL O 18 -29.64 18.81 -10.47
N ARG O 19 -30.47 18.10 -9.72
CA ARG O 19 -31.90 18.43 -9.63
C ARG O 19 -32.09 19.82 -9.04
N GLY O 20 -33.28 20.39 -9.22
CA GLY O 20 -33.57 21.72 -8.74
C GLY O 20 -34.95 21.86 -8.13
N GLU O 21 -35.06 22.71 -7.11
CA GLU O 21 -33.91 23.45 -6.59
C GLU O 21 -33.83 23.36 -5.08
N ASP O 22 -34.93 22.95 -4.44
CA ASP O 22 -35.01 22.89 -3.00
C ASP O 22 -34.74 24.27 -2.40
N ARG O 23 -35.07 25.30 -3.17
CA ARG O 23 -34.83 26.69 -2.79
C ARG O 23 -35.81 27.16 -1.73
N SER O 24 -35.76 28.46 -1.44
CA SER O 24 -36.65 29.06 -0.44
C SER O 24 -38.08 29.17 -0.97
N ALA O 51 -30.58 40.72 4.95
CA ALA O 51 -30.22 40.65 3.54
C ALA O 51 -29.00 41.52 3.24
N ASP O 52 -29.10 42.80 3.58
CA ASP O 52 -28.02 43.75 3.35
C ASP O 52 -26.78 43.37 4.17
N GLY O 53 -27.01 42.71 5.31
CA GLY O 53 -25.94 42.39 6.23
C GLY O 53 -25.58 43.61 7.05
N ASP O 54 -26.33 44.68 6.86
CA ASP O 54 -26.12 45.93 7.58
C ASP O 54 -26.95 45.97 8.86
N GLY O 55 -26.79 44.95 9.69
CA GLY O 55 -27.53 44.85 10.93
C GLY O 55 -27.23 45.98 11.90
N THR O 56 -28.01 46.06 12.97
CA THR O 56 -27.83 47.10 13.97
C THR O 56 -26.48 46.96 14.68
N PRO O 57 -25.72 48.05 14.74
CA PRO O 57 -24.41 48.09 15.41
C PRO O 57 -24.53 47.64 16.87
N LEU O 58 -23.40 47.31 17.48
CA LEU O 58 -23.39 46.81 18.85
C LEU O 58 -23.63 47.91 19.88
N GLU O 59 -23.28 49.14 19.52
CA GLU O 59 -23.43 50.27 20.43
C GLU O 59 -24.88 50.44 20.89
N ALA O 60 -25.82 50.37 19.95
CA ALA O 60 -27.23 50.54 20.26
C ALA O 60 -27.73 49.48 21.25
N ARG O 61 -26.98 48.39 21.35
CA ARG O 61 -27.35 47.30 22.25
C ARG O 61 -26.66 47.45 23.61
N THR O 62 -27.44 47.31 24.68
CA THR O 62 -26.90 47.37 26.04
C THR O 62 -26.47 45.99 26.51
N VAL O 63 -25.25 45.91 27.04
CA VAL O 63 -24.69 44.63 27.49
C VAL O 63 -24.73 44.52 29.01
N ARG O 64 -24.92 43.30 29.50
CA ARG O 64 -24.92 43.04 30.93
C ARG O 64 -24.36 41.65 31.23
N ARG O 65 -23.09 41.60 31.63
CA ARG O 65 -22.44 40.33 31.92
C ARG O 65 -23.13 39.60 33.08
N ARG O 66 -23.31 38.30 32.92
CA ARG O 66 -23.93 37.49 33.96
C ARG O 66 -23.27 36.12 34.06
N MET P 1 7.14 -5.53 -32.96
CA MET P 1 7.15 -4.42 -33.90
C MET P 1 8.39 -3.56 -33.71
N ASP P 2 8.40 -2.38 -34.31
CA ASP P 2 9.53 -1.46 -34.18
C ASP P 2 9.57 -0.80 -32.80
N LEU P 3 10.62 -0.05 -32.54
CA LEU P 3 10.81 0.59 -31.23
C LEU P 3 9.73 1.61 -30.93
N THR P 4 9.33 2.38 -31.95
CA THR P 4 8.31 3.41 -31.78
C THR P 4 6.99 2.81 -31.31
N SER P 5 6.63 1.67 -31.88
CA SER P 5 5.38 1.00 -31.56
C SER P 5 5.37 0.50 -30.12
N LYS P 6 6.52 0.03 -29.65
CA LYS P 6 6.65 -0.48 -28.29
C LYS P 6 6.55 0.65 -27.28
N VAL P 7 7.13 1.80 -27.60
CA VAL P 7 7.10 2.96 -26.73
C VAL P 7 5.69 3.54 -26.64
N ASN P 8 5.00 3.57 -27.77
CA ASN P 8 3.61 4.04 -27.81
C ASN P 8 2.70 3.22 -26.91
N ARG P 9 2.91 1.91 -26.89
CA ARG P 9 2.15 1.02 -26.02
C ARG P 9 2.51 1.27 -24.57
N LEU P 10 3.80 1.47 -24.32
CA LEU P 10 4.29 1.73 -22.96
C LEU P 10 3.72 3.05 -22.43
N LEU P 11 3.69 4.07 -23.28
CA LEU P 11 3.13 5.36 -22.91
C LEU P 11 1.61 5.28 -22.79
N ALA P 12 1.00 4.41 -23.59
CA ALA P 12 -0.45 4.23 -23.56
C ALA P 12 -0.88 3.59 -22.25
N GLU P 13 -0.10 2.62 -21.78
CA GLU P 13 -0.36 1.98 -20.49
C GLU P 13 -0.10 2.96 -19.35
N PHE P 14 0.92 3.80 -19.50
CA PHE P 14 1.24 4.82 -18.51
C PHE P 14 0.12 5.85 -18.44
N ALA P 15 -0.49 6.13 -19.58
CA ALA P 15 -1.58 7.10 -19.66
C ALA P 15 -2.80 6.59 -18.88
N GLY P 16 -3.11 5.31 -19.03
CA GLY P 16 -4.27 4.73 -18.39
C GLY P 16 -4.21 4.75 -16.88
N ARG P 17 -2.99 4.62 -16.35
CA ARG P 17 -2.79 4.57 -14.91
C ARG P 17 -2.91 5.94 -14.25
N ILE P 18 -2.43 6.98 -14.95
CA ILE P 18 -2.45 8.33 -14.39
C ILE P 18 -3.78 9.04 -14.61
N GLY P 19 -4.54 8.59 -15.61
CA GLY P 19 -5.86 9.14 -15.85
C GLY P 19 -5.97 10.00 -17.09
N LEU P 20 -5.08 9.78 -18.05
CA LEU P 20 -5.14 10.48 -19.32
C LEU P 20 -5.76 9.60 -20.41
N PRO P 21 -6.51 10.23 -21.32
CA PRO P 21 -7.17 9.52 -22.43
C PRO P 21 -6.15 8.80 -23.31
N SER P 22 -5.07 9.49 -23.67
CA SER P 22 -4.05 8.92 -24.53
C SER P 22 -2.71 9.63 -24.38
N LEU P 23 -1.64 8.98 -24.82
CA LEU P 23 -0.30 9.54 -24.77
C LEU P 23 0.64 8.78 -25.70
N SER P 24 0.99 9.41 -26.82
CA SER P 24 1.87 8.79 -27.79
C SER P 24 2.90 9.78 -28.30
N LEU P 25 3.86 9.29 -29.08
CA LEU P 25 4.92 10.13 -29.60
C LEU P 25 4.45 10.96 -30.80
N ASP P 26 5.11 12.09 -31.00
CA ASP P 26 4.83 12.98 -32.13
C ASP P 26 5.29 12.33 -33.43
N GLU P 27 5.13 13.06 -34.53
CA GLU P 27 5.66 12.61 -35.81
C GLU P 27 7.19 12.68 -35.76
N GLU P 28 7.71 13.54 -34.88
CA GLU P 28 9.14 13.67 -34.67
C GLU P 28 9.56 12.82 -33.49
N GLY P 29 8.60 12.11 -32.91
CA GLY P 29 8.87 11.21 -31.79
C GLY P 29 8.98 11.91 -30.45
N MET P 30 8.11 12.89 -30.22
CA MET P 30 8.14 13.65 -28.98
C MET P 30 6.76 13.72 -28.30
N ALA P 31 6.78 13.97 -27.00
CA ALA P 31 5.56 14.12 -26.22
C ALA P 31 5.88 14.87 -24.94
N SER P 32 5.11 15.91 -24.65
CA SER P 32 5.36 16.74 -23.47
C SER P 32 4.22 16.65 -22.46
N LEU P 33 4.59 16.70 -21.18
CA LEU P 33 3.63 16.67 -20.08
C LEU P 33 3.89 17.85 -19.16
N LEU P 34 2.85 18.32 -18.48
CA LEU P 34 2.99 19.45 -17.56
C LEU P 34 2.55 19.07 -16.14
N PHE P 35 3.52 18.91 -15.25
CA PHE P 35 3.24 18.51 -13.88
C PHE P 35 3.04 19.70 -12.95
N ASP P 36 1.93 19.70 -12.21
CA ASP P 36 1.63 20.75 -11.24
C ASP P 36 1.66 22.15 -11.85
N GLU P 37 1.54 22.23 -13.18
CA GLU P 37 1.52 23.51 -13.88
C GLU P 37 2.84 24.25 -13.74
N GLN P 38 3.87 23.56 -13.28
CA GLN P 38 5.18 24.15 -13.10
C GLN P 38 6.25 23.43 -13.92
N VAL P 39 6.52 22.18 -13.54
CA VAL P 39 7.57 21.40 -14.19
C VAL P 39 7.09 20.79 -15.50
N GLY P 40 7.64 21.27 -16.61
CA GLY P 40 7.32 20.72 -17.91
C GLY P 40 8.32 19.65 -18.30
N VAL P 41 7.81 18.50 -18.71
CA VAL P 41 8.68 17.40 -19.12
C VAL P 41 8.45 17.03 -20.58
N THR P 42 9.53 16.78 -21.30
CA THR P 42 9.44 16.42 -22.71
C THR P 42 10.19 15.12 -22.98
N LEU P 43 9.55 14.22 -23.74
CA LEU P 43 10.13 12.93 -24.08
C LEU P 43 10.65 12.92 -25.52
N LEU P 44 11.83 12.34 -25.71
CA LEU P 44 12.47 12.31 -27.01
C LEU P 44 12.99 10.91 -27.34
N LEU P 45 12.32 10.24 -28.27
CA LEU P 45 12.74 8.89 -28.67
C LEU P 45 13.69 8.93 -29.87
N LEU P 46 14.95 8.57 -29.63
CA LEU P 46 15.92 8.46 -30.70
C LEU P 46 15.92 7.03 -31.22
N ALA P 47 15.03 6.74 -32.17
CA ALA P 47 14.86 5.39 -32.70
C ALA P 47 16.18 4.77 -33.14
N GLU P 48 16.99 5.55 -33.83
CA GLU P 48 18.29 5.08 -34.31
C GLU P 48 19.22 4.76 -33.14
N ARG P 49 19.31 5.69 -32.19
CA ARG P 49 20.17 5.53 -31.03
C ARG P 49 19.63 4.50 -30.04
N GLU P 50 18.35 4.16 -30.22
CA GLU P 50 17.69 3.23 -29.31
C GLU P 50 17.71 3.74 -27.87
N ARG P 51 17.38 5.02 -27.71
CA ARG P 51 17.39 5.66 -26.39
C ARG P 51 16.18 6.56 -26.21
N LEU P 52 15.66 6.61 -24.99
CA LEU P 52 14.56 7.52 -24.66
C LEU P 52 15.08 8.66 -23.78
N LEU P 53 14.95 9.88 -24.26
CA LEU P 53 15.44 11.04 -23.52
C LEU P 53 14.30 11.71 -22.74
N LEU P 54 14.61 12.14 -21.52
CA LEU P 54 13.66 12.87 -20.70
C LEU P 54 14.25 14.23 -20.29
N GLU P 55 13.47 15.29 -20.45
CA GLU P 55 13.94 16.63 -20.10
C GLU P 55 12.87 17.38 -19.30
N ALA P 56 13.30 18.04 -18.24
CA ALA P 56 12.37 18.77 -17.37
C ALA P 56 12.82 20.20 -17.10
N ASP P 57 11.87 21.12 -17.12
CA ASP P 57 12.15 22.52 -16.80
C ASP P 57 12.30 22.70 -15.29
N VAL P 58 13.42 23.30 -14.88
CA VAL P 58 13.68 23.53 -13.46
C VAL P 58 13.34 24.95 -13.05
N VAL P 59 14.11 25.91 -13.54
CA VAL P 59 13.91 27.32 -13.22
C VAL P 59 14.26 28.24 -14.38
N GLY P 60 13.69 29.44 -14.37
CA GLY P 60 14.00 30.44 -15.37
C GLY P 60 15.26 31.21 -15.00
N ILE P 61 16.06 31.53 -16.01
CA ILE P 61 17.30 32.28 -15.80
C ILE P 61 17.05 33.61 -15.10
N ASP P 62 15.86 34.16 -15.29
CA ASP P 62 15.50 35.47 -14.74
C ASP P 62 15.43 35.47 -13.22
N VAL P 63 15.33 34.29 -12.63
CA VAL P 63 15.22 34.17 -11.17
C VAL P 63 16.55 33.74 -10.57
N LEU P 64 17.52 33.44 -11.44
CA LEU P 64 18.82 32.95 -11.00
C LEU P 64 19.85 34.07 -10.86
N GLY P 65 20.51 34.11 -9.72
CA GLY P 65 21.65 34.98 -9.54
C GLY P 65 22.86 34.33 -10.18
N GLU P 66 23.61 35.08 -10.98
CA GLU P 66 24.72 34.51 -11.73
C GLU P 66 25.77 33.87 -10.83
N GLY P 67 26.39 32.81 -11.33
CA GLY P 67 27.37 32.06 -10.56
C GLY P 67 26.90 30.65 -10.30
N ILE P 68 25.67 30.34 -10.74
CA ILE P 68 25.08 29.03 -10.54
C ILE P 68 25.47 28.05 -11.64
N PHE P 69 25.75 28.58 -12.84
CA PHE P 69 26.18 27.74 -13.95
C PHE P 69 27.55 27.13 -13.66
N ARG P 70 28.39 27.88 -12.96
CA ARG P 70 29.71 27.39 -12.57
C ARG P 70 29.54 26.20 -11.62
N GLN P 71 28.44 26.19 -10.88
CA GLN P 71 28.14 25.11 -9.96
C GLN P 71 27.43 23.96 -10.66
N LEU P 72 26.56 24.30 -11.62
CA LEU P 72 25.86 23.29 -12.40
C LEU P 72 26.84 22.50 -13.24
N ALA P 73 27.82 23.19 -13.81
CA ALA P 73 28.86 22.54 -14.60
C ALA P 73 29.72 21.67 -13.70
N SER P 74 29.90 22.10 -12.46
CA SER P 74 30.65 21.32 -11.48
C SER P 74 29.87 20.08 -11.08
N PHE P 75 28.56 20.23 -11.00
CA PHE P 75 27.69 19.10 -10.67
C PHE P 75 27.72 18.05 -11.77
N ASN P 76 27.75 18.50 -13.02
CA ASN P 76 27.77 17.61 -14.16
C ASN P 76 28.93 16.61 -14.14
N ARG P 77 30.05 17.01 -13.55
CA ARG P 77 31.21 16.14 -13.44
C ARG P 77 30.90 14.94 -12.56
N HIS P 78 29.94 15.11 -11.66
CA HIS P 78 29.53 14.03 -10.77
C HIS P 78 28.09 13.63 -11.04
N TRP P 79 27.70 13.65 -12.31
CA TRP P 79 26.33 13.35 -12.69
C TRP P 79 26.02 11.86 -12.51
N HIS P 80 27.05 11.02 -12.61
CA HIS P 80 26.88 9.58 -12.50
C HIS P 80 26.38 9.15 -11.13
N ARG P 81 26.33 10.09 -10.19
CA ARG P 81 25.86 9.81 -8.85
C ARG P 81 24.34 9.83 -8.80
N PHE P 82 23.72 10.42 -9.82
CA PHE P 82 22.27 10.57 -9.87
C PHE P 82 21.70 10.22 -11.24
N ASP P 83 22.58 10.13 -12.24
CA ASP P 83 22.17 9.91 -13.62
C ASP P 83 21.37 11.11 -14.15
N LEU P 84 21.89 12.30 -13.87
CA LEU P 84 21.24 13.54 -14.29
C LEU P 84 22.26 14.64 -14.49
N HIS P 85 22.31 15.20 -15.70
CA HIS P 85 23.19 16.34 -15.98
C HIS P 85 22.37 17.57 -16.34
N PHE P 86 22.87 18.74 -15.96
CA PHE P 86 22.16 19.99 -16.21
C PHE P 86 22.39 20.53 -17.61
N GLY P 87 21.42 21.32 -18.08
CA GLY P 87 21.50 21.97 -19.38
C GLY P 87 20.73 23.26 -19.37
N PHE P 88 20.70 23.95 -20.50
CA PHE P 88 20.02 25.24 -20.59
C PHE P 88 19.39 25.48 -21.95
N ASP P 89 18.18 26.03 -21.96
CA ASP P 89 17.48 26.34 -23.18
C ASP P 89 17.34 27.86 -23.33
N GLU P 90 18.08 28.43 -24.28
CA GLU P 90 18.09 29.87 -24.49
C GLU P 90 16.73 30.42 -24.92
N LEU P 91 16.06 29.70 -25.83
CA LEU P 91 14.79 30.16 -26.38
C LEU P 91 13.69 30.30 -25.33
N THR P 92 13.83 29.60 -24.22
CA THR P 92 12.83 29.64 -23.15
C THR P 92 13.40 30.21 -21.86
N GLY P 93 14.72 30.27 -21.76
CA GLY P 93 15.38 30.74 -20.56
C GLY P 93 15.14 29.78 -19.40
N LYS P 94 15.27 28.49 -19.68
CA LYS P 94 14.96 27.46 -18.71
C LYS P 94 16.15 26.54 -18.45
N VAL P 95 16.46 26.33 -17.17
CA VAL P 95 17.44 25.33 -16.78
C VAL P 95 16.78 23.97 -16.79
N GLN P 96 17.46 22.97 -17.34
CA GLN P 96 16.83 21.67 -17.54
C GLN P 96 17.68 20.49 -17.04
N LEU P 97 16.99 19.50 -16.50
CA LEU P 97 17.64 18.25 -16.10
C LEU P 97 17.39 17.19 -17.16
N TYR P 98 18.40 16.37 -17.44
CA TYR P 98 18.30 15.36 -18.49
C TYR P 98 18.49 13.94 -17.96
N ALA P 99 17.61 13.04 -18.40
CA ALA P 99 17.71 11.63 -18.07
C ALA P 99 17.50 10.80 -19.33
N GLN P 100 17.99 9.57 -19.32
CA GLN P 100 17.83 8.69 -20.48
C GLN P 100 17.61 7.23 -20.08
N ILE P 101 16.90 6.51 -20.93
CA ILE P 101 16.67 5.09 -20.73
C ILE P 101 16.96 4.34 -22.03
N LEU P 102 17.89 3.39 -21.96
CA LEU P 102 18.22 2.57 -23.12
C LEU P 102 17.10 1.58 -23.40
N ALA P 103 16.91 1.24 -24.66
CA ALA P 103 15.84 0.34 -25.08
C ALA P 103 15.82 -0.96 -24.28
N ALA P 104 17.01 -1.50 -24.01
CA ALA P 104 17.12 -2.76 -23.30
C ALA P 104 16.45 -2.72 -21.93
N GLN P 105 16.62 -1.63 -21.20
CA GLN P 105 16.09 -1.49 -19.85
C GLN P 105 14.75 -0.77 -19.83
N LEU P 106 14.22 -0.47 -21.00
CA LEU P 106 12.97 0.27 -21.09
C LEU P 106 11.76 -0.58 -20.71
N THR P 107 11.30 -0.41 -19.48
CA THR P 107 10.08 -1.08 -19.02
C THR P 107 9.20 -0.04 -18.36
N LEU P 108 7.91 -0.33 -18.23
CA LEU P 108 6.97 0.64 -17.69
C LEU P 108 7.38 1.14 -16.31
N GLU P 109 7.74 0.21 -15.42
CA GLU P 109 8.08 0.59 -14.06
C GLU P 109 9.42 1.33 -14.00
N CYS P 110 10.30 1.03 -14.94
CA CYS P 110 11.58 1.72 -15.03
C CYS P 110 11.38 3.13 -15.58
N PHE P 111 10.40 3.27 -16.46
CA PHE P 111 10.05 4.57 -17.00
C PHE P 111 9.45 5.45 -15.91
N GLU P 112 8.46 4.92 -15.21
CA GLU P 112 7.80 5.66 -14.13
C GLU P 112 8.80 6.03 -13.03
N ALA P 113 9.74 5.14 -12.75
CA ALA P 113 10.75 5.37 -11.72
C ALA P 113 11.69 6.49 -12.15
N THR P 114 12.12 6.44 -13.41
CA THR P 114 13.00 7.46 -13.95
C THR P 114 12.29 8.81 -13.99
N LEU P 115 11.02 8.80 -14.35
CA LEU P 115 10.23 10.03 -14.40
C LEU P 115 9.99 10.57 -12.99
N ALA P 116 9.72 9.68 -12.05
CA ALA P 116 9.49 10.08 -10.67
C ALA P 116 10.73 10.69 -10.07
N ASN P 117 11.87 10.04 -10.29
CA ASN P 117 13.14 10.55 -9.79
C ASN P 117 13.47 11.89 -10.41
N LEU P 118 13.31 11.98 -11.74
CA LEU P 118 13.57 13.21 -12.47
C LEU P 118 12.77 14.36 -11.87
N LEU P 119 11.47 14.14 -11.64
CA LEU P 119 10.60 15.14 -11.05
C LEU P 119 11.04 15.52 -9.63
N ASP P 120 11.45 14.52 -8.85
CA ASP P 120 11.93 14.75 -7.50
C ASP P 120 13.04 15.80 -7.47
N HIS P 121 14.09 15.56 -8.27
CA HIS P 121 15.22 16.47 -8.34
C HIS P 121 14.83 17.78 -9.00
N ALA P 122 14.04 17.71 -10.06
CA ALA P 122 13.60 18.91 -10.77
C ALA P 122 12.87 19.86 -9.83
N GLU P 123 12.07 19.30 -8.93
CA GLU P 123 11.30 20.10 -7.98
C GLU P 123 12.17 20.57 -6.82
N PHE P 124 13.21 19.80 -6.50
CA PHE P 124 14.14 20.17 -5.45
C PHE P 124 14.97 21.37 -5.86
N TRP P 125 15.54 21.32 -7.06
CA TRP P 125 16.36 22.41 -7.56
C TRP P 125 15.53 23.65 -7.86
N GLN P 126 14.30 23.45 -8.31
CA GLN P 126 13.39 24.55 -8.58
C GLN P 126 13.15 25.38 -7.33
N ARG P 127 13.24 24.73 -6.17
CA ARG P 127 12.95 25.37 -4.91
C ARG P 127 14.21 25.97 -4.28
N LEU P 128 15.36 25.48 -4.70
CA LEU P 128 16.64 25.89 -4.11
C LEU P 128 17.33 27.02 -4.85
N LEU P 129 17.46 26.88 -6.17
CA LEU P 129 18.25 27.81 -6.98
C LEU P 129 17.87 29.29 -6.86
N PRO P 130 16.56 29.61 -6.99
CA PRO P 130 16.14 31.02 -6.92
C PRO P 130 16.83 31.77 -5.77
N CYS P 131 17.24 33.00 -6.04
CA CYS P 131 18.02 33.77 -5.07
C CYS P 131 17.19 34.77 -4.27
N ALA P 132 15.99 35.07 -4.77
CA ALA P 132 15.11 36.02 -4.09
C ALA P 132 13.97 35.33 -3.37
N SER P 133 13.46 35.96 -2.32
CA SER P 133 12.36 35.42 -1.53
C SER P 133 12.59 33.96 -1.14
N ASP Q 2 35.06 -8.90 -10.20
CA ASP Q 2 35.06 -9.50 -11.52
C ASP Q 2 34.83 -8.44 -12.60
N LEU Q 3 34.32 -7.29 -12.20
CA LEU Q 3 34.06 -6.20 -13.14
C LEU Q 3 35.37 -5.50 -13.49
N THR Q 4 36.35 -5.60 -12.60
CA THR Q 4 37.68 -5.06 -12.85
C THR Q 4 38.45 -5.99 -13.78
N SER Q 5 38.33 -7.29 -13.54
CA SER Q 5 38.98 -8.28 -14.39
C SER Q 5 38.42 -8.26 -15.79
N LYS Q 6 37.14 -7.93 -15.90
CA LYS Q 6 36.46 -7.87 -17.19
C LYS Q 6 36.97 -6.71 -18.04
N VAL Q 7 36.97 -5.51 -17.45
CA VAL Q 7 37.46 -4.33 -18.14
C VAL Q 7 38.91 -4.49 -18.55
N ASN Q 8 39.71 -5.08 -17.67
CA ASN Q 8 41.11 -5.35 -17.97
C ASN Q 8 41.27 -6.30 -19.15
N ARG Q 9 40.28 -7.16 -19.33
CA ARG Q 9 40.28 -8.12 -20.42
C ARG Q 9 39.92 -7.43 -21.75
N LEU Q 10 39.07 -6.42 -21.67
CA LEU Q 10 38.70 -5.64 -22.84
C LEU Q 10 39.84 -4.69 -23.22
N LEU Q 11 40.39 -4.01 -22.20
CA LEU Q 11 41.51 -3.11 -22.42
C LEU Q 11 42.71 -3.87 -22.97
N ALA Q 12 42.83 -5.14 -22.58
CA ALA Q 12 43.91 -5.99 -23.06
C ALA Q 12 43.83 -6.17 -24.57
N GLU Q 13 42.65 -6.56 -25.05
CA GLU Q 13 42.42 -6.74 -26.48
C GLU Q 13 42.47 -5.40 -27.21
N PHE Q 14 41.81 -4.40 -26.66
CA PHE Q 14 41.82 -3.06 -27.24
C PHE Q 14 43.24 -2.56 -27.43
N ALA Q 15 44.06 -2.72 -26.40
CA ALA Q 15 45.47 -2.35 -26.48
C ALA Q 15 46.13 -3.07 -27.64
N GLY Q 16 45.86 -4.37 -27.77
CA GLY Q 16 46.41 -5.17 -28.84
C GLY Q 16 45.98 -4.68 -30.21
N ARG Q 17 44.70 -4.34 -30.35
CA ARG Q 17 44.15 -3.91 -31.63
C ARG Q 17 44.72 -2.56 -32.07
N ILE Q 18 45.05 -1.71 -31.09
CA ILE Q 18 45.63 -0.41 -31.39
C ILE Q 18 47.16 -0.44 -31.41
N GLY Q 19 47.73 -1.47 -30.77
CA GLY Q 19 49.17 -1.68 -30.82
C GLY Q 19 49.88 -1.48 -29.50
N LEU Q 20 49.14 -1.10 -28.47
CA LEU Q 20 49.69 -0.92 -27.14
C LEU Q 20 50.24 -2.23 -26.58
N PRO Q 21 51.40 -2.15 -25.90
CA PRO Q 21 52.05 -3.34 -25.34
C PRO Q 21 51.17 -4.01 -24.28
N SER Q 22 50.61 -3.19 -23.40
CA SER Q 22 49.73 -3.67 -22.34
C SER Q 22 48.81 -2.55 -21.89
N LEU Q 23 47.70 -2.91 -21.27
CA LEU Q 23 46.76 -1.91 -20.75
C LEU Q 23 45.88 -2.51 -19.66
N SER Q 24 45.79 -1.81 -18.53
CA SER Q 24 45.02 -2.28 -17.38
C SER Q 24 44.74 -1.13 -16.41
N LEU Q 25 43.79 -1.37 -15.50
CA LEU Q 25 43.42 -0.36 -14.52
C LEU Q 25 44.37 -0.37 -13.33
N ASP Q 26 44.71 0.81 -12.84
CA ASP Q 26 45.59 0.92 -11.67
C ASP Q 26 44.82 0.68 -10.38
N GLU Q 27 45.45 0.99 -9.25
CA GLU Q 27 44.82 0.81 -7.95
C GLU Q 27 43.55 1.63 -7.82
N GLU Q 28 43.50 2.77 -8.50
CA GLU Q 28 42.36 3.68 -8.43
C GLU Q 28 41.22 3.23 -9.34
N GLY Q 29 41.50 2.22 -10.17
CA GLY Q 29 40.53 1.78 -11.16
C GLY Q 29 40.46 2.78 -12.29
N MET Q 30 41.55 3.50 -12.52
CA MET Q 30 41.61 4.53 -13.53
C MET Q 30 42.72 4.25 -14.54
N ALA Q 31 42.74 5.02 -15.62
CA ALA Q 31 43.76 4.89 -16.65
C ALA Q 31 43.70 6.07 -17.62
N SER Q 32 44.79 6.81 -17.72
CA SER Q 32 44.83 7.98 -18.59
C SER Q 32 45.57 7.68 -19.89
N LEU Q 33 45.12 8.32 -20.97
CA LEU Q 33 45.73 8.13 -22.29
C LEU Q 33 45.85 9.48 -23.00
N LEU Q 34 46.76 9.54 -23.97
CA LEU Q 34 46.94 10.76 -24.77
C LEU Q 34 46.78 10.45 -26.25
N PHE Q 35 45.85 11.13 -26.91
CA PHE Q 35 45.59 10.93 -28.32
C PHE Q 35 45.91 12.17 -29.14
N ASP Q 36 46.76 12.02 -30.14
CA ASP Q 36 47.14 13.12 -31.02
C ASP Q 36 47.93 14.19 -30.27
N GLU Q 37 48.39 13.87 -29.08
CA GLU Q 37 49.19 14.78 -28.27
C GLU Q 37 48.46 16.10 -28.01
N GLN Q 38 47.15 16.11 -28.21
CA GLN Q 38 46.35 17.31 -28.03
C GLN Q 38 45.06 17.05 -27.26
N VAL Q 39 44.69 15.77 -27.15
CA VAL Q 39 43.47 15.38 -26.45
C VAL Q 39 43.75 14.30 -25.41
N GLY Q 40 43.52 14.63 -24.14
CA GLY Q 40 43.75 13.70 -23.05
C GLY Q 40 42.47 13.18 -22.43
N VAL Q 41 42.34 11.86 -22.34
CA VAL Q 41 41.17 11.24 -21.76
C VAL Q 41 41.55 10.25 -20.66
N THR Q 42 40.82 10.30 -19.55
CA THR Q 42 41.08 9.40 -18.43
C THR Q 42 39.88 8.51 -18.12
N LEU Q 43 40.11 7.21 -18.07
CA LEU Q 43 39.07 6.25 -17.76
C LEU Q 43 38.85 6.19 -16.25
N LEU Q 44 37.76 5.55 -15.84
CA LEU Q 44 37.43 5.43 -14.43
C LEU Q 44 36.36 4.38 -14.19
N LEU Q 45 36.77 3.20 -13.70
CA LEU Q 45 35.84 2.13 -13.39
C LEU Q 45 35.26 2.28 -12.00
N LEU Q 46 33.94 2.45 -11.92
CA LEU Q 46 33.25 2.49 -10.64
C LEU Q 46 32.60 1.13 -10.40
N ALA Q 47 33.34 0.24 -9.74
CA ALA Q 47 32.89 -1.13 -9.51
C ALA Q 47 31.53 -1.19 -8.82
N GLU Q 48 31.39 -0.42 -7.74
CA GLU Q 48 30.16 -0.39 -6.96
C GLU Q 48 28.99 0.09 -7.81
N ARG Q 49 29.25 1.05 -8.69
CA ARG Q 49 28.21 1.61 -9.53
C ARG Q 49 28.06 0.81 -10.83
N GLU Q 50 28.99 -0.12 -11.04
CA GLU Q 50 28.99 -0.96 -12.24
C GLU Q 50 29.04 -0.11 -13.51
N ARG Q 51 29.99 0.82 -13.55
CA ARG Q 51 30.11 1.74 -14.68
C ARG Q 51 31.56 1.98 -15.08
N LEU Q 52 31.75 2.39 -16.33
CA LEU Q 52 33.04 2.86 -16.80
C LEU Q 52 32.88 4.29 -17.30
N LEU Q 53 33.52 5.23 -16.60
CA LEU Q 53 33.38 6.64 -16.94
C LEU Q 53 34.48 7.11 -17.89
N LEU Q 54 34.14 8.09 -18.72
CA LEU Q 54 35.09 8.67 -19.65
C LEU Q 54 35.20 10.17 -19.42
N GLU Q 55 36.43 10.63 -19.15
CA GLU Q 55 36.68 12.03 -18.83
C GLU Q 55 37.68 12.63 -19.81
N ALA Q 56 37.17 13.35 -20.81
CA ALA Q 56 38.03 13.96 -21.82
C ALA Q 56 38.27 15.45 -21.53
N ASP Q 57 39.54 15.84 -21.49
CA ASP Q 57 39.91 17.23 -21.21
C ASP Q 57 39.98 18.03 -22.51
N VAL Q 58 39.26 19.15 -22.54
CA VAL Q 58 39.20 19.97 -23.74
C VAL Q 58 40.08 21.23 -23.66
N VAL Q 59 39.64 22.20 -22.86
CA VAL Q 59 40.34 23.48 -22.75
C VAL Q 59 40.35 23.99 -21.31
N GLY Q 60 41.41 24.71 -20.94
CA GLY Q 60 41.52 25.29 -19.62
C GLY Q 60 40.55 26.44 -19.40
N ILE Q 61 40.17 26.66 -18.15
CA ILE Q 61 39.23 27.71 -17.80
C ILE Q 61 39.78 29.11 -18.12
N ASP Q 62 41.09 29.26 -17.97
CA ASP Q 62 41.74 30.56 -18.13
C ASP Q 62 41.61 31.13 -19.54
N VAL Q 63 41.19 30.29 -20.49
CA VAL Q 63 41.16 30.68 -21.89
C VAL Q 63 39.99 31.60 -22.25
N LEU Q 64 38.83 31.36 -21.66
CA LEU Q 64 37.63 32.12 -22.04
C LEU Q 64 36.78 32.57 -20.85
N GLY Q 65 36.00 33.63 -21.07
CA GLY Q 65 35.08 34.17 -20.09
C GLY Q 65 34.27 35.28 -20.73
N GLU Q 66 33.23 35.75 -20.04
CA GLU Q 66 32.85 35.24 -18.73
C GLU Q 66 31.50 34.54 -18.82
N GLY Q 67 31.20 33.70 -17.84
CA GLY Q 67 29.95 32.97 -17.83
C GLY Q 67 29.90 31.94 -18.95
N ILE Q 68 31.07 31.48 -19.37
CA ILE Q 68 31.18 30.47 -20.40
C ILE Q 68 30.33 29.25 -20.05
N PHE Q 69 30.10 29.05 -18.75
CA PHE Q 69 29.30 27.94 -18.28
C PHE Q 69 27.86 28.00 -18.77
N ARG Q 70 27.36 29.22 -19.00
CA ARG Q 70 26.02 29.40 -19.56
C ARG Q 70 25.97 28.86 -20.98
N GLN Q 71 27.03 29.06 -21.73
CA GLN Q 71 27.12 28.54 -23.08
C GLN Q 71 27.25 27.02 -23.08
N LEU Q 72 28.05 26.50 -22.15
CA LEU Q 72 28.24 25.06 -22.04
C LEU Q 72 26.94 24.35 -21.71
N ALA Q 73 26.16 24.93 -20.80
CA ALA Q 73 24.88 24.36 -20.42
C ALA Q 73 23.93 24.36 -21.62
N SER Q 74 24.04 25.40 -22.44
CA SER Q 74 23.21 25.51 -23.63
C SER Q 74 23.65 24.52 -24.71
N PHE Q 75 24.89 24.02 -24.58
CA PHE Q 75 25.39 23.01 -25.51
C PHE Q 75 24.92 21.63 -25.09
N ASN Q 76 24.83 21.40 -23.79
CA ASN Q 76 24.37 20.11 -23.26
C ASN Q 76 22.96 19.76 -23.71
N ARG Q 77 22.20 20.77 -24.09
CA ARG Q 77 20.83 20.57 -24.55
C ARG Q 77 20.79 19.99 -25.96
N HIS Q 78 21.69 20.48 -26.82
CA HIS Q 78 21.74 20.02 -28.20
C HIS Q 78 22.82 18.97 -28.42
N TRP Q 79 23.52 18.61 -27.35
CA TRP Q 79 24.53 17.56 -27.40
C TRP Q 79 24.06 16.33 -26.63
N HIS Q 80 22.84 16.41 -26.11
CA HIS Q 80 22.24 15.32 -25.37
C HIS Q 80 21.83 14.20 -26.34
N ARG Q 81 21.81 14.53 -27.63
CA ARG Q 81 21.46 13.56 -28.66
C ARG Q 81 22.64 12.67 -29.00
N PHE Q 82 23.85 13.13 -28.68
CA PHE Q 82 25.07 12.39 -28.98
C PHE Q 82 25.59 11.66 -27.74
N ASP Q 83 24.82 11.73 -26.66
CA ASP Q 83 25.19 11.07 -25.41
C ASP Q 83 26.48 11.63 -24.84
N LEU Q 84 26.56 12.97 -24.77
CA LEU Q 84 27.71 13.65 -24.20
C LEU Q 84 27.29 14.91 -23.46
N HIS Q 85 28.13 15.38 -22.54
CA HIS Q 85 27.80 16.57 -21.76
C HIS Q 85 29.06 17.25 -21.20
N PHE Q 86 28.97 18.56 -20.99
CA PHE Q 86 30.08 19.34 -20.46
C PHE Q 86 30.05 19.40 -18.93
N GLY Q 87 31.23 19.49 -18.33
CA GLY Q 87 31.36 19.63 -16.89
C GLY Q 87 32.60 20.43 -16.54
N PHE Q 88 32.76 20.75 -15.27
CA PHE Q 88 33.90 21.54 -14.82
C PHE Q 88 34.54 20.99 -13.55
N ASP Q 89 35.86 20.84 -13.58
CA ASP Q 89 36.60 20.38 -12.42
C ASP Q 89 37.33 21.58 -11.78
N GLU Q 90 36.92 21.90 -10.56
CA GLU Q 90 37.48 23.05 -9.85
C GLU Q 90 39.00 22.96 -9.68
N LEU Q 91 39.47 21.80 -9.24
CA LEU Q 91 40.89 21.61 -8.94
C LEU Q 91 41.77 21.76 -10.17
N THR Q 92 41.58 20.88 -11.15
CA THR Q 92 42.40 20.88 -12.37
C THR Q 92 42.21 22.17 -13.16
N GLY Q 93 41.10 22.85 -12.93
CA GLY Q 93 40.82 24.11 -13.57
C GLY Q 93 40.71 24.04 -15.08
N LYS Q 94 39.80 23.19 -15.56
CA LYS Q 94 39.55 23.07 -17.00
C LYS Q 94 38.28 22.27 -17.29
N VAL Q 95 37.41 22.84 -18.11
CA VAL Q 95 36.17 22.18 -18.48
C VAL Q 95 36.45 20.85 -19.19
N GLN Q 96 35.49 19.94 -19.15
CA GLN Q 96 35.69 18.61 -19.70
C GLN Q 96 34.42 18.06 -20.35
N LEU Q 97 34.60 17.02 -21.16
CA LEU Q 97 33.48 16.35 -21.83
C LEU Q 97 33.37 14.94 -21.29
N TYR Q 98 32.15 14.51 -20.95
CA TYR Q 98 31.96 13.23 -20.28
C TYR Q 98 31.11 12.22 -21.05
N ALA Q 99 31.31 10.95 -20.73
CA ALA Q 99 30.53 9.85 -21.30
C ALA Q 99 30.64 8.65 -20.36
N GLN Q 100 29.73 7.69 -20.51
CA GLN Q 100 29.76 6.50 -19.66
C GLN Q 100 29.29 5.24 -20.37
N ILE Q 101 29.70 4.09 -19.85
CA ILE Q 101 29.31 2.81 -20.40
C ILE Q 101 28.87 1.88 -19.27
N LEU Q 102 27.56 1.72 -19.10
CA LEU Q 102 27.02 0.86 -18.07
C LEU Q 102 27.45 -0.59 -18.31
N ALA Q 103 27.51 -1.37 -17.24
CA ALA Q 103 27.96 -2.76 -17.33
C ALA Q 103 27.11 -3.59 -18.28
N ALA Q 104 25.88 -3.12 -18.54
CA ALA Q 104 24.95 -3.83 -19.41
C ALA Q 104 25.36 -3.70 -20.88
N GLN Q 105 25.93 -2.56 -21.24
CA GLN Q 105 26.37 -2.32 -22.61
C GLN Q 105 27.88 -2.40 -22.73
N LEU Q 106 28.53 -2.84 -21.66
CA LEU Q 106 29.99 -2.91 -21.63
C LEU Q 106 30.53 -4.02 -22.53
N THR Q 107 30.97 -3.64 -23.73
CA THR Q 107 31.57 -4.57 -24.67
C THR Q 107 32.76 -3.91 -25.36
N LEU Q 108 33.62 -4.70 -25.97
CA LEU Q 108 34.75 -4.17 -26.73
C LEU Q 108 34.27 -3.32 -27.89
N GLU Q 109 33.14 -3.73 -28.49
CA GLU Q 109 32.56 -3.00 -29.61
C GLU Q 109 32.07 -1.63 -29.16
N CYS Q 110 31.26 -1.62 -28.11
CA CYS Q 110 30.69 -0.38 -27.58
C CYS Q 110 31.77 0.54 -27.03
N PHE Q 111 32.74 -0.04 -26.32
CA PHE Q 111 33.83 0.75 -25.74
C PHE Q 111 34.52 1.60 -26.80
N GLU Q 112 34.96 0.97 -27.88
CA GLU Q 112 35.67 1.68 -28.94
C GLU Q 112 34.77 2.72 -29.60
N ALA Q 113 33.50 2.37 -29.81
CA ALA Q 113 32.55 3.30 -30.42
C ALA Q 113 32.33 4.52 -29.54
N THR Q 114 32.30 4.31 -28.22
CA THR Q 114 32.10 5.40 -27.28
C THR Q 114 33.33 6.29 -27.23
N LEU Q 115 34.50 5.67 -27.16
CA LEU Q 115 35.77 6.38 -27.10
C LEU Q 115 36.01 7.18 -28.38
N ALA Q 116 35.75 6.55 -29.52
CA ALA Q 116 35.93 7.20 -30.81
C ALA Q 116 35.06 8.46 -30.91
N ASN Q 117 33.78 8.28 -30.62
CA ASN Q 117 32.83 9.39 -30.63
C ASN Q 117 33.30 10.53 -29.72
N LEU Q 118 33.80 10.18 -28.54
CA LEU Q 118 34.27 11.16 -27.58
C LEU Q 118 35.45 11.96 -28.13
N LEU Q 119 36.35 11.27 -28.83
CA LEU Q 119 37.53 11.90 -29.39
C LEU Q 119 37.16 12.88 -30.50
N ASP Q 120 36.10 12.56 -31.24
CA ASP Q 120 35.65 13.40 -32.35
C ASP Q 120 35.08 14.73 -31.83
N HIS Q 121 34.24 14.66 -30.81
CA HIS Q 121 33.64 15.85 -30.23
C HIS Q 121 34.63 16.63 -29.37
N ALA Q 122 35.68 15.95 -28.91
CA ALA Q 122 36.72 16.59 -28.13
C ALA Q 122 37.50 17.57 -28.98
N GLU Q 123 37.97 17.10 -30.14
CA GLU Q 123 38.69 17.93 -31.08
C GLU Q 123 37.81 19.08 -31.56
N PHE Q 124 36.60 18.75 -31.99
CA PHE Q 124 35.64 19.72 -32.48
C PHE Q 124 35.51 20.93 -31.55
N TRP Q 125 35.39 20.66 -30.25
CA TRP Q 125 35.17 21.73 -29.28
C TRP Q 125 36.44 22.49 -28.90
N GLN Q 126 37.59 21.88 -29.11
CA GLN Q 126 38.86 22.56 -28.85
C GLN Q 126 39.14 23.62 -29.91
N ARG Q 127 38.74 23.34 -31.14
CA ARG Q 127 38.97 24.24 -32.27
C ARG Q 127 38.15 25.53 -32.14
N LEU Q 128 36.88 25.38 -31.78
CA LEU Q 128 35.97 26.53 -31.68
C LEU Q 128 36.38 27.49 -30.58
N LEU Q 129 36.33 27.04 -29.33
CA LEU Q 129 36.66 27.88 -28.19
C LEU Q 129 38.06 28.47 -28.33
N PRO Q 130 38.24 29.74 -27.92
CA PRO Q 130 37.18 30.60 -27.35
C PRO Q 130 36.19 31.10 -28.40
N CYS Q 131 36.70 31.37 -29.61
CA CYS Q 131 35.87 31.89 -30.70
C CYS Q 131 35.34 33.28 -30.36
N GLY R 1 -16.26 19.46 -18.70
CA GLY R 1 -15.65 19.00 -19.94
C GLY R 1 -14.15 19.17 -19.94
N THR R 2 -13.63 19.72 -21.03
CA THR R 2 -12.19 19.95 -21.18
C THR R 2 -11.65 20.75 -19.99
N GLU R 3 -10.43 20.43 -19.55
CA GLU R 3 -9.62 19.38 -20.18
C GLU R 3 -9.40 18.21 -19.24
N ALA R 4 -8.59 17.26 -19.69
CA ALA R 4 -8.27 16.08 -18.89
C ALA R 4 -6.97 16.30 -18.12
N VAL R 5 -7.02 16.04 -16.82
CA VAL R 5 -5.82 16.13 -15.98
C VAL R 5 -5.62 14.87 -15.16
N GLY R 6 -4.46 14.24 -15.34
CA GLY R 6 -4.15 13.01 -14.64
C GLY R 6 -3.41 13.25 -13.34
N HIS R 7 -2.80 12.19 -12.82
CA HIS R 7 -2.11 12.26 -11.55
C HIS R 7 -0.98 11.24 -11.50
N PHE R 8 0.21 11.68 -11.12
CA PHE R 8 1.36 10.79 -11.03
C PHE R 8 2.23 11.12 -9.82
N GLU R 9 2.34 10.16 -8.91
CA GLU R 9 3.18 10.31 -7.72
C GLU R 9 2.93 11.63 -7.01
N GLY R 10 1.66 11.91 -6.72
CA GLY R 10 1.30 13.08 -5.95
C GLY R 10 1.23 14.36 -6.75
N ARG R 11 1.56 14.27 -8.03
CA ARG R 11 1.56 15.44 -8.91
C ARG R 11 0.48 15.34 -9.97
N SER R 12 -0.13 16.47 -10.30
CA SER R 12 -1.11 16.52 -11.38
C SER R 12 -0.41 16.51 -12.73
N VAL R 13 -1.06 15.96 -13.74
CA VAL R 13 -0.47 15.86 -15.08
C VAL R 13 -1.44 16.29 -16.16
N THR R 14 -0.96 17.04 -17.14
CA THR R 14 -1.78 17.45 -18.27
C THR R 14 -1.01 17.36 -19.59
N ARG R 15 -1.74 17.14 -20.67
CA ARG R 15 -1.14 17.14 -22.01
C ARG R 15 -0.62 18.53 -22.35
N ALA R 16 0.60 18.58 -22.87
CA ALA R 16 1.21 19.84 -23.28
C ALA R 16 1.64 19.79 -24.75
N ALA R 17 1.73 20.95 -25.38
CA ALA R 17 2.19 21.03 -26.75
C ALA R 17 3.71 20.99 -26.81
N VAL R 18 4.25 20.28 -27.79
CA VAL R 18 5.70 20.18 -27.96
C VAL R 18 6.27 21.53 -28.40
N ARG R 19 7.22 22.04 -27.62
CA ARG R 19 7.85 23.32 -27.89
C ARG R 19 8.27 23.46 -29.36
N SER R 43 39.90 24.85 -38.63
CA SER R 43 38.74 24.62 -37.78
C SER R 43 37.44 24.69 -38.57
N GLU R 44 37.44 25.50 -39.63
CA GLU R 44 36.27 25.65 -40.48
C GLU R 44 35.95 24.34 -41.20
N GLN R 45 36.99 23.71 -41.75
CA GLN R 45 36.84 22.42 -42.41
C GLN R 45 36.40 21.36 -41.40
N ALA R 46 36.81 21.56 -40.14
CA ALA R 46 36.51 20.60 -39.08
C ALA R 46 35.03 20.56 -38.74
N LEU R 47 34.36 21.69 -38.90
CA LEU R 47 32.93 21.78 -38.62
C LEU R 47 32.14 20.86 -39.53
N GLN R 48 32.37 20.98 -40.83
CA GLN R 48 31.65 20.18 -41.83
C GLN R 48 32.12 18.73 -41.83
N ARG R 49 33.21 18.46 -41.14
CA ARG R 49 33.75 17.10 -41.05
C ARG R 49 32.84 16.20 -40.23
N LEU R 50 32.47 16.66 -39.04
CA LEU R 50 31.63 15.88 -38.14
C LEU R 50 30.16 16.18 -38.34
N ALA R 51 29.85 17.37 -38.86
CA ALA R 51 28.48 17.78 -39.10
C ALA R 51 27.78 16.81 -40.05
N ASP R 52 28.44 16.50 -41.16
CA ASP R 52 27.88 15.60 -42.16
C ASP R 52 27.72 14.18 -41.59
N GLY R 53 28.61 13.82 -40.68
CA GLY R 53 28.56 12.51 -40.05
C GLY R 53 29.84 11.71 -40.25
N ASP R 54 30.82 12.32 -40.91
CA ASP R 54 32.09 11.67 -41.17
C ASP R 54 32.94 11.58 -39.90
N GLY R 55 33.11 10.37 -39.39
CA GLY R 55 33.88 10.15 -38.18
C GLY R 55 35.31 9.75 -38.44
N THR R 56 36.20 10.10 -37.51
CA THR R 56 37.61 9.77 -37.64
C THR R 56 37.93 8.44 -36.94
N PRO R 57 38.51 7.50 -37.69
CA PRO R 57 38.89 6.18 -37.15
C PRO R 57 39.85 6.32 -35.98
N LEU R 58 39.52 5.69 -34.84
CA LEU R 58 40.37 5.77 -33.66
C LEU R 58 41.65 4.97 -33.84
N GLU R 59 41.64 4.04 -34.78
CA GLU R 59 42.81 3.21 -35.06
C GLU R 59 43.76 3.91 -36.02
N ALA R 60 43.37 5.10 -36.47
CA ALA R 60 44.17 5.85 -37.43
C ALA R 60 45.08 6.86 -36.74
N ARG R 61 44.54 7.58 -35.77
CA ARG R 61 45.31 8.61 -35.07
C ARG R 61 46.30 8.00 -34.08
N THR R 62 47.36 8.74 -33.79
CA THR R 62 48.41 8.28 -32.88
C THR R 62 47.89 8.11 -31.46
N VAL R 63 48.54 7.24 -30.70
CA VAL R 63 48.13 6.95 -29.33
C VAL R 63 49.35 6.75 -28.42
N ARG R 64 49.28 7.31 -27.22
CA ARG R 64 50.35 7.18 -26.25
C ARG R 64 49.78 6.87 -24.88
N ARG R 65 50.43 5.95 -24.17
CA ARG R 65 50.01 5.61 -22.81
C ARG R 65 50.56 6.63 -21.82
N ARG R 66 49.69 7.49 -21.33
CA ARG R 66 50.09 8.59 -20.46
C ARG R 66 49.78 8.30 -19.00
#